data_4FFC
#
_entry.id   4FFC
#
_cell.length_a   67.400
_cell.length_b   67.530
_cell.length_c   102.460
_cell.angle_alpha   78.060
_cell.angle_beta   81.260
_cell.angle_gamma   77.440
#
_symmetry.space_group_name_H-M   'P 1'
#
loop_
_entity.id
_entity.type
_entity.pdbx_description
1 polymer '4-aminobutyrate aminotransferase (GabT)'
2 non-polymer 1,2-ETHANEDIOL
3 water water
#
_entity_poly.entity_id   1
_entity_poly.type   'polypeptide(L)'
_entity_poly.pdbx_seq_one_letter_code
;GPGSMTDITYRLAQKRTIVTPLPGPRSGALAERRRAAVSAGVGSTAPVYAVDADGGVIVDADGNSFIDLGAGIAVTTVGA
SHPAVAAAIADQATHFTHTCFMVTPYEQYVQVAELLNALTPGDHDKRTALFNSGAEAVENAIKVARLATGRPAVVAFDNA
YHGRTNLTMALTAKSMPYKSQFGPFAPEVYRMPASYPLRDEPGLTGEEAARRAISRIETQIGAQSLAAIIIEPIQGEGGF
IVPAPGFLATLTAWASENGVVFIADEVQTGFARTGAWFASEHEGIVPDIVTMA(LLP)GIAGGMPLSAVTGRAELMDAVY
AGGLGGTYGGNPVTCAAAVAALGVMRELDLPARARAIEASVTSRLSALAEEVDIIGEVRGRGAMLAIEIVKPGTLEPDAA
LTKSIAAEALSQGVLILTCGTFGNVIRLLPPLVIGDDLLDEGITALSDIIRAKASHQ
;
_entity_poly.pdbx_strand_id   A,B,C,D
#
# COMPACT_ATOMS: atom_id res chain seq x y z
N ASP A 7 32.76 -43.66 -0.65
CA ASP A 7 31.96 -44.89 -0.87
C ASP A 7 30.54 -44.69 -0.31
N ILE A 8 29.59 -44.45 -1.21
CA ILE A 8 28.16 -44.32 -0.87
C ILE A 8 27.46 -45.61 -1.27
N THR A 9 26.57 -46.09 -0.42
CA THR A 9 25.72 -47.25 -0.78
C THR A 9 24.37 -46.74 -1.21
N TYR A 10 23.88 -47.17 -2.37
CA TYR A 10 22.59 -46.69 -2.85
C TYR A 10 21.52 -47.72 -2.66
N ARG A 11 20.29 -47.27 -2.45
CA ARG A 11 19.13 -48.15 -2.33
C ARG A 11 18.61 -48.59 -3.70
N LEU A 12 18.54 -47.64 -4.64
CA LEU A 12 18.04 -47.93 -5.98
C LEU A 12 19.21 -47.99 -6.96
N ALA A 13 19.05 -48.80 -8.02
CA ALA A 13 20.05 -48.87 -9.09
C ALA A 13 20.28 -47.48 -9.68
N GLN A 14 21.54 -47.06 -9.76
CA GLN A 14 21.85 -45.73 -10.23
C GLN A 14 22.06 -45.80 -11.75
N LYS A 15 20.93 -45.89 -12.44
CA LYS A 15 20.88 -46.10 -13.89
C LYS A 15 19.78 -45.27 -14.48
N ARG A 16 19.95 -44.90 -15.74
CA ARG A 16 18.90 -44.25 -16.51
C ARG A 16 18.23 -45.37 -17.28
N THR A 17 16.91 -45.49 -17.14
CA THR A 17 16.13 -46.58 -17.73
C THR A 17 14.82 -46.04 -18.26
N ILE A 18 14.71 -45.88 -19.57
CA ILE A 18 13.46 -45.39 -20.15
C ILE A 18 12.94 -46.48 -21.10
N VAL A 19 11.85 -47.13 -20.70
CA VAL A 19 11.37 -48.34 -21.35
C VAL A 19 9.85 -48.37 -21.56
N THR A 20 9.21 -47.20 -21.49
CA THR A 20 7.79 -47.07 -21.82
C THR A 20 7.63 -45.75 -22.55
N PRO A 21 6.46 -45.51 -23.17
CA PRO A 21 6.14 -44.14 -23.53
C PRO A 21 6.17 -43.21 -22.31
N LEU A 22 6.45 -41.92 -22.52
CA LEU A 22 6.45 -40.92 -21.43
C LEU A 22 5.32 -39.92 -21.70
N PRO A 23 4.33 -39.86 -20.81
CA PRO A 23 4.14 -40.68 -19.60
C PRO A 23 3.71 -42.09 -19.95
N GLY A 24 4.03 -43.04 -19.07
CA GLY A 24 3.57 -44.42 -19.19
C GLY A 24 2.15 -44.61 -18.71
N PRO A 25 1.65 -45.86 -18.73
CA PRO A 25 0.24 -46.10 -18.43
C PRO A 25 -0.16 -45.71 -17.01
N ARG A 26 0.65 -46.07 -16.03
CA ARG A 26 0.32 -45.76 -14.64
C ARG A 26 0.44 -44.26 -14.36
N SER A 27 1.45 -43.62 -14.93
CA SER A 27 1.54 -42.15 -14.83
C SER A 27 0.35 -41.50 -15.50
N GLY A 28 -0.06 -42.04 -16.65
CA GLY A 28 -1.24 -41.49 -17.35
C GLY A 28 -2.52 -41.56 -16.52
N ALA A 29 -2.73 -42.67 -15.82
CA ALA A 29 -3.93 -42.84 -14.99
C ALA A 29 -3.87 -41.84 -13.80
N LEU A 30 -2.68 -41.68 -13.24
CA LEU A 30 -2.48 -40.69 -12.19
C LEU A 30 -2.72 -39.26 -12.70
N ALA A 31 -2.26 -38.95 -13.92
CA ALA A 31 -2.45 -37.61 -14.50
C ALA A 31 -3.94 -37.30 -14.69
N GLU A 32 -4.73 -38.29 -15.08
CA GLU A 32 -6.16 -38.09 -15.20
CA GLU A 32 -6.18 -38.11 -15.19
C GLU A 32 -6.80 -37.72 -13.83
N ARG A 33 -6.40 -38.43 -12.79
CA ARG A 33 -6.89 -38.11 -11.42
C ARG A 33 -6.45 -36.73 -10.97
N ARG A 34 -5.19 -36.41 -11.26
CA ARG A 34 -4.60 -35.12 -10.93
C ARG A 34 -5.37 -33.97 -11.59
N ARG A 35 -5.67 -34.09 -12.87
CA ARG A 35 -6.39 -33.03 -13.60
C ARG A 35 -7.83 -32.88 -13.08
N ALA A 36 -8.39 -33.95 -12.53
CA ALA A 36 -9.77 -33.91 -12.01
C ALA A 36 -9.83 -33.35 -10.57
N ALA A 37 -8.70 -33.34 -9.88
CA ALA A 37 -8.70 -32.98 -8.44
C ALA A 37 -7.83 -31.77 -8.08
N VAL A 38 -6.77 -31.51 -8.84
CA VAL A 38 -5.78 -30.47 -8.46
C VAL A 38 -5.95 -29.22 -9.34
N SER A 39 -5.92 -28.04 -8.70
CA SER A 39 -5.95 -26.75 -9.40
C SER A 39 -5.00 -26.68 -10.61
N ALA A 40 -5.52 -26.19 -11.73
CA ALA A 40 -4.72 -25.93 -12.95
C ALA A 40 -3.66 -24.85 -12.71
N GLY A 41 -3.81 -24.11 -11.62
CA GLY A 41 -2.84 -23.07 -11.28
C GLY A 41 -1.52 -23.62 -10.77
N VAL A 42 -1.51 -24.89 -10.36
CA VAL A 42 -0.28 -25.53 -9.90
C VAL A 42 0.71 -25.87 -11.05
N GLY A 43 0.38 -26.84 -11.86
CA GLY A 43 1.29 -27.26 -12.97
C GLY A 43 2.51 -28.05 -12.54
N SER A 44 3.05 -28.87 -13.43
CA SER A 44 4.25 -29.65 -13.14
C SER A 44 5.15 -29.70 -14.38
N THR A 45 6.47 -29.67 -14.17
CA THR A 45 7.43 -29.81 -15.27
C THR A 45 7.32 -31.18 -15.99
N ALA A 46 7.38 -32.26 -15.21
CA ALA A 46 7.40 -33.62 -15.73
C ALA A 46 5.98 -34.22 -15.77
N PRO A 47 5.69 -35.03 -16.78
CA PRO A 47 4.40 -35.69 -16.87
C PRO A 47 4.36 -37.07 -16.22
N VAL A 48 5.45 -37.50 -15.60
CA VAL A 48 5.51 -38.80 -14.94
C VAL A 48 5.37 -38.60 -13.43
N TYR A 49 4.89 -39.62 -12.74
CA TYR A 49 4.58 -39.58 -11.29
C TYR A 49 5.60 -40.41 -10.52
N ALA A 50 6.20 -39.81 -9.50
CA ALA A 50 7.30 -40.43 -8.75
C ALA A 50 6.80 -41.46 -7.75
N VAL A 51 7.53 -42.57 -7.66
CA VAL A 51 7.31 -43.56 -6.59
C VAL A 51 8.53 -43.73 -5.67
N ASP A 52 9.72 -43.33 -6.14
CA ASP A 52 10.97 -43.43 -5.39
C ASP A 52 11.93 -42.40 -5.96
N ALA A 53 12.80 -41.89 -5.09
CA ALA A 53 13.87 -40.99 -5.50
C ALA A 53 15.00 -41.23 -4.52
N ASP A 54 16.16 -41.59 -5.07
CA ASP A 54 17.31 -42.00 -4.29
C ASP A 54 18.60 -41.71 -5.05
N GLY A 55 19.59 -41.19 -4.34
CA GLY A 55 20.89 -40.90 -4.95
C GLY A 55 20.73 -39.90 -6.05
N GLY A 56 21.02 -40.31 -7.29
CA GLY A 56 20.81 -39.45 -8.44
C GLY A 56 19.66 -39.83 -9.36
N VAL A 57 18.73 -40.67 -8.89
CA VAL A 57 17.61 -41.11 -9.74
C VAL A 57 16.21 -40.87 -9.15
N ILE A 58 15.25 -40.73 -10.07
CA ILE A 58 13.82 -40.71 -9.74
C ILE A 58 13.23 -41.86 -10.53
N VAL A 59 12.46 -42.70 -9.85
CA VAL A 59 11.77 -43.82 -10.50
C VAL A 59 10.30 -43.49 -10.53
N ASP A 60 9.67 -43.64 -11.70
CA ASP A 60 8.29 -43.28 -11.86
C ASP A 60 7.35 -44.47 -11.69
N ALA A 61 6.06 -44.21 -11.82
CA ALA A 61 5.02 -45.22 -11.56
C ALA A 61 5.01 -46.35 -12.54
N ASP A 62 5.74 -46.19 -13.65
CA ASP A 62 5.86 -47.25 -14.67
C ASP A 62 7.22 -47.95 -14.67
N GLY A 63 8.07 -47.63 -13.70
CA GLY A 63 9.39 -48.26 -13.59
C GLY A 63 10.51 -47.58 -14.35
N ASN A 64 10.25 -46.45 -15.00
CA ASN A 64 11.34 -45.71 -15.62
C ASN A 64 12.18 -45.05 -14.56
N SER A 65 13.46 -44.89 -14.87
CA SER A 65 14.43 -44.31 -13.94
C SER A 65 15.11 -43.14 -14.64
N PHE A 66 14.89 -41.95 -14.10
CA PHE A 66 15.41 -40.71 -14.62
C PHE A 66 16.63 -40.24 -13.86
N ILE A 67 17.57 -39.62 -14.56
CA ILE A 67 18.67 -38.94 -13.89
C ILE A 67 18.15 -37.62 -13.36
N ASP A 68 18.35 -37.39 -12.06
CA ASP A 68 17.80 -36.21 -11.38
C ASP A 68 18.87 -35.10 -11.31
N LEU A 69 18.81 -34.10 -12.20
CA LEU A 69 19.72 -32.96 -12.15
C LEU A 69 19.03 -31.70 -11.56
N GLY A 70 17.91 -31.92 -10.88
CA GLY A 70 17.11 -30.83 -10.28
C GLY A 70 17.05 -30.82 -8.76
N ALA A 71 17.17 -31.99 -8.12
CA ALA A 71 17.03 -32.14 -6.68
C ALA A 71 15.76 -31.50 -6.11
N GLY A 72 14.68 -31.51 -6.88
CA GLY A 72 13.41 -30.97 -6.39
C GLY A 72 13.52 -29.46 -6.21
N ILE A 73 14.26 -28.84 -7.12
CA ILE A 73 14.70 -27.43 -7.05
C ILE A 73 15.62 -27.16 -5.87
N ALA A 74 16.76 -27.86 -5.87
CA ALA A 74 17.86 -27.61 -4.93
C ALA A 74 17.52 -27.96 -3.49
N VAL A 75 16.59 -28.89 -3.29
CA VAL A 75 16.16 -29.31 -1.94
C VAL A 75 16.86 -30.59 -1.47
N THR A 76 16.83 -31.63 -2.28
CA THR A 76 17.29 -32.94 -1.82
C THR A 76 18.80 -33.13 -2.06
N THR A 77 19.56 -32.15 -1.56
CA THR A 77 21.00 -32.12 -1.62
C THR A 77 21.63 -33.38 -1.03
N VAL A 78 21.07 -33.92 0.07
CA VAL A 78 21.58 -35.15 0.66
C VAL A 78 21.03 -36.42 0.02
N GLY A 79 20.30 -36.29 -1.08
CA GLY A 79 19.50 -37.37 -1.64
C GLY A 79 18.07 -37.24 -1.15
N ALA A 80 17.11 -37.73 -1.95
CA ALA A 80 15.69 -37.60 -1.63
C ALA A 80 15.11 -38.65 -0.67
N SER A 81 15.90 -39.66 -0.29
CA SER A 81 15.47 -40.66 0.69
C SER A 81 16.66 -41.19 1.47
N HIS A 82 17.53 -40.28 1.91
CA HIS A 82 18.69 -40.68 2.68
C HIS A 82 18.25 -41.48 3.90
N PRO A 83 18.87 -42.66 4.12
CA PRO A 83 18.33 -43.52 5.18
C PRO A 83 18.41 -42.95 6.58
N ALA A 84 19.40 -42.11 6.84
CA ALA A 84 19.53 -41.48 8.16
C ALA A 84 18.44 -40.42 8.35
N VAL A 85 18.14 -39.71 7.28
CA VAL A 85 17.04 -38.74 7.29
C VAL A 85 15.70 -39.46 7.46
N ALA A 86 15.46 -40.52 6.69
CA ALA A 86 14.24 -41.32 6.84
C ALA A 86 14.12 -41.90 8.26
N ALA A 87 15.21 -42.40 8.82
CA ALA A 87 15.18 -43.01 10.16
C ALA A 87 14.87 -41.95 11.22
N ALA A 88 15.47 -40.76 11.09
CA ALA A 88 15.21 -39.66 12.03
C ALA A 88 13.74 -39.22 12.00
N ILE A 89 13.18 -39.15 10.79
CA ILE A 89 11.79 -38.79 10.60
C ILE A 89 10.86 -39.81 11.25
N ALA A 90 11.10 -41.09 10.99
CA ALA A 90 10.25 -42.16 11.53
C ALA A 90 10.30 -42.15 13.05
N ASP A 91 11.50 -42.04 13.60
CA ASP A 91 11.68 -42.10 15.04
C ASP A 91 10.95 -40.96 15.73
N GLN A 92 11.11 -39.74 15.22
CA GLN A 92 10.48 -38.61 15.88
C GLN A 92 8.97 -38.72 15.86
N ALA A 93 8.44 -39.14 14.72
CA ALA A 93 7.00 -39.27 14.57
C ALA A 93 6.39 -40.25 15.58
N THR A 94 7.12 -41.28 16.00
CA THR A 94 6.62 -42.18 17.05
C THR A 94 6.50 -41.51 18.42
N HIS A 95 7.28 -40.45 18.65
CA HIS A 95 7.24 -39.75 19.93
C HIS A 95 6.24 -38.64 19.93
N PHE A 96 6.33 -37.76 18.94
CA PHE A 96 5.28 -36.76 18.66
C PHE A 96 5.57 -36.07 17.33
N THR A 97 4.49 -35.84 16.57
CA THR A 97 4.55 -35.08 15.32
C THR A 97 4.62 -33.56 15.54
N HIS A 98 4.08 -33.07 16.67
CA HIS A 98 3.77 -31.64 16.87
C HIS A 98 3.28 -31.44 18.29
N THR A 99 3.81 -30.41 18.95
CA THR A 99 3.23 -29.85 20.18
C THR A 99 2.98 -28.32 20.04
N CYS A 100 3.42 -27.72 18.91
CA CYS A 100 3.52 -26.26 18.71
C CYS A 100 4.60 -25.72 19.63
N PHE A 101 5.76 -25.37 19.06
CA PHE A 101 6.89 -24.92 19.89
C PHE A 101 6.53 -23.74 20.81
N MET A 102 5.65 -22.86 20.35
CA MET A 102 5.20 -21.73 21.15
C MET A 102 4.24 -22.08 22.30
N VAL A 103 3.75 -23.31 22.31
CA VAL A 103 2.97 -23.84 23.44
C VAL A 103 3.86 -24.70 24.34
N THR A 104 4.26 -25.86 23.84
CA THR A 104 5.17 -26.75 24.60
C THR A 104 6.44 -26.94 23.77
N PRO A 105 7.57 -26.39 24.23
CA PRO A 105 8.79 -26.51 23.44
C PRO A 105 9.44 -27.89 23.52
N TYR A 106 10.47 -28.08 22.74
CA TYR A 106 11.17 -29.36 22.61
C TYR A 106 12.61 -29.16 22.14
N GLU A 107 13.44 -30.14 22.42
CA GLU A 107 14.87 -30.11 22.18
C GLU A 107 15.23 -30.00 20.69
N GLN A 108 14.41 -30.62 19.85
CA GLN A 108 14.75 -30.72 18.41
C GLN A 108 14.85 -29.31 17.78
N TYR A 109 13.96 -28.41 18.16
CA TYR A 109 14.00 -27.01 17.68
C TYR A 109 15.28 -26.32 18.16
N VAL A 110 15.58 -26.50 19.44
CA VAL A 110 16.79 -25.92 20.00
C VAL A 110 18.05 -26.42 19.31
N GLN A 111 18.11 -27.72 19.04
CA GLN A 111 19.24 -28.34 18.33
CA GLN A 111 19.29 -28.26 18.39
C GLN A 111 19.50 -27.67 16.98
N VAL A 112 18.42 -27.53 16.21
CA VAL A 112 18.53 -26.91 14.89
C VAL A 112 19.02 -25.47 15.02
N ALA A 113 18.46 -24.71 15.98
CA ALA A 113 18.89 -23.31 16.19
C ALA A 113 20.38 -23.26 16.49
N GLU A 114 20.84 -24.14 17.38
CA GLU A 114 22.25 -24.22 17.73
C GLU A 114 23.12 -24.49 16.49
N LEU A 115 22.72 -25.47 15.70
CA LEU A 115 23.49 -25.86 14.50
C LEU A 115 23.60 -24.67 13.52
N LEU A 116 22.49 -23.98 13.30
CA LEU A 116 22.43 -22.87 12.34
C LEU A 116 23.18 -21.64 12.84
N ASN A 117 23.06 -21.36 14.13
CA ASN A 117 23.85 -20.29 14.73
C ASN A 117 25.36 -20.50 14.50
N ALA A 118 25.82 -21.73 14.68
CA ALA A 118 27.23 -22.08 14.50
C ALA A 118 27.65 -22.09 13.04
N LEU A 119 26.73 -22.46 12.14
CA LEU A 119 27.11 -22.72 10.74
C LEU A 119 27.15 -21.46 9.86
N THR A 120 26.30 -20.49 10.15
CA THR A 120 26.21 -19.26 9.38
C THR A 120 27.45 -18.37 9.55
N PRO A 121 27.64 -17.42 8.61
CA PRO A 121 28.86 -16.62 8.66
C PRO A 121 28.96 -15.79 9.92
N GLY A 122 30.20 -15.58 10.37
CA GLY A 122 30.49 -14.70 11.50
C GLY A 122 30.56 -15.40 12.85
N ASP A 123 31.38 -14.83 13.75
CA ASP A 123 31.62 -15.35 15.09
CA ASP A 123 31.55 -15.41 15.08
C ASP A 123 30.85 -14.60 16.16
N HIS A 124 30.02 -13.66 15.73
CA HIS A 124 29.23 -12.85 16.64
C HIS A 124 28.04 -13.61 17.20
N ASP A 125 27.39 -13.02 18.21
CA ASP A 125 26.26 -13.65 18.90
C ASP A 125 25.01 -13.67 18.00
N LYS A 126 24.41 -14.83 17.83
CA LYS A 126 23.28 -15.00 16.88
C LYS A 126 22.12 -15.72 17.56
N ARG A 127 20.91 -15.55 17.00
CA ARG A 127 19.76 -16.35 17.39
C ARG A 127 19.01 -16.76 16.13
N THR A 128 18.21 -17.83 16.25
CA THR A 128 17.43 -18.42 15.17
C THR A 128 15.94 -18.53 15.54
N ALA A 129 15.07 -18.33 14.53
CA ALA A 129 13.66 -18.66 14.60
C ALA A 129 13.35 -19.54 13.40
N LEU A 130 12.49 -20.55 13.60
CA LEU A 130 12.17 -21.55 12.58
C LEU A 130 10.74 -21.42 12.08
N PHE A 131 10.55 -21.63 10.78
CA PHE A 131 9.24 -21.59 10.14
C PHE A 131 9.11 -22.80 9.19
N ASN A 132 8.21 -22.75 8.22
CA ASN A 132 8.00 -23.91 7.35
C ASN A 132 8.63 -23.70 5.98
N SER A 133 8.29 -22.57 5.34
CA SER A 133 8.75 -22.33 3.98
C SER A 133 9.78 -21.20 3.87
N GLY A 134 10.46 -21.19 2.74
CA GLY A 134 11.41 -20.12 2.48
C GLY A 134 10.73 -18.76 2.46
N ALA A 135 9.52 -18.69 1.88
CA ALA A 135 8.76 -17.45 1.89
C ALA A 135 8.51 -16.94 3.33
N GLU A 136 8.14 -17.85 4.22
CA GLU A 136 7.92 -17.51 5.62
C GLU A 136 9.20 -17.02 6.28
N ALA A 137 10.34 -17.62 5.93
CA ALA A 137 11.62 -17.16 6.46
C ALA A 137 11.92 -15.72 6.02
N VAL A 138 11.71 -15.44 4.74
CA VAL A 138 11.90 -14.09 4.23
C VAL A 138 10.95 -13.13 4.92
N GLU A 139 9.68 -13.48 5.02
CA GLU A 139 8.68 -12.65 5.71
C GLU A 139 9.18 -12.28 7.11
N ASN A 140 9.66 -13.28 7.84
CA ASN A 140 10.11 -13.05 9.21
C ASN A 140 11.42 -12.26 9.33
N ALA A 141 12.34 -12.45 8.37
CA ALA A 141 13.55 -11.60 8.33
C ALA A 141 13.16 -10.13 8.14
N ILE A 142 12.17 -9.87 7.28
CA ILE A 142 11.70 -8.49 7.04
C ILE A 142 11.03 -7.93 8.29
N LYS A 143 10.23 -8.76 8.98
CA LYS A 143 9.60 -8.39 10.26
C LYS A 143 10.65 -7.98 11.31
N VAL A 144 11.66 -8.81 11.47
CA VAL A 144 12.77 -8.49 12.38
C VAL A 144 13.44 -7.15 12.04
N ALA A 145 13.79 -6.96 10.76
CA ALA A 145 14.48 -5.76 10.30
C ALA A 145 13.64 -4.50 10.51
N ARG A 146 12.37 -4.57 10.14
CA ARG A 146 11.45 -3.44 10.33
C ARG A 146 11.25 -3.09 11.82
N LEU A 147 11.03 -4.09 12.65
CA LEU A 147 10.79 -3.79 14.07
C LEU A 147 12.10 -3.26 14.70
N ALA A 148 13.21 -3.94 14.44
CA ALA A 148 14.48 -3.61 15.08
C ALA A 148 14.99 -2.20 14.69
N THR A 149 14.83 -1.84 13.43
CA THR A 149 15.32 -0.53 12.96
C THR A 149 14.30 0.56 13.14
N GLY A 150 13.02 0.20 13.25
CA GLY A 150 11.97 1.20 13.26
C GLY A 150 11.74 1.91 11.94
N ARG A 151 12.31 1.37 10.86
CA ARG A 151 12.23 1.95 9.52
C ARG A 151 11.32 1.11 8.59
N PRO A 152 10.66 1.76 7.61
CA PRO A 152 9.64 1.08 6.82
C PRO A 152 10.07 0.37 5.53
N ALA A 153 11.05 0.93 4.83
CA ALA A 153 11.34 0.51 3.45
C ALA A 153 12.27 -0.69 3.38
N VAL A 154 12.08 -1.46 2.30
CA VAL A 154 12.96 -2.58 2.00
C VAL A 154 13.35 -2.48 0.54
N VAL A 155 14.63 -2.76 0.27
CA VAL A 155 15.17 -2.82 -1.08
C VAL A 155 15.38 -4.26 -1.51
N ALA A 156 14.91 -4.57 -2.72
CA ALA A 156 15.20 -5.83 -3.37
C ALA A 156 15.65 -5.49 -4.78
N PHE A 157 16.08 -6.49 -5.54
CA PHE A 157 16.82 -6.20 -6.76
C PHE A 157 16.24 -6.77 -8.04
N ASP A 158 16.69 -6.21 -9.15
CA ASP A 158 16.41 -6.80 -10.46
C ASP A 158 16.85 -8.27 -10.43
N ASN A 159 16.07 -9.13 -11.07
CA ASN A 159 16.33 -10.57 -11.18
C ASN A 159 16.13 -11.36 -9.89
N ALA A 160 15.55 -10.72 -8.86
CA ALA A 160 15.34 -11.37 -7.56
C ALA A 160 14.14 -12.29 -7.56
N TYR A 161 14.21 -13.32 -6.73
CA TYR A 161 13.07 -14.18 -6.44
C TYR A 161 13.10 -14.55 -4.95
N HIS A 162 12.00 -14.31 -4.24
CA HIS A 162 11.93 -14.53 -2.80
C HIS A 162 10.71 -15.29 -2.29
N GLY A 163 9.76 -15.60 -3.16
CA GLY A 163 8.58 -16.38 -2.75
C GLY A 163 7.24 -15.93 -3.32
N ARG A 164 6.19 -16.63 -2.89
CA ARG A 164 4.86 -16.47 -3.47
C ARG A 164 3.77 -15.91 -2.52
N THR A 165 4.16 -15.42 -1.33
CA THR A 165 3.22 -14.70 -0.47
C THR A 165 3.14 -13.28 -1.00
N ASN A 166 2.21 -12.50 -0.48
CA ASN A 166 2.05 -11.15 -1.01
C ASN A 166 3.35 -10.35 -0.90
N LEU A 167 3.95 -10.31 0.29
CA LEU A 167 5.21 -9.58 0.45
C LEU A 167 6.37 -10.19 -0.33
N THR A 168 6.48 -11.53 -0.37
CA THR A 168 7.58 -12.10 -1.10
C THR A 168 7.38 -11.98 -2.63
N MET A 169 6.13 -11.90 -3.07
CA MET A 169 5.83 -11.53 -4.45
C MET A 169 6.27 -10.09 -4.73
N ALA A 170 5.95 -9.17 -3.81
CA ALA A 170 6.42 -7.80 -3.91
C ALA A 170 7.94 -7.73 -4.09
N LEU A 171 8.65 -8.51 -3.28
CA LEU A 171 10.10 -8.57 -3.33
C LEU A 171 10.68 -9.22 -4.59
N THR A 172 9.91 -10.10 -5.20
CA THR A 172 10.30 -10.81 -6.42
C THR A 172 10.18 -9.89 -7.63
N ALA A 173 11.14 -9.98 -8.55
CA ALA A 173 11.18 -9.05 -9.70
C ALA A 173 10.25 -9.48 -10.83
N LYS A 174 10.25 -10.77 -11.20
CA LYS A 174 9.54 -11.18 -12.42
C LYS A 174 8.06 -11.35 -12.18
N SER A 175 7.24 -10.76 -13.06
CA SER A 175 5.79 -10.79 -12.90
C SER A 175 5.15 -12.15 -13.26
N MET A 176 5.58 -12.74 -14.36
CA MET A 176 5.01 -13.99 -14.83
C MET A 176 5.96 -15.15 -14.53
N PRO A 177 5.48 -16.20 -13.82
CA PRO A 177 4.13 -16.49 -13.28
C PRO A 177 3.98 -16.19 -11.79
N TYR A 178 4.85 -15.38 -11.21
CA TYR A 178 4.90 -15.22 -9.77
C TYR A 178 3.95 -14.20 -9.18
N LYS A 179 3.67 -13.12 -9.91
CA LYS A 179 2.96 -11.98 -9.35
C LYS A 179 1.70 -11.56 -10.11
N SER A 180 1.68 -11.77 -11.42
CA SER A 180 0.68 -11.16 -12.27
C SER A 180 -0.74 -11.45 -11.80
N GLN A 181 -1.50 -10.38 -11.56
CA GLN A 181 -2.93 -10.44 -11.20
C GLN A 181 -3.18 -10.77 -9.72
N PHE A 182 -2.12 -10.82 -8.93
CA PHE A 182 -2.20 -11.21 -7.51
C PHE A 182 -2.04 -10.05 -6.52
N GLY A 183 -1.89 -8.83 -7.02
CA GLY A 183 -1.72 -7.67 -6.16
C GLY A 183 -3.07 -7.07 -5.77
N PRO A 184 -3.06 -5.87 -5.17
CA PRO A 184 -1.88 -5.05 -4.96
C PRO A 184 -0.93 -5.57 -3.90
N PHE A 185 0.31 -5.11 -3.97
CA PHE A 185 1.40 -5.69 -3.20
C PHE A 185 1.82 -4.86 -2.00
N ALA A 186 2.43 -5.55 -1.04
CA ALA A 186 2.92 -4.98 0.21
C ALA A 186 3.72 -3.71 -0.04
N PRO A 187 3.40 -2.62 0.66
CA PRO A 187 4.02 -1.32 0.36
C PRO A 187 5.45 -1.14 0.83
N GLU A 188 6.07 -0.08 0.29
CA GLU A 188 7.41 0.36 0.64
C GLU A 188 8.50 -0.67 0.34
N VAL A 189 8.29 -1.38 -0.78
CA VAL A 189 9.29 -2.22 -1.39
C VAL A 189 9.82 -1.46 -2.61
N TYR A 190 11.14 -1.32 -2.70
CA TYR A 190 11.77 -0.57 -3.76
C TYR A 190 12.72 -1.50 -4.50
N ARG A 191 12.69 -1.48 -5.81
CA ARG A 191 13.61 -2.31 -6.58
C ARG A 191 14.80 -1.51 -7.10
N MET A 192 15.98 -2.10 -6.94
CA MET A 192 17.23 -1.50 -7.42
C MET A 192 17.96 -2.43 -8.40
N PRO A 193 18.82 -1.86 -9.27
CA PRO A 193 19.70 -2.71 -10.06
C PRO A 193 20.77 -3.35 -9.16
N ALA A 194 21.10 -4.61 -9.43
CA ALA A 194 22.23 -5.27 -8.78
C ALA A 194 23.35 -5.48 -9.80
N SER A 195 23.95 -6.66 -9.83
CA SER A 195 25.02 -6.99 -10.78
C SER A 195 24.60 -8.20 -11.63
N TYR A 196 24.75 -8.05 -12.93
CA TYR A 196 24.47 -9.11 -13.91
C TYR A 196 25.54 -8.98 -15.00
N PRO A 197 26.72 -9.57 -14.73
CA PRO A 197 27.91 -9.33 -15.56
C PRO A 197 27.67 -9.49 -17.05
N LEU A 198 26.94 -10.52 -17.46
CA LEU A 198 26.74 -10.78 -18.89
C LEU A 198 26.04 -9.62 -19.58
N ARG A 199 25.09 -9.00 -18.89
CA ARG A 199 24.21 -8.04 -19.53
C ARG A 199 24.44 -6.60 -19.09
N ASP A 200 25.28 -6.40 -18.07
CA ASP A 200 25.66 -5.06 -17.64
C ASP A 200 26.69 -4.49 -18.60
N GLU A 201 26.94 -3.20 -18.52
CA GLU A 201 28.04 -2.62 -19.32
C GLU A 201 29.31 -3.44 -19.24
N PRO A 202 29.94 -3.71 -20.40
CA PRO A 202 31.22 -4.42 -20.38
C PRO A 202 32.24 -3.75 -19.47
N GLY A 203 32.91 -4.56 -18.66
CA GLY A 203 33.96 -4.08 -17.77
C GLY A 203 33.51 -3.46 -16.46
N LEU A 204 32.19 -3.35 -16.25
CA LEU A 204 31.68 -2.75 -15.03
C LEU A 204 32.21 -3.58 -13.87
N THR A 205 32.78 -2.91 -12.87
CA THR A 205 33.23 -3.61 -11.68
C THR A 205 32.07 -3.79 -10.70
N GLY A 206 32.20 -4.80 -9.83
CA GLY A 206 31.25 -5.00 -8.74
C GLY A 206 31.10 -3.79 -7.85
N GLU A 207 32.24 -3.17 -7.54
CA GLU A 207 32.23 -1.97 -6.72
C GLU A 207 31.43 -0.85 -7.36
N GLU A 208 31.61 -0.63 -8.66
CA GLU A 208 30.85 0.40 -9.37
C GLU A 208 29.35 0.03 -9.48
N ALA A 209 29.04 -1.25 -9.72
CA ALA A 209 27.64 -1.69 -9.74
C ALA A 209 26.99 -1.43 -8.38
N ALA A 210 27.74 -1.68 -7.31
CA ALA A 210 27.22 -1.43 -5.96
C ALA A 210 27.04 0.06 -5.73
N ARG A 211 28.00 0.87 -6.18
CA ARG A 211 27.91 2.33 -6.01
C ARG A 211 26.70 2.94 -6.72
N ARG A 212 26.38 2.39 -7.89
CA ARG A 212 25.21 2.84 -8.63
C ARG A 212 23.91 2.52 -7.86
N ALA A 213 23.85 1.33 -7.25
CA ALA A 213 22.68 0.96 -6.44
C ALA A 213 22.61 1.86 -5.20
N ILE A 214 23.75 2.06 -4.54
CA ILE A 214 23.82 2.89 -3.35
C ILE A 214 23.36 4.33 -3.65
N SER A 215 23.82 4.87 -4.77
CA SER A 215 23.44 6.21 -5.17
C SER A 215 21.93 6.33 -5.36
N ARG A 216 21.34 5.34 -6.03
CA ARG A 216 19.89 5.32 -6.27
CA ARG A 216 19.91 5.36 -6.27
C ARG A 216 19.11 5.21 -4.97
N ILE A 217 19.62 4.39 -4.05
CA ILE A 217 19.00 4.19 -2.74
C ILE A 217 19.01 5.49 -1.94
N GLU A 218 20.18 6.14 -1.92
CA GLU A 218 20.33 7.40 -1.19
C GLU A 218 19.43 8.49 -1.79
N THR A 219 19.38 8.57 -3.11
CA THR A 219 18.55 9.58 -3.78
C THR A 219 17.05 9.33 -3.56
N GLN A 220 16.62 8.08 -3.73
CA GLN A 220 15.19 7.77 -3.85
C GLN A 220 14.53 7.28 -2.59
N ILE A 221 15.33 6.85 -1.60
CA ILE A 221 14.77 6.31 -0.37
C ILE A 221 15.31 7.05 0.83
N GLY A 222 16.62 7.13 0.93
CA GLY A 222 17.28 7.72 2.10
C GLY A 222 17.48 6.63 3.14
N ALA A 223 18.72 6.50 3.61
CA ALA A 223 19.07 5.45 4.58
C ALA A 223 18.15 5.51 5.78
N GLN A 224 17.74 6.71 6.18
CA GLN A 224 16.95 6.83 7.42
C GLN A 224 15.57 6.16 7.32
N SER A 225 15.11 5.85 6.10
CA SER A 225 13.83 5.19 5.90
C SER A 225 13.98 3.73 5.51
N LEU A 226 15.21 3.23 5.44
CA LEU A 226 15.49 1.89 4.91
C LEU A 226 15.83 0.88 6.01
N ALA A 227 14.89 -0.04 6.25
CA ALA A 227 15.05 -1.11 7.24
C ALA A 227 16.03 -2.14 6.76
N ALA A 228 15.99 -2.46 5.47
CA ALA A 228 16.70 -3.64 5.00
C ALA A 228 17.00 -3.66 3.52
N ILE A 229 18.12 -4.29 3.19
CA ILE A 229 18.46 -4.69 1.84
C ILE A 229 18.43 -6.22 1.88
N ILE A 230 17.68 -6.83 0.95
CA ILE A 230 17.65 -8.28 0.82
C ILE A 230 18.15 -8.68 -0.58
N ILE A 231 19.07 -9.63 -0.63
CA ILE A 231 19.59 -10.14 -1.90
C ILE A 231 20.04 -11.59 -1.75
N GLU A 232 19.90 -12.34 -2.84
CA GLU A 232 20.44 -13.71 -2.94
C GLU A 232 21.90 -13.61 -3.34
N PRO A 233 22.81 -14.33 -2.65
CA PRO A 233 24.22 -14.22 -3.07
C PRO A 233 24.48 -14.68 -4.50
N ILE A 234 23.74 -15.70 -4.94
CA ILE A 234 23.62 -16.06 -6.34
C ILE A 234 22.12 -16.08 -6.60
N GLN A 235 21.67 -15.28 -7.56
CA GLN A 235 20.25 -15.19 -7.85
C GLN A 235 19.80 -16.47 -8.57
N GLY A 236 18.83 -17.16 -7.98
CA GLY A 236 18.47 -18.51 -8.41
C GLY A 236 17.49 -18.50 -9.56
N GLU A 237 16.22 -18.28 -9.25
CA GLU A 237 15.21 -18.25 -10.32
C GLU A 237 15.50 -17.17 -11.38
N GLY A 238 16.20 -16.09 -11.00
CA GLY A 238 16.58 -15.04 -11.94
C GLY A 238 17.60 -15.47 -12.97
N GLY A 239 18.25 -16.63 -12.76
CA GLY A 239 19.13 -17.23 -13.78
C GLY A 239 20.51 -17.65 -13.34
N PHE A 240 20.68 -17.96 -12.05
CA PHE A 240 21.97 -18.34 -11.47
C PHE A 240 22.98 -17.25 -11.75
N ILE A 241 22.58 -16.02 -11.43
CA ILE A 241 23.40 -14.86 -11.68
C ILE A 241 24.34 -14.67 -10.50
N VAL A 242 25.63 -14.73 -10.78
CA VAL A 242 26.69 -14.50 -9.80
C VAL A 242 27.14 -13.05 -9.92
N PRO A 243 27.11 -12.31 -8.80
CA PRO A 243 27.45 -10.90 -8.91
C PRO A 243 28.94 -10.73 -9.23
N ALA A 244 29.29 -9.62 -9.88
CA ALA A 244 30.69 -9.23 -10.07
C ALA A 244 31.40 -9.20 -8.71
N PRO A 245 32.69 -9.60 -8.66
CA PRO A 245 33.47 -9.49 -7.43
C PRO A 245 33.42 -8.08 -6.84
N GLY A 246 33.24 -7.99 -5.53
CA GLY A 246 33.27 -6.71 -4.82
C GLY A 246 31.89 -6.11 -4.63
N PHE A 247 30.91 -6.58 -5.40
CA PHE A 247 29.57 -5.99 -5.34
C PHE A 247 28.92 -6.15 -3.95
N LEU A 248 28.85 -7.38 -3.44
CA LEU A 248 28.18 -7.64 -2.19
C LEU A 248 28.90 -6.99 -1.00
N ALA A 249 30.23 -7.04 -1.00
CA ALA A 249 31.00 -6.47 0.09
C ALA A 249 30.77 -4.96 0.15
N THR A 250 30.61 -4.34 -1.02
CA THR A 250 30.42 -2.89 -1.11
C THR A 250 29.06 -2.54 -0.51
N LEU A 251 28.06 -3.35 -0.83
CA LEU A 251 26.74 -3.18 -0.25
C LEU A 251 26.70 -3.38 1.25
N THR A 252 27.37 -4.44 1.73
CA THR A 252 27.31 -4.74 3.16
C THR A 252 28.01 -3.65 3.96
N ALA A 253 29.11 -3.11 3.41
CA ALA A 253 29.83 -2.03 4.09
C ALA A 253 28.92 -0.81 4.21
N TRP A 254 28.27 -0.43 3.12
CA TRP A 254 27.32 0.69 3.18
C TRP A 254 26.18 0.47 4.17
N ALA A 255 25.60 -0.73 4.14
CA ALA A 255 24.50 -1.06 5.06
C ALA A 255 24.95 -0.91 6.49
N SER A 256 26.14 -1.39 6.80
CA SER A 256 26.61 -1.33 8.16
C SER A 256 26.77 0.12 8.64
N GLU A 257 27.31 0.96 7.76
CA GLU A 257 27.53 2.39 8.03
C GLU A 257 26.23 3.15 8.24
N ASN A 258 25.15 2.63 7.69
CA ASN A 258 23.87 3.34 7.64
C ASN A 258 22.76 2.71 8.49
N GLY A 259 23.12 1.72 9.30
CA GLY A 259 22.17 1.08 10.20
C GLY A 259 21.06 0.28 9.50
N VAL A 260 21.33 -0.12 8.26
CA VAL A 260 20.39 -0.87 7.44
C VAL A 260 20.71 -2.35 7.61
N VAL A 261 19.69 -3.16 7.86
CA VAL A 261 19.88 -4.63 7.99
C VAL A 261 20.14 -5.25 6.63
N PHE A 262 21.21 -6.03 6.49
CA PHE A 262 21.52 -6.70 5.24
C PHE A 262 21.11 -8.15 5.41
N ILE A 263 20.18 -8.60 4.57
CA ILE A 263 19.65 -9.95 4.61
C ILE A 263 20.14 -10.71 3.41
N ALA A 264 20.92 -11.77 3.65
CA ALA A 264 21.31 -12.65 2.56
C ALA A 264 20.27 -13.77 2.48
N ASP A 265 19.60 -13.87 1.34
CA ASP A 265 18.61 -14.91 1.12
C ASP A 265 19.34 -16.12 0.56
N GLU A 266 19.65 -17.05 1.45
CA GLU A 266 20.32 -18.29 1.09
C GLU A 266 19.39 -19.49 1.02
N VAL A 267 18.11 -19.24 0.72
CA VAL A 267 17.14 -20.31 0.59
C VAL A 267 17.59 -21.35 -0.45
N GLN A 268 18.10 -20.88 -1.58
CA GLN A 268 18.59 -21.78 -2.64
C GLN A 268 20.10 -22.10 -2.55
N THR A 269 20.91 -21.09 -2.23
CA THR A 269 22.35 -21.24 -2.16
C THR A 269 22.86 -21.97 -0.89
N GLY A 270 22.04 -22.01 0.16
CA GLY A 270 22.50 -22.50 1.45
C GLY A 270 22.72 -24.00 1.51
N PHE A 271 23.62 -24.42 2.42
CA PHE A 271 23.86 -25.84 2.77
C PHE A 271 24.59 -26.65 1.69
N ALA A 272 25.88 -26.36 1.51
CA ALA A 272 26.78 -27.15 0.65
C ALA A 272 26.67 -26.85 -0.84
N ARG A 273 25.49 -26.40 -1.26
CA ARG A 273 25.13 -26.24 -2.67
C ARG A 273 26.20 -25.58 -3.55
N THR A 274 26.81 -24.50 -3.05
CA THR A 274 27.72 -23.69 -3.82
C THR A 274 29.20 -23.99 -3.55
N GLY A 275 29.48 -25.07 -2.83
CA GLY A 275 30.85 -25.45 -2.48
C GLY A 275 31.33 -24.92 -1.14
N ALA A 276 30.39 -24.41 -0.33
CA ALA A 276 30.65 -23.89 1.01
C ALA A 276 29.37 -24.10 1.77
N TRP A 277 29.41 -24.01 3.09
CA TRP A 277 28.17 -24.10 3.84
C TRP A 277 27.20 -23.06 3.35
N PHE A 278 27.69 -21.84 3.18
CA PHE A 278 26.88 -20.72 2.68
C PHE A 278 27.64 -19.96 1.61
N ALA A 279 26.93 -19.53 0.57
CA ALA A 279 27.53 -18.81 -0.55
C ALA A 279 28.13 -17.47 -0.11
N SER A 280 27.60 -16.88 0.96
CA SER A 280 28.16 -15.63 1.51
C SER A 280 29.66 -15.77 1.82
N GLU A 281 30.10 -16.99 2.16
CA GLU A 281 31.52 -17.21 2.44
C GLU A 281 32.42 -16.87 1.26
N HIS A 282 31.99 -17.14 0.03
CA HIS A 282 32.85 -16.88 -1.14
C HIS A 282 33.08 -15.41 -1.32
N GLU A 283 32.12 -14.63 -0.83
CA GLU A 283 32.12 -13.18 -0.94
C GLU A 283 32.84 -12.50 0.27
N GLY A 284 33.18 -13.28 1.28
CA GLY A 284 33.77 -12.73 2.51
C GLY A 284 32.79 -11.93 3.36
N ILE A 285 31.50 -11.94 3.04
CA ILE A 285 30.53 -11.12 3.79
C ILE A 285 29.93 -11.88 4.98
N VAL A 286 29.49 -11.09 5.95
CA VAL A 286 28.84 -11.59 7.15
C VAL A 286 27.45 -10.95 7.23
N PRO A 287 26.43 -11.66 6.73
CA PRO A 287 25.12 -11.01 6.68
C PRO A 287 24.54 -10.81 8.06
N ASP A 288 23.80 -9.73 8.27
CA ASP A 288 23.14 -9.48 9.54
C ASP A 288 22.06 -10.54 9.82
N ILE A 289 21.32 -10.91 8.77
CA ILE A 289 20.35 -12.01 8.83
C ILE A 289 20.55 -12.89 7.61
N VAL A 290 20.44 -14.20 7.81
CA VAL A 290 20.42 -15.19 6.73
C VAL A 290 19.06 -15.91 6.74
N THR A 291 18.46 -16.06 5.56
CA THR A 291 17.25 -16.88 5.44
C THR A 291 17.59 -18.19 4.74
N MET A 292 16.92 -19.25 5.18
CA MET A 292 17.23 -20.62 4.79
C MET A 292 15.96 -21.45 4.62
N ALA A 293 16.01 -22.40 3.68
CA ALA A 293 14.99 -23.44 3.59
C ALA A 293 15.60 -24.55 2.72
N GLY A 295 17.46 -27.09 1.15
CA GLY A 295 18.32 -28.18 1.56
C GLY A 295 18.39 -28.51 3.04
N ILE A 296 17.94 -27.57 3.87
CA ILE A 296 18.04 -27.68 5.34
C ILE A 296 17.61 -29.02 5.97
N ALA A 297 16.49 -29.57 5.51
CA ALA A 297 15.85 -30.70 6.19
C ALA A 297 15.66 -31.91 5.29
N GLY A 298 16.52 -32.04 4.28
CA GLY A 298 16.55 -33.24 3.43
C GLY A 298 15.25 -33.51 2.70
N GLY A 299 14.47 -32.46 2.47
CA GLY A 299 13.17 -32.57 1.80
C GLY A 299 11.97 -32.24 2.64
N MET A 300 12.12 -32.20 3.97
CA MET A 300 10.97 -31.89 4.86
C MET A 300 10.74 -30.38 4.99
N PRO A 301 9.50 -29.96 5.30
CA PRO A 301 9.20 -28.51 5.28
C PRO A 301 9.66 -27.77 6.53
N LEU A 302 10.89 -27.26 6.45
CA LEU A 302 11.51 -26.44 7.50
C LEU A 302 12.19 -25.23 6.84
N SER A 303 12.09 -24.09 7.52
CA SER A 303 12.82 -22.92 7.09
C SER A 303 13.38 -22.22 8.32
N ALA A 304 14.34 -21.32 8.11
CA ALA A 304 14.99 -20.71 9.27
C ALA A 304 15.40 -19.27 8.99
N VAL A 305 15.40 -18.46 10.06
CA VAL A 305 15.96 -17.09 10.05
C VAL A 305 17.04 -17.08 11.15
N THR A 306 18.29 -16.83 10.78
CA THR A 306 19.40 -16.78 11.74
C THR A 306 20.04 -15.43 11.60
N GLY A 307 20.10 -14.69 12.69
CA GLY A 307 20.55 -13.32 12.65
C GLY A 307 21.24 -12.86 13.90
N ARG A 308 21.83 -11.67 13.82
CA ARG A 308 22.50 -11.09 14.98
CA ARG A 308 22.49 -11.06 14.97
C ARG A 308 21.54 -11.09 16.17
N ALA A 309 22.04 -11.50 17.34
CA ALA A 309 21.15 -11.65 18.51
C ALA A 309 20.35 -10.38 18.81
N GLU A 310 21.02 -9.24 18.72
CA GLU A 310 20.36 -7.99 19.13
C GLU A 310 19.22 -7.62 18.18
N LEU A 311 19.28 -8.09 16.93
CA LEU A 311 18.17 -7.91 15.98
C LEU A 311 17.04 -8.90 16.28
N MET A 312 17.39 -10.18 16.35
CA MET A 312 16.43 -11.27 16.55
C MET A 312 15.72 -11.17 17.91
N ASP A 313 16.40 -10.67 18.92
CA ASP A 313 15.82 -10.51 20.25
C ASP A 313 15.15 -9.14 20.48
N ALA A 314 15.18 -8.26 19.47
CA ALA A 314 14.46 -6.97 19.54
C ALA A 314 12.94 -7.15 19.54
N VAL A 315 12.49 -8.23 18.92
CA VAL A 315 11.06 -8.54 18.79
C VAL A 315 10.48 -9.05 20.12
N TYR A 316 9.35 -8.45 20.48
CA TYR A 316 8.61 -8.83 21.67
C TYR A 316 8.16 -10.30 21.60
N ALA A 317 8.06 -10.92 22.77
CA ALA A 317 7.65 -12.30 22.87
C ALA A 317 6.30 -12.51 22.21
N GLY A 318 6.22 -13.49 21.32
CA GLY A 318 4.98 -13.77 20.58
C GLY A 318 4.93 -13.11 19.21
N GLY A 319 5.88 -12.21 18.92
CA GLY A 319 5.88 -11.44 17.65
C GLY A 319 6.28 -12.30 16.45
N LEU A 320 7.09 -13.33 16.70
CA LEU A 320 7.46 -14.28 15.66
C LEU A 320 6.75 -15.59 16.00
N GLY A 321 6.00 -16.08 15.04
CA GLY A 321 5.02 -17.10 15.33
C GLY A 321 4.62 -17.97 14.18
N GLY A 322 3.65 -18.82 14.48
CA GLY A 322 3.14 -19.76 13.52
C GLY A 322 2.90 -21.07 14.28
N THR A 323 1.99 -21.86 13.78
CA THR A 323 1.58 -23.05 14.47
C THR A 323 2.58 -24.16 14.23
N TYR A 324 2.90 -24.40 12.97
CA TYR A 324 3.71 -25.56 12.63
C TYR A 324 5.21 -25.35 12.74
N GLY A 325 5.68 -24.10 12.69
CA GLY A 325 7.10 -23.82 12.42
C GLY A 325 8.06 -24.53 13.35
N GLY A 326 9.18 -24.98 12.79
CA GLY A 326 10.13 -25.78 13.55
C GLY A 326 9.51 -27.11 13.98
N ASN A 327 8.72 -27.70 13.07
CA ASN A 327 8.06 -28.97 13.33
C ASN A 327 9.12 -29.99 13.80
N PRO A 328 8.83 -30.76 14.89
CA PRO A 328 9.86 -31.66 15.45
C PRO A 328 10.34 -32.77 14.52
N VAL A 329 9.44 -33.29 13.69
CA VAL A 329 9.80 -34.29 12.69
C VAL A 329 10.71 -33.65 11.64
N THR A 330 10.40 -32.41 11.23
CA THR A 330 11.27 -31.71 10.26
C THR A 330 12.62 -31.32 10.86
N CYS A 331 12.63 -31.00 12.16
CA CYS A 331 13.88 -30.74 12.89
C CYS A 331 14.76 -31.96 13.00
N ALA A 332 14.16 -33.12 13.30
CA ALA A 332 14.91 -34.37 13.32
C ALA A 332 15.55 -34.65 11.95
N ALA A 333 14.81 -34.35 10.89
CA ALA A 333 15.30 -34.53 9.54
C ALA A 333 16.50 -33.61 9.27
N ALA A 334 16.42 -32.37 9.73
CA ALA A 334 17.48 -31.38 9.57
C ALA A 334 18.75 -31.78 10.32
N VAL A 335 18.60 -32.19 11.57
CA VAL A 335 19.79 -32.62 12.35
C VAL A 335 20.50 -33.75 11.58
N ALA A 336 19.74 -34.72 11.10
CA ALA A 336 20.29 -35.81 10.31
C ALA A 336 20.89 -35.36 8.97
N ALA A 337 20.19 -34.49 8.23
CA ALA A 337 20.67 -34.03 6.91
C ALA A 337 21.98 -33.22 7.05
N LEU A 338 22.01 -32.32 8.04
CA LEU A 338 23.22 -31.53 8.30
C LEU A 338 24.37 -32.45 8.68
N GLY A 339 24.07 -33.52 9.40
CA GLY A 339 25.07 -34.54 9.74
C GLY A 339 25.67 -35.19 8.51
N VAL A 340 24.80 -35.56 7.58
CA VAL A 340 25.24 -36.19 6.33
C VAL A 340 26.13 -35.24 5.53
N MET A 341 25.73 -33.97 5.43
CA MET A 341 26.51 -32.97 4.74
C MET A 341 27.93 -32.91 5.28
N ARG A 342 28.06 -32.98 6.60
CA ARG A 342 29.36 -32.93 7.28
CA ARG A 342 29.40 -32.91 7.21
C ARG A 342 30.15 -34.21 7.02
N GLU A 343 29.50 -35.34 7.29
CA GLU A 343 30.14 -36.67 7.23
C GLU A 343 30.69 -37.01 5.85
N LEU A 344 29.94 -36.65 4.82
CA LEU A 344 30.35 -36.90 3.45
C LEU A 344 31.08 -35.70 2.82
N ASP A 345 31.35 -34.67 3.61
CA ASP A 345 31.89 -33.38 3.13
C ASP A 345 31.24 -33.00 1.81
N LEU A 346 29.93 -32.79 1.84
CA LEU A 346 29.22 -32.39 0.63
C LEU A 346 29.65 -31.02 0.08
N PRO A 347 30.11 -30.08 0.92
CA PRO A 347 30.70 -28.88 0.29
C PRO A 347 31.89 -29.20 -0.64
N ALA A 348 32.78 -30.10 -0.22
CA ALA A 348 33.91 -30.51 -1.08
C ALA A 348 33.41 -31.17 -2.35
N ARG A 349 32.38 -32.00 -2.21
CA ARG A 349 31.79 -32.68 -3.36
CA ARG A 349 31.81 -32.69 -3.38
C ARG A 349 31.26 -31.65 -4.35
N ALA A 350 30.59 -30.63 -3.83
CA ALA A 350 30.11 -29.55 -4.69
C ALA A 350 31.26 -28.84 -5.44
N ARG A 351 32.37 -28.60 -4.74
CA ARG A 351 33.55 -28.01 -5.42
C ARG A 351 34.11 -28.92 -6.52
N ALA A 352 34.12 -30.24 -6.28
CA ALA A 352 34.53 -31.20 -7.32
C ALA A 352 33.62 -31.16 -8.53
N ILE A 353 32.33 -31.04 -8.27
CA ILE A 353 31.32 -30.90 -9.32
C ILE A 353 31.51 -29.61 -10.13
N GLU A 354 31.80 -28.50 -9.46
CA GLU A 354 32.07 -27.26 -10.14
C GLU A 354 33.21 -27.44 -11.14
N ALA A 355 34.29 -28.07 -10.69
CA ALA A 355 35.50 -28.22 -11.50
C ALA A 355 35.24 -29.05 -12.74
N SER A 356 34.69 -30.25 -12.58
CA SER A 356 34.49 -31.15 -13.70
C SER A 356 33.40 -30.66 -14.65
N VAL A 357 32.27 -30.21 -14.11
CA VAL A 357 31.14 -29.79 -14.96
C VAL A 357 31.42 -28.46 -15.68
N THR A 358 31.94 -27.46 -14.97
CA THR A 358 32.27 -26.16 -15.59
C THR A 358 33.25 -26.33 -16.76
N SER A 359 34.23 -27.22 -16.63
CA SER A 359 35.20 -27.39 -17.74
C SER A 359 34.54 -28.04 -18.97
N ARG A 360 33.67 -29.04 -18.74
CA ARG A 360 32.91 -29.67 -19.81
C ARG A 360 31.99 -28.67 -20.50
N LEU A 361 31.28 -27.89 -19.70
CA LEU A 361 30.35 -26.90 -20.26
C LEU A 361 31.09 -25.78 -20.99
N SER A 362 32.24 -25.37 -20.48
CA SER A 362 33.03 -24.36 -21.16
C SER A 362 33.57 -24.84 -22.54
N ALA A 363 33.97 -26.11 -22.62
CA ALA A 363 34.39 -26.70 -23.89
C ALA A 363 33.22 -26.76 -24.87
N LEU A 364 32.05 -27.15 -24.38
CA LEU A 364 30.85 -27.22 -25.19
C LEU A 364 30.49 -25.82 -25.73
N ALA A 365 30.65 -24.79 -24.90
CA ALA A 365 30.37 -23.43 -25.31
C ALA A 365 31.26 -22.99 -26.49
N GLU A 366 32.49 -23.50 -26.56
CA GLU A 366 33.41 -23.16 -27.66
C GLU A 366 33.07 -23.85 -28.97
N GLU A 367 32.38 -24.98 -28.86
CA GLU A 367 32.06 -25.81 -30.00
C GLU A 367 30.67 -25.48 -30.62
N VAL A 368 29.79 -24.89 -29.83
CA VAL A 368 28.50 -24.42 -30.35
C VAL A 368 28.47 -22.90 -30.31
N ASP A 369 27.38 -22.30 -30.80
CA ASP A 369 27.23 -20.85 -30.82
C ASP A 369 25.98 -20.35 -30.09
N ILE A 370 25.33 -21.24 -29.32
CA ILE A 370 24.08 -20.87 -28.65
C ILE A 370 24.25 -20.67 -27.14
N ILE A 371 25.46 -20.85 -26.63
CA ILE A 371 25.71 -20.64 -25.19
C ILE A 371 26.37 -19.29 -24.97
N GLY A 372 25.61 -18.36 -24.39
CA GLY A 372 26.13 -17.04 -24.12
C GLY A 372 27.06 -16.94 -22.93
N GLU A 373 26.89 -17.83 -21.95
CA GLU A 373 27.74 -17.87 -20.76
C GLU A 373 27.53 -19.18 -19.98
N VAL A 374 28.61 -19.67 -19.39
CA VAL A 374 28.61 -20.73 -18.39
C VAL A 374 28.93 -20.05 -17.07
N ARG A 375 28.11 -20.26 -16.04
CA ARG A 375 28.33 -19.58 -14.78
C ARG A 375 27.79 -20.37 -13.57
N GLY A 376 28.11 -19.87 -12.38
CA GLY A 376 27.65 -20.50 -11.14
C GLY A 376 28.81 -20.99 -10.29
N ARG A 377 28.49 -21.61 -9.16
CA ARG A 377 29.50 -22.10 -8.24
C ARG A 377 29.04 -23.41 -7.64
N GLY A 378 29.99 -24.27 -7.34
CA GLY A 378 29.68 -25.56 -6.75
C GLY A 378 28.77 -26.41 -7.62
N ALA A 379 27.65 -26.85 -7.05
CA ALA A 379 26.63 -27.61 -7.79
C ALA A 379 25.42 -26.75 -8.09
N MET A 380 25.66 -25.44 -8.27
CA MET A 380 24.62 -24.51 -8.69
C MET A 380 25.16 -23.85 -9.96
N LEU A 381 24.99 -24.54 -11.07
CA LEU A 381 25.66 -24.18 -12.32
C LEU A 381 24.63 -23.98 -13.42
N ALA A 382 24.96 -23.12 -14.40
CA ALA A 382 23.99 -22.76 -15.45
C ALA A 382 24.66 -22.41 -16.76
N ILE A 383 23.88 -22.56 -17.81
CA ILE A 383 24.25 -22.06 -19.14
C ILE A 383 23.13 -21.17 -19.65
N GLU A 384 23.49 -19.98 -20.09
CA GLU A 384 22.50 -19.05 -20.64
C GLU A 384 22.49 -19.22 -22.15
N ILE A 385 21.30 -19.43 -22.69
CA ILE A 385 21.11 -19.78 -24.11
C ILE A 385 20.69 -18.54 -24.91
N VAL A 386 21.41 -18.27 -26.01
CA VAL A 386 21.22 -17.05 -26.80
C VAL A 386 21.17 -17.36 -28.29
N LYS A 387 20.69 -16.39 -29.07
CA LYS A 387 20.73 -16.50 -30.54
C LYS A 387 22.20 -16.30 -30.98
N PRO A 388 22.68 -17.13 -31.93
CA PRO A 388 24.08 -17.09 -32.37
C PRO A 388 24.60 -15.68 -32.66
N GLY A 389 25.77 -15.35 -32.12
CA GLY A 389 26.42 -14.05 -32.37
C GLY A 389 25.82 -12.87 -31.64
N THR A 390 24.96 -13.14 -30.67
CA THR A 390 24.27 -12.09 -29.94
C THR A 390 24.14 -12.48 -28.48
N LEU A 391 23.54 -11.60 -27.69
CA LEU A 391 23.05 -11.92 -26.35
C LEU A 391 21.52 -11.94 -26.30
N GLU A 392 20.87 -11.99 -27.46
CA GLU A 392 19.41 -12.09 -27.49
C GLU A 392 18.98 -13.42 -26.90
N PRO A 393 18.11 -13.40 -25.86
CA PRO A 393 17.68 -14.66 -25.23
C PRO A 393 16.95 -15.57 -26.21
N ASP A 394 17.10 -16.87 -26.05
CA ASP A 394 16.30 -17.84 -26.78
C ASP A 394 15.63 -18.80 -25.77
N ALA A 395 14.54 -18.31 -25.19
CA ALA A 395 13.71 -19.09 -24.27
C ALA A 395 13.11 -20.33 -24.96
N ALA A 396 12.66 -20.17 -26.20
CA ALA A 396 12.05 -21.33 -26.89
C ALA A 396 13.04 -22.49 -27.03
N LEU A 397 14.28 -22.18 -27.40
CA LEU A 397 15.29 -23.21 -27.56
C LEU A 397 15.64 -23.85 -26.24
N THR A 398 15.77 -23.00 -25.21
CA THR A 398 15.97 -23.46 -23.85
C THR A 398 14.91 -24.50 -23.43
N LYS A 399 13.65 -24.18 -23.63
CA LYS A 399 12.57 -25.10 -23.31
C LYS A 399 12.68 -26.40 -24.11
N SER A 400 13.03 -26.29 -25.40
CA SER A 400 13.13 -27.47 -26.24
C SER A 400 14.27 -28.40 -25.79
N ILE A 401 15.39 -27.82 -25.42
CA ILE A 401 16.51 -28.60 -24.94
C ILE A 401 16.11 -29.34 -23.66
N ALA A 402 15.52 -28.62 -22.71
CA ALA A 402 15.08 -29.24 -21.44
C ALA A 402 14.07 -30.36 -21.68
N ALA A 403 13.13 -30.12 -22.59
CA ALA A 403 12.10 -31.14 -22.91
C ALA A 403 12.71 -32.35 -23.60
N GLU A 404 13.67 -32.13 -24.50
CA GLU A 404 14.33 -33.27 -25.18
C GLU A 404 15.12 -34.10 -24.16
N ALA A 405 15.78 -33.44 -23.22
CA ALA A 405 16.50 -34.12 -22.14
C ALA A 405 15.56 -35.03 -21.32
N LEU A 406 14.39 -34.51 -20.95
CA LEU A 406 13.38 -35.29 -20.24
C LEU A 406 12.97 -36.55 -21.01
N SER A 407 12.77 -36.42 -22.32
CA SER A 407 12.43 -37.58 -23.15
C SER A 407 13.54 -38.62 -23.16
N GLN A 408 14.78 -38.17 -22.98
CA GLN A 408 15.91 -39.05 -22.94
C GLN A 408 16.20 -39.57 -21.53
N GLY A 409 15.36 -39.20 -20.56
CA GLY A 409 15.47 -39.71 -19.20
C GLY A 409 16.36 -38.91 -18.27
N VAL A 410 16.48 -37.62 -18.56
CA VAL A 410 17.33 -36.74 -17.75
C VAL A 410 16.50 -35.51 -17.38
N LEU A 411 16.30 -35.30 -16.07
CA LEU A 411 15.45 -34.21 -15.61
C LEU A 411 16.34 -33.02 -15.34
N ILE A 412 16.14 -31.96 -16.13
CA ILE A 412 16.93 -30.74 -16.05
C ILE A 412 16.00 -29.54 -16.06
N LEU A 413 16.18 -28.68 -15.07
CA LEU A 413 15.32 -27.51 -14.92
C LEU A 413 15.85 -26.32 -15.69
N THR A 414 14.96 -25.36 -15.90
CA THR A 414 15.33 -24.09 -16.52
C THR A 414 14.92 -22.98 -15.53
N CYS A 415 15.34 -21.77 -15.86
CA CYS A 415 15.05 -20.58 -15.09
C CYS A 415 15.43 -19.34 -15.90
N GLY A 416 15.40 -18.18 -15.24
CA GLY A 416 15.91 -16.95 -15.85
C GLY A 416 14.86 -15.86 -16.02
N THR A 417 15.27 -14.63 -15.78
CA THR A 417 14.44 -13.48 -16.07
C THR A 417 13.85 -13.54 -17.48
N PHE A 418 14.64 -14.03 -18.43
CA PHE A 418 14.19 -14.12 -19.81
C PHE A 418 13.91 -15.55 -20.28
N GLY A 419 13.86 -16.49 -19.34
CA GLY A 419 13.39 -17.84 -19.62
C GLY A 419 14.40 -18.69 -20.38
N ASN A 420 15.67 -18.26 -20.42
CA ASN A 420 16.67 -18.82 -21.32
C ASN A 420 17.90 -19.37 -20.61
N VAL A 421 17.72 -19.91 -19.42
CA VAL A 421 18.84 -20.46 -18.65
C VAL A 421 18.56 -21.90 -18.31
N ILE A 422 19.46 -22.79 -18.68
CA ILE A 422 19.44 -24.17 -18.26
C ILE A 422 20.25 -24.27 -16.99
N ARG A 423 19.64 -24.75 -15.92
CA ARG A 423 20.35 -24.88 -14.66
C ARG A 423 20.60 -26.31 -14.29
N LEU A 424 21.63 -26.48 -13.48
CA LEU A 424 22.03 -27.78 -12.96
C LEU A 424 22.07 -27.71 -11.43
N LEU A 425 21.25 -28.58 -10.81
CA LEU A 425 21.09 -28.64 -9.36
C LEU A 425 21.04 -30.11 -8.93
N PRO A 426 22.10 -30.86 -9.20
CA PRO A 426 22.05 -32.26 -8.80
C PRO A 426 22.04 -32.46 -7.28
N PRO A 427 21.52 -33.60 -6.81
CA PRO A 427 21.80 -33.96 -5.45
C PRO A 427 23.31 -34.20 -5.34
N LEU A 428 23.90 -33.88 -4.20
CA LEU A 428 25.35 -33.92 -4.06
C LEU A 428 25.84 -35.34 -3.76
N VAL A 429 24.91 -36.28 -3.59
CA VAL A 429 25.21 -37.69 -3.46
C VAL A 429 25.12 -38.44 -4.80
N ILE A 430 24.95 -37.71 -5.90
CA ILE A 430 24.96 -38.35 -7.22
C ILE A 430 26.36 -38.89 -7.46
N GLY A 431 26.44 -40.06 -8.09
CA GLY A 431 27.72 -40.67 -8.48
C GLY A 431 28.33 -39.98 -9.69
N ASP A 432 29.67 -40.04 -9.76
CA ASP A 432 30.42 -39.46 -10.89
C ASP A 432 29.91 -39.97 -12.21
N ASP A 433 29.74 -41.29 -12.33
CA ASP A 433 29.33 -41.85 -13.61
C ASP A 433 27.94 -41.39 -14.04
N LEU A 434 26.98 -41.34 -13.11
CA LEU A 434 25.62 -40.94 -13.51
C LEU A 434 25.58 -39.45 -13.82
N LEU A 435 26.32 -38.64 -13.07
CA LEU A 435 26.38 -37.21 -13.40
C LEU A 435 26.97 -36.98 -14.80
N ASP A 436 28.09 -37.65 -15.07
CA ASP A 436 28.72 -37.61 -16.38
C ASP A 436 27.74 -38.02 -17.50
N GLU A 437 26.97 -39.08 -17.25
CA GLU A 437 25.99 -39.55 -18.24
C GLU A 437 24.96 -38.47 -18.51
N GLY A 438 24.48 -37.84 -17.45
CA GLY A 438 23.51 -36.74 -17.61
C GLY A 438 24.06 -35.54 -18.37
N ILE A 439 25.29 -35.16 -18.07
CA ILE A 439 25.90 -34.00 -18.72
C ILE A 439 26.19 -34.31 -20.20
N THR A 440 26.60 -35.53 -20.48
CA THR A 440 26.79 -35.98 -21.87
C THR A 440 25.49 -35.97 -22.64
N ALA A 441 24.40 -36.46 -22.05
CA ALA A 441 23.09 -36.42 -22.71
C ALA A 441 22.66 -35.00 -23.05
N LEU A 442 22.82 -34.08 -22.08
CA LEU A 442 22.53 -32.65 -22.30
C LEU A 442 23.41 -32.04 -23.45
N SER A 443 24.70 -32.35 -23.40
CA SER A 443 25.67 -31.85 -24.37
C SER A 443 25.30 -32.29 -25.78
N ASP A 444 24.97 -33.56 -25.93
CA ASP A 444 24.55 -34.10 -27.25
C ASP A 444 23.32 -33.38 -27.77
N ILE A 445 22.34 -33.15 -26.89
CA ILE A 445 21.15 -32.39 -27.25
C ILE A 445 21.50 -30.95 -27.66
N ILE A 446 22.38 -30.29 -26.91
CA ILE A 446 22.79 -28.93 -27.27
C ILE A 446 23.50 -28.88 -28.65
N ARG A 447 24.43 -29.80 -28.87
CA ARG A 447 25.07 -29.95 -30.20
C ARG A 447 24.06 -30.14 -31.32
N ALA A 448 23.07 -31.00 -31.09
CA ALA A 448 22.03 -31.27 -32.08
C ALA A 448 21.26 -29.98 -32.41
N LYS A 449 20.97 -29.18 -31.38
CA LYS A 449 20.25 -27.92 -31.58
C LYS A 449 21.11 -26.80 -32.19
N ALA A 450 22.42 -26.90 -32.04
CA ALA A 450 23.31 -25.84 -32.52
C ALA A 450 23.89 -26.18 -33.90
N ILE B 8 -4.63 -50.25 27.98
CA ILE B 8 -3.80 -51.25 27.25
C ILE B 8 -3.46 -50.79 25.82
N THR B 9 -4.26 -49.84 25.33
CA THR B 9 -4.27 -49.39 23.95
C THR B 9 -3.33 -48.17 23.73
N TYR B 10 -3.28 -47.26 24.70
CA TYR B 10 -2.45 -46.07 24.54
C TYR B 10 -0.98 -46.40 24.73
N ARG B 11 -0.12 -45.60 24.10
CA ARG B 11 1.31 -45.75 24.24
C ARG B 11 1.85 -45.16 25.54
N LEU B 12 1.36 -43.98 25.93
CA LEU B 12 1.71 -43.36 27.22
C LEU B 12 0.60 -43.61 28.23
N ALA B 13 0.98 -43.65 29.51
CA ALA B 13 -0.03 -43.75 30.56
C ALA B 13 -0.95 -42.55 30.54
N GLN B 14 -2.26 -42.80 30.56
CA GLN B 14 -3.24 -41.69 30.48
C GLN B 14 -3.55 -41.22 31.89
N LYS B 15 -2.55 -40.57 32.47
CA LYS B 15 -2.57 -40.11 33.84
C LYS B 15 -1.90 -38.73 33.91
N ARG B 16 -2.31 -37.96 34.91
CA ARG B 16 -1.64 -36.71 35.27
C ARG B 16 -0.63 -37.02 36.36
N THR B 17 0.64 -36.66 36.14
CA THR B 17 1.74 -37.03 37.03
C THR B 17 2.68 -35.86 37.17
N ILE B 18 2.64 -35.19 38.34
CA ILE B 18 3.51 -34.04 38.54
C ILE B 18 4.32 -34.32 39.80
N VAL B 19 5.61 -34.62 39.62
CA VAL B 19 6.45 -35.14 40.71
C VAL B 19 7.83 -34.48 40.76
N THR B 20 7.99 -33.31 40.16
CA THR B 20 9.22 -32.53 40.23
C THR B 20 8.78 -31.08 40.32
N PRO B 21 9.70 -30.17 40.64
CA PRO B 21 9.35 -28.76 40.42
C PRO B 21 9.09 -28.51 38.92
N LEU B 22 8.35 -27.45 38.61
CA LEU B 22 8.06 -27.10 37.23
C LEU B 22 8.67 -25.73 36.90
N PRO B 23 9.60 -25.68 35.94
CA PRO B 23 10.21 -26.81 35.21
C PRO B 23 11.13 -27.64 36.09
N GLY B 24 11.28 -28.91 35.74
CA GLY B 24 12.23 -29.80 36.40
C GLY B 24 13.63 -29.62 35.88
N PRO B 25 14.59 -30.42 36.37
CA PRO B 25 15.98 -30.16 36.01
C PRO B 25 16.35 -30.33 34.53
N ARG B 26 15.82 -31.36 33.89
CA ARG B 26 16.15 -31.59 32.48
CA ARG B 26 16.15 -31.59 32.48
C ARG B 26 15.50 -30.50 31.61
N SER B 27 14.26 -30.14 31.92
CA SER B 27 13.61 -29.02 31.23
C SER B 27 14.40 -27.73 31.46
N GLY B 28 14.87 -27.51 32.70
CA GLY B 28 15.63 -26.31 32.99
C GLY B 28 16.90 -26.20 32.19
N ALA B 29 17.61 -27.30 32.02
CA ALA B 29 18.84 -27.33 31.22
C ALA B 29 18.52 -27.05 29.73
N LEU B 30 17.42 -27.61 29.24
CA LEU B 30 16.98 -27.33 27.86
C LEU B 30 16.61 -25.86 27.68
N ALA B 31 15.99 -25.28 28.71
CA ALA B 31 15.58 -23.87 28.66
C ALA B 31 16.79 -22.93 28.60
N GLU B 32 17.86 -23.25 29.32
CA GLU B 32 19.08 -22.45 29.21
CA GLU B 32 19.11 -22.48 29.22
C GLU B 32 19.61 -22.50 27.77
N ARG B 33 19.64 -23.70 27.18
CA ARG B 33 20.03 -23.84 25.77
C ARG B 33 19.13 -23.06 24.85
N ARG B 34 17.83 -23.13 25.10
CA ARG B 34 16.85 -22.47 24.26
C ARG B 34 17.05 -20.95 24.29
N ARG B 35 17.25 -20.38 25.48
CA ARG B 35 17.47 -18.92 25.59
C ARG B 35 18.78 -18.46 24.94
N ALA B 36 19.76 -19.35 24.84
CA ALA B 36 21.05 -19.02 24.21
C ALA B 36 21.02 -19.10 22.68
N ALA B 37 20.02 -19.82 22.14
CA ALA B 37 19.99 -20.14 20.70
C ALA B 37 18.78 -19.61 19.93
N VAL B 38 17.63 -19.54 20.58
CA VAL B 38 16.36 -19.21 19.91
C VAL B 38 15.94 -17.76 20.15
N SER B 39 15.49 -17.09 19.10
CA SER B 39 15.01 -15.72 19.19
C SER B 39 13.99 -15.52 20.31
N ALA B 40 14.15 -14.41 21.05
CA ALA B 40 13.23 -14.06 22.13
C ALA B 40 11.84 -13.66 21.59
N GLY B 41 11.76 -13.42 20.28
CA GLY B 41 10.48 -13.13 19.65
C GLY B 41 9.55 -14.33 19.55
N VAL B 42 10.10 -15.53 19.69
CA VAL B 42 9.25 -16.71 19.66
C VAL B 42 8.41 -16.89 20.95
N GLY B 43 9.04 -17.21 22.05
CA GLY B 43 8.27 -17.48 23.30
C GLY B 43 7.45 -18.77 23.33
N SER B 44 7.21 -19.29 24.54
CA SER B 44 6.41 -20.51 24.75
C SER B 44 5.50 -20.38 25.98
N THR B 45 4.31 -20.95 25.90
CA THR B 45 3.37 -21.01 27.02
C THR B 45 3.92 -21.79 28.22
N ALA B 46 4.39 -23.00 27.96
CA ALA B 46 4.85 -23.90 29.01
C ALA B 46 6.37 -23.82 29.18
N PRO B 47 6.83 -23.97 30.43
CA PRO B 47 8.26 -23.98 30.69
C PRO B 47 8.91 -25.37 30.63
N VAL B 48 8.11 -26.39 30.34
CA VAL B 48 8.60 -27.76 30.32
C VAL B 48 8.79 -28.15 28.85
N TYR B 49 9.74 -29.05 28.61
CA TYR B 49 10.11 -29.53 27.26
C TYR B 49 9.57 -30.96 27.04
N ALA B 50 8.87 -31.12 25.92
CA ALA B 50 8.16 -32.36 25.59
C ALA B 50 9.12 -33.40 25.07
N VAL B 51 8.91 -34.64 25.50
CA VAL B 51 9.58 -35.82 24.91
C VAL B 51 8.60 -36.79 24.25
N ASP B 52 7.33 -36.77 24.65
CA ASP B 52 6.32 -37.67 24.08
C ASP B 52 4.98 -37.00 24.26
N ALA B 53 4.10 -37.20 23.30
CA ALA B 53 2.73 -36.73 23.42
C ALA B 53 1.83 -37.76 22.73
N ASP B 54 0.79 -38.19 23.45
CA ASP B 54 -0.04 -39.33 23.02
C ASP B 54 -1.37 -39.30 23.74
N GLY B 55 -2.43 -39.61 23.01
CA GLY B 55 -3.73 -39.67 23.64
C GLY B 55 -4.08 -38.32 24.19
N GLY B 56 -4.33 -38.23 25.51
CA GLY B 56 -4.60 -36.94 26.13
C GLY B 56 -3.48 -36.39 27.00
N VAL B 57 -2.25 -36.88 26.83
CA VAL B 57 -1.14 -36.42 27.69
C VAL B 57 0.10 -35.95 26.93
N ILE B 58 0.86 -35.09 27.61
CA ILE B 58 2.20 -34.71 27.19
C ILE B 58 3.15 -35.09 28.31
N VAL B 59 4.19 -35.83 27.98
CA VAL B 59 5.22 -36.19 28.94
C VAL B 59 6.47 -35.35 28.68
N ASP B 60 7.00 -34.73 29.73
CA ASP B 60 8.12 -33.83 29.62
C ASP B 60 9.43 -34.51 29.88
N ALA B 61 10.51 -33.75 29.74
CA ALA B 61 11.86 -34.29 29.84
C ALA B 61 12.21 -34.84 31.22
N ASP B 62 11.43 -34.46 32.23
CA ASP B 62 11.65 -34.92 33.60
C ASP B 62 10.71 -36.03 34.05
N GLY B 63 9.86 -36.47 33.12
CA GLY B 63 8.93 -37.54 33.35
C GLY B 63 7.60 -37.14 33.94
N ASN B 64 7.31 -35.84 34.00
CA ASN B 64 5.97 -35.39 34.35
C ASN B 64 5.02 -35.64 33.19
N SER B 65 3.75 -35.81 33.51
CA SER B 65 2.69 -36.07 32.54
C SER B 65 1.58 -35.04 32.72
N PHE B 66 1.37 -34.23 31.69
CA PHE B 66 0.34 -33.21 31.69
C PHE B 66 -0.89 -33.61 30.91
N ILE B 67 -2.07 -33.24 31.40
CA ILE B 67 -3.28 -33.42 30.59
C ILE B 67 -3.28 -32.36 29.50
N ASP B 68 -3.46 -32.79 28.24
CA ASP B 68 -3.31 -31.91 27.08
C ASP B 68 -4.71 -31.43 26.64
N LEU B 69 -5.08 -30.21 27.03
CA LEU B 69 -6.36 -29.64 26.58
C LEU B 69 -6.18 -28.57 25.49
N GLY B 70 -5.02 -28.60 24.83
CA GLY B 70 -4.69 -27.66 23.76
C GLY B 70 -4.48 -28.27 22.37
N ALA B 71 -4.10 -29.55 22.30
CA ALA B 71 -3.78 -30.19 21.04
C ALA B 71 -2.77 -29.41 20.16
N GLY B 72 -1.82 -28.69 20.76
CA GLY B 72 -0.83 -27.95 19.96
C GLY B 72 -1.50 -26.82 19.18
N ILE B 73 -2.53 -26.25 19.79
CA ILE B 73 -3.47 -25.28 19.20
C ILE B 73 -4.34 -25.93 18.11
N ALA B 74 -5.13 -26.93 18.52
CA ALA B 74 -6.13 -27.55 17.66
C ALA B 74 -5.55 -28.33 16.48
N VAL B 75 -4.33 -28.86 16.62
CA VAL B 75 -3.65 -29.54 15.52
C VAL B 75 -3.74 -31.06 15.69
N THR B 76 -3.38 -31.56 16.86
CA THR B 76 -3.29 -33.02 17.07
C THR B 76 -4.63 -33.63 17.51
N THR B 77 -5.66 -33.32 16.73
CA THR B 77 -7.00 -33.89 16.84
C THR B 77 -7.03 -35.40 16.91
N VAL B 78 -6.20 -36.07 16.09
CA VAL B 78 -6.12 -37.53 16.12
C VAL B 78 -5.16 -38.08 17.18
N GLY B 79 -4.65 -37.20 18.05
CA GLY B 79 -3.55 -37.54 18.96
C GLY B 79 -2.26 -37.06 18.34
N ALA B 80 -1.28 -36.78 19.18
CA ALA B 80 0.01 -36.25 18.72
C ALA B 80 1.04 -37.30 18.26
N SER B 81 0.73 -38.59 18.37
CA SER B 81 1.61 -39.63 17.87
C SER B 81 0.81 -40.87 17.48
N HIS B 82 -0.27 -40.64 16.74
CA HIS B 82 -1.11 -41.75 16.34
C HIS B 82 -0.30 -42.76 15.55
N PRO B 83 -0.35 -44.05 15.93
CA PRO B 83 0.56 -44.99 15.28
C PRO B 83 0.37 -45.16 13.77
N ALA B 84 -0.84 -44.97 13.27
CA ALA B 84 -1.07 -45.01 11.83
C ALA B 84 -0.46 -43.82 11.10
N VAL B 85 -0.53 -42.64 11.73
CA VAL B 85 0.09 -41.43 11.20
C VAL B 85 1.62 -41.63 11.21
N ALA B 86 2.14 -42.08 12.34
CA ALA B 86 3.57 -42.34 12.46
C ALA B 86 4.05 -43.34 11.39
N ALA B 87 3.32 -44.44 11.21
CA ALA B 87 3.73 -45.45 10.24
C ALA B 87 3.69 -44.92 8.79
N ALA B 88 2.67 -44.12 8.47
CA ALA B 88 2.55 -43.53 7.13
C ALA B 88 3.72 -42.57 6.84
N ILE B 89 4.10 -41.78 7.85
CA ILE B 89 5.23 -40.86 7.75
C ILE B 89 6.52 -41.63 7.51
N ALA B 90 6.75 -42.64 8.35
CA ALA B 90 7.95 -43.46 8.22
C ALA B 90 8.05 -44.09 6.83
N ASP B 91 6.96 -44.67 6.37
CA ASP B 91 6.94 -45.41 5.13
C ASP B 91 7.23 -44.49 3.92
N GLN B 92 6.57 -43.33 3.87
CA GLN B 92 6.80 -42.43 2.77
C GLN B 92 8.24 -41.93 2.72
N ALA B 93 8.80 -41.62 3.89
CA ALA B 93 10.17 -41.11 3.95
C ALA B 93 11.20 -42.11 3.39
N THR B 94 10.93 -43.41 3.45
CA THR B 94 11.87 -44.38 2.89
C THR B 94 11.87 -44.35 1.37
N HIS B 95 10.78 -43.86 0.77
CA HIS B 95 10.67 -43.78 -0.69
C HIS B 95 11.15 -42.45 -1.22
N PHE B 96 10.60 -41.38 -0.67
CA PHE B 96 11.10 -40.02 -0.95
C PHE B 96 10.45 -39.01 -0.03
N THR B 97 11.28 -38.10 0.46
CA THR B 97 10.82 -37.01 1.30
C THR B 97 10.19 -35.87 0.48
N HIS B 98 10.62 -35.74 -0.80
CA HIS B 98 10.35 -34.53 -1.59
C HIS B 98 10.82 -34.73 -3.02
N THR B 99 10.00 -34.34 -3.97
CA THR B 99 10.42 -34.18 -5.39
C THR B 99 10.05 -32.79 -5.94
N CYS B 100 9.29 -32.03 -5.15
CA CYS B 100 8.61 -30.78 -5.58
C CYS B 100 7.49 -31.14 -6.53
N PHE B 101 6.24 -31.06 -6.07
CA PHE B 101 5.11 -31.48 -6.89
C PHE B 101 5.05 -30.74 -8.25
N MET B 102 5.48 -29.48 -8.25
CA MET B 102 5.55 -28.69 -9.48
C MET B 102 6.66 -29.12 -10.44
N VAL B 103 7.58 -29.96 -9.96
CA VAL B 103 8.58 -30.53 -10.84
C VAL B 103 8.15 -31.95 -11.24
N THR B 104 8.18 -32.88 -10.27
CA THR B 104 7.78 -34.26 -10.49
C THR B 104 6.63 -34.58 -9.56
N PRO B 105 5.41 -34.73 -10.13
CA PRO B 105 4.26 -34.94 -9.25
C PRO B 105 4.21 -36.36 -8.69
N TYR B 106 3.26 -36.61 -7.80
CA TYR B 106 3.14 -37.89 -7.10
C TYR B 106 1.72 -38.10 -6.60
N GLU B 107 1.36 -39.37 -6.40
CA GLU B 107 0.02 -39.79 -6.05
C GLU B 107 -0.48 -39.22 -4.71
N GLN B 108 0.42 -39.05 -3.76
CA GLN B 108 -0.02 -38.67 -2.40
C GLN B 108 -0.70 -37.29 -2.41
N TYR B 109 -0.21 -36.39 -3.25
CA TYR B 109 -0.80 -35.05 -3.35
C TYR B 109 -2.19 -35.16 -3.94
N VAL B 110 -2.30 -35.96 -5.01
CA VAL B 110 -3.58 -36.19 -5.68
C VAL B 110 -4.61 -36.79 -4.74
N GLN B 111 -4.18 -37.74 -3.91
CA GLN B 111 -5.06 -38.41 -2.93
CA GLN B 111 -5.11 -38.38 -3.00
C GLN B 111 -5.65 -37.42 -1.95
N VAL B 112 -4.78 -36.54 -1.42
CA VAL B 112 -5.25 -35.54 -0.45
C VAL B 112 -6.23 -34.59 -1.15
N ALA B 113 -5.92 -34.17 -2.36
CA ALA B 113 -6.83 -33.30 -3.11
C ALA B 113 -8.20 -33.97 -3.28
N GLU B 114 -8.19 -35.24 -3.68
CA GLU B 114 -9.44 -35.99 -3.85
C GLU B 114 -10.25 -36.06 -2.54
N LEU B 115 -9.56 -36.38 -1.44
CA LEU B 115 -10.22 -36.46 -0.14
C LEU B 115 -10.87 -35.12 0.27
N LEU B 116 -10.15 -34.02 0.06
CA LEU B 116 -10.64 -32.70 0.47
C LEU B 116 -11.75 -32.20 -0.44
N ASN B 117 -11.64 -32.45 -1.75
CA ASN B 117 -12.74 -32.12 -2.65
C ASN B 117 -14.06 -32.79 -2.22
N ALA B 118 -13.97 -34.06 -1.81
CA ALA B 118 -15.12 -34.84 -1.33
C ALA B 118 -15.65 -34.35 0.01
N LEU B 119 -14.75 -33.93 0.88
CA LEU B 119 -15.12 -33.71 2.29
C LEU B 119 -15.74 -32.35 2.55
N THR B 120 -15.33 -31.35 1.76
CA THR B 120 -15.75 -29.97 1.96
C THR B 120 -17.21 -29.78 1.56
N PRO B 121 -17.82 -28.67 2.01
CA PRO B 121 -19.25 -28.52 1.75
C PRO B 121 -19.59 -28.41 0.27
N GLY B 122 -20.78 -28.89 -0.11
CA GLY B 122 -21.28 -28.75 -1.47
C GLY B 122 -20.95 -29.92 -2.38
N ASP B 123 -21.78 -30.16 -3.38
CA ASP B 123 -21.64 -31.26 -4.32
CA ASP B 123 -21.55 -31.28 -4.29
C ASP B 123 -21.15 -30.79 -5.68
N HIS B 124 -20.82 -29.51 -5.78
CA HIS B 124 -20.33 -28.90 -7.01
C HIS B 124 -18.89 -29.29 -7.29
N ASP B 125 -18.44 -28.97 -8.51
CA ASP B 125 -17.10 -29.35 -8.99
C ASP B 125 -16.04 -28.52 -8.28
N LYS B 126 -15.06 -29.18 -7.67
CA LYS B 126 -14.03 -28.50 -6.86
C LYS B 126 -12.62 -28.91 -7.27
N ARG B 127 -11.64 -28.07 -6.95
CA ARG B 127 -10.22 -28.42 -7.06
C ARG B 127 -9.49 -27.95 -5.83
N THR B 128 -8.34 -28.56 -5.57
CA THR B 128 -7.51 -28.27 -4.42
C THR B 128 -6.08 -27.89 -4.81
N ALA B 129 -5.46 -27.00 -4.03
CA ALA B 129 -4.01 -26.78 -4.10
C ALA B 129 -3.47 -26.87 -2.69
N LEU B 130 -2.27 -27.44 -2.54
CA LEU B 130 -1.70 -27.67 -1.23
C LEU B 130 -0.48 -26.81 -0.97
N PHE B 131 -0.35 -26.36 0.29
CA PHE B 131 0.78 -25.56 0.75
C PHE B 131 1.27 -26.12 2.09
N ASN B 132 1.99 -25.31 2.87
CA ASN B 132 2.55 -25.79 4.12
C ASN B 132 1.79 -25.29 5.33
N SER B 133 1.59 -23.98 5.43
CA SER B 133 0.98 -23.39 6.63
C SER B 133 -0.42 -22.88 6.35
N GLY B 134 -1.18 -22.66 7.41
CA GLY B 134 -2.48 -22.01 7.24
C GLY B 134 -2.37 -20.63 6.62
N ALA B 135 -1.35 -19.86 7.02
CA ALA B 135 -1.17 -18.53 6.43
C ALA B 135 -0.99 -18.63 4.91
N GLU B 136 -0.22 -19.61 4.47
CA GLU B 136 -0.01 -19.80 3.03
C GLU B 136 -1.30 -20.17 2.32
N ALA B 137 -2.12 -20.98 2.97
CA ALA B 137 -3.45 -21.35 2.41
C ALA B 137 -4.30 -20.09 2.24
N VAL B 138 -4.32 -19.23 3.25
CA VAL B 138 -5.09 -17.98 3.17
C VAL B 138 -4.53 -17.08 2.08
N GLU B 139 -3.22 -16.92 2.02
CA GLU B 139 -2.58 -16.16 0.93
C GLU B 139 -3.05 -16.63 -0.45
N ASN B 140 -3.07 -17.94 -0.64
CA ASN B 140 -3.41 -18.50 -1.94
C ASN B 140 -4.91 -18.42 -2.27
N ALA B 141 -5.76 -18.53 -1.23
CA ALA B 141 -7.21 -18.29 -1.42
C ALA B 141 -7.45 -16.86 -1.91
N ILE B 142 -6.72 -15.92 -1.32
CA ILE B 142 -6.85 -14.50 -1.72
C ILE B 142 -6.33 -14.29 -3.16
N LYS B 143 -5.21 -14.93 -3.50
CA LYS B 143 -4.67 -14.89 -4.87
C LYS B 143 -5.67 -15.40 -5.90
N VAL B 144 -6.29 -16.54 -5.61
CA VAL B 144 -7.33 -17.11 -6.49
C VAL B 144 -8.49 -16.13 -6.67
N ALA B 145 -8.99 -15.60 -5.55
CA ALA B 145 -10.16 -14.70 -5.59
C ALA B 145 -9.86 -13.45 -6.40
N ARG B 146 -8.68 -12.86 -6.16
CA ARG B 146 -8.27 -11.65 -6.84
C ARG B 146 -8.10 -11.91 -8.34
N LEU B 147 -7.41 -12.98 -8.71
CA LEU B 147 -7.17 -13.25 -10.15
C LEU B 147 -8.51 -13.59 -10.84
N ALA B 148 -9.32 -14.44 -10.21
CA ALA B 148 -10.57 -14.92 -10.82
C ALA B 148 -11.58 -13.80 -11.00
N THR B 149 -11.70 -12.92 -10.00
CA THR B 149 -12.67 -11.83 -10.09
C THR B 149 -12.14 -10.60 -10.83
N GLY B 150 -10.82 -10.46 -10.89
CA GLY B 150 -10.22 -9.24 -11.44
C GLY B 150 -10.43 -8.00 -10.57
N ARG B 151 -10.79 -8.23 -9.29
CA ARG B 151 -11.10 -7.15 -8.34
C ARG B 151 -10.05 -7.06 -7.22
N PRO B 152 -9.83 -5.85 -6.66
CA PRO B 152 -8.69 -5.70 -5.75
C PRO B 152 -8.94 -5.95 -4.25
N ALA B 153 -10.10 -5.54 -3.75
CA ALA B 153 -10.29 -5.43 -2.30
C ALA B 153 -10.68 -6.76 -1.66
N VAL B 154 -10.32 -6.89 -0.39
CA VAL B 154 -10.69 -8.02 0.45
C VAL B 154 -11.24 -7.49 1.77
N VAL B 155 -12.34 -8.09 2.21
CA VAL B 155 -12.95 -7.81 3.52
C VAL B 155 -12.59 -8.89 4.51
N ALA B 156 -12.10 -8.47 5.68
CA ALA B 156 -11.96 -9.30 6.85
C ALA B 156 -12.67 -8.60 8.03
N PHE B 157 -12.69 -9.24 9.19
CA PHE B 157 -13.64 -8.80 10.22
C PHE B 157 -13.00 -8.53 11.55
N ASP B 158 -13.73 -7.79 12.36
CA ASP B 158 -13.34 -7.61 13.75
C ASP B 158 -13.19 -9.01 14.37
N ASN B 159 -12.21 -9.13 15.26
CA ASN B 159 -11.92 -10.37 16.01
C ASN B 159 -11.28 -11.49 15.18
N ALA B 160 -10.92 -11.20 13.93
CA ALA B 160 -10.35 -12.20 13.02
C ALA B 160 -8.90 -12.46 13.28
N TYR B 161 -8.48 -13.67 12.92
CA TYR B 161 -7.07 -14.04 12.91
C TYR B 161 -6.83 -14.98 11.73
N HIS B 162 -5.83 -14.67 10.89
CA HIS B 162 -5.55 -15.45 9.70
C HIS B 162 -4.09 -15.79 9.45
N GLY B 163 -3.18 -15.30 10.28
CA GLY B 163 -1.76 -15.66 10.14
C GLY B 163 -0.76 -14.52 10.31
N ARG B 164 0.51 -14.87 10.17
CA ARG B 164 1.63 -13.96 10.51
C ARG B 164 2.45 -13.47 9.31
N THR B 165 2.01 -13.71 8.09
CA THR B 165 2.69 -13.13 6.91
C THR B 165 2.18 -11.70 6.77
N ASN B 166 2.80 -10.92 5.89
CA ASN B 166 2.36 -9.53 5.75
C ASN B 166 0.87 -9.44 5.44
N LEU B 167 0.39 -10.12 4.41
CA LEU B 167 -1.05 -10.08 4.07
C LEU B 167 -1.95 -10.70 5.15
N THR B 168 -1.53 -11.83 5.73
CA THR B 168 -2.37 -12.42 6.77
C THR B 168 -2.36 -11.61 8.07
N MET B 169 -1.27 -10.90 8.36
CA MET B 169 -1.27 -9.87 9.41
C MET B 169 -2.29 -8.76 9.06
N ALA B 170 -2.27 -8.29 7.82
CA ALA B 170 -3.24 -7.29 7.35
C ALA B 170 -4.67 -7.76 7.64
N LEU B 171 -4.94 -9.02 7.37
CA LEU B 171 -6.29 -9.57 7.51
C LEU B 171 -6.67 -9.84 8.97
N THR B 172 -5.66 -9.99 9.81
CA THR B 172 -5.81 -10.21 11.25
C THR B 172 -6.16 -8.92 11.96
N ALA B 173 -7.07 -9.00 12.94
CA ALA B 173 -7.61 -7.78 13.59
C ALA B 173 -6.67 -7.26 14.68
N LYS B 174 -6.23 -8.13 15.58
CA LYS B 174 -5.55 -7.69 16.79
C LYS B 174 -4.08 -7.36 16.52
N SER B 175 -3.63 -6.19 16.97
CA SER B 175 -2.27 -5.73 16.68
C SER B 175 -1.19 -6.43 17.50
N MET B 176 -1.45 -6.62 18.80
CA MET B 176 -0.46 -7.23 19.68
C MET B 176 -0.86 -8.68 20.03
N PRO B 177 0.05 -9.65 19.79
CA PRO B 177 1.41 -9.60 19.29
C PRO B 177 1.55 -9.90 17.80
N TYR B 178 0.49 -9.82 17.02
CA TYR B 178 0.54 -10.33 15.66
C TYR B 178 1.09 -9.39 14.61
N LYS B 179 0.85 -8.08 14.77
CA LYS B 179 1.09 -7.09 13.71
C LYS B 179 1.99 -5.93 14.13
N SER B 180 1.98 -5.56 15.41
CA SER B 180 2.58 -4.30 15.83
C SER B 180 4.04 -4.19 15.39
N GLN B 181 4.35 -3.11 14.67
CA GLN B 181 5.72 -2.75 14.22
C GLN B 181 6.23 -3.56 13.00
N PHE B 182 5.35 -4.35 12.40
CA PHE B 182 5.70 -5.20 11.26
C PHE B 182 5.19 -4.72 9.90
N GLY B 183 4.49 -3.60 9.88
CA GLY B 183 3.99 -3.03 8.62
C GLY B 183 5.02 -2.18 7.89
N PRO B 184 4.59 -1.46 6.84
CA PRO B 184 3.21 -1.33 6.39
C PRO B 184 2.64 -2.60 5.77
N PHE B 185 1.31 -2.66 5.75
CA PHE B 185 0.59 -3.91 5.42
C PHE B 185 0.01 -3.90 4.02
N ALA B 186 -0.21 -5.11 3.51
CA ALA B 186 -0.75 -5.36 2.17
C ALA B 186 -1.98 -4.50 1.93
N PRO B 187 -2.05 -3.81 0.79
CA PRO B 187 -3.16 -2.85 0.63
C PRO B 187 -4.49 -3.46 0.23
N GLU B 188 -5.50 -2.59 0.32
CA GLU B 188 -6.88 -2.90 -0.09
C GLU B 188 -7.51 -4.04 0.74
N VAL B 189 -7.14 -4.08 2.02
CA VAL B 189 -7.83 -4.88 3.01
C VAL B 189 -8.69 -3.94 3.84
N TYR B 190 -9.97 -4.28 3.98
CA TYR B 190 -10.95 -3.47 4.69
C TYR B 190 -11.53 -4.31 5.83
N ARG B 191 -11.61 -3.73 7.02
CA ARG B 191 -12.17 -4.43 8.15
C ARG B 191 -13.63 -4.04 8.37
N MET B 192 -14.47 -5.04 8.62
CA MET B 192 -15.88 -4.85 8.93
C MET B 192 -16.28 -5.52 10.24
N PRO B 193 -17.38 -5.02 10.86
CA PRO B 193 -17.95 -5.73 11.99
C PRO B 193 -18.59 -7.05 11.54
N ALA B 194 -18.43 -8.10 12.34
CA ALA B 194 -19.14 -9.35 12.15
C ALA B 194 -20.18 -9.53 13.27
N SER B 195 -20.28 -10.71 13.84
CA SER B 195 -21.23 -10.98 14.91
C SER B 195 -20.47 -11.47 16.15
N TYR B 196 -20.71 -10.84 17.28
CA TYR B 196 -20.12 -11.20 18.58
C TYR B 196 -21.28 -11.04 19.60
N PRO B 197 -22.09 -12.09 19.72
CA PRO B 197 -23.36 -12.01 20.48
C PRO B 197 -23.24 -11.45 21.89
N LEU B 198 -22.23 -11.86 22.64
CA LEU B 198 -22.05 -11.35 24.00
C LEU B 198 -21.94 -9.85 24.06
N ARG B 199 -21.20 -9.27 23.11
CA ARG B 199 -20.82 -7.88 23.19
C ARG B 199 -21.57 -7.00 22.22
N ASP B 200 -22.32 -7.60 21.29
CA ASP B 200 -23.13 -6.82 20.37
C ASP B 200 -24.39 -6.35 21.10
N GLU B 201 -25.11 -5.43 20.47
CA GLU B 201 -26.38 -4.97 20.98
C GLU B 201 -27.30 -6.15 21.38
N PRO B 202 -27.86 -6.13 22.61
CA PRO B 202 -28.74 -7.23 23.01
C PRO B 202 -29.87 -7.52 22.01
N GLY B 203 -30.08 -8.78 21.70
CA GLY B 203 -31.18 -9.17 20.79
C GLY B 203 -30.88 -9.01 19.30
N LEU B 204 -29.71 -8.50 18.95
CA LEU B 204 -29.35 -8.34 17.55
C LEU B 204 -29.40 -9.70 16.89
N THR B 205 -30.11 -9.80 15.77
CA THR B 205 -30.14 -11.05 15.01
C THR B 205 -28.93 -11.17 14.10
N GLY B 206 -28.56 -12.40 13.75
CA GLY B 206 -27.48 -12.62 12.79
C GLY B 206 -27.75 -11.97 11.45
N GLU B 207 -28.99 -12.01 11.02
CA GLU B 207 -29.38 -11.39 9.76
C GLU B 207 -29.13 -9.88 9.80
N GLU B 208 -29.53 -9.24 10.89
CA GLU B 208 -29.30 -7.80 11.04
C GLU B 208 -27.81 -7.48 11.14
N ALA B 209 -27.06 -8.27 11.91
CA ALA B 209 -25.60 -8.09 11.97
C ALA B 209 -24.99 -8.16 10.56
N ALA B 210 -25.47 -9.10 9.75
CA ALA B 210 -24.96 -9.26 8.39
C ALA B 210 -25.35 -8.08 7.51
N ARG B 211 -26.58 -7.62 7.65
CA ARG B 211 -27.04 -6.46 6.86
C ARG B 211 -26.25 -5.19 7.19
N ARG B 212 -25.85 -5.04 8.45
CA ARG B 212 -25.00 -3.93 8.84
C ARG B 212 -23.63 -4.00 8.14
N ALA B 213 -23.06 -5.20 8.09
CA ALA B 213 -21.76 -5.38 7.42
C ALA B 213 -21.91 -5.13 5.92
N ILE B 214 -22.98 -5.66 5.34
CA ILE B 214 -23.24 -5.52 3.92
C ILE B 214 -23.42 -4.04 3.55
N SER B 215 -24.20 -3.32 4.35
CA SER B 215 -24.41 -1.90 4.13
C SER B 215 -23.08 -1.14 4.11
N ARG B 216 -22.22 -1.41 5.08
CA ARG B 216 -20.91 -0.75 5.17
CA ARG B 216 -20.93 -0.73 5.16
C ARG B 216 -20.04 -1.11 3.98
N ILE B 217 -20.10 -2.36 3.55
CA ILE B 217 -19.34 -2.83 2.41
C ILE B 217 -19.78 -2.11 1.15
N GLU B 218 -21.10 -2.03 0.95
CA GLU B 218 -21.65 -1.37 -0.23
C GLU B 218 -21.27 0.12 -0.25
N THR B 219 -21.37 0.77 0.92
CA THR B 219 -21.06 2.19 1.02
C THR B 219 -19.57 2.48 0.79
N GLN B 220 -18.72 1.70 1.42
CA GLN B 220 -17.30 2.05 1.58
C GLN B 220 -16.38 1.39 0.57
N ILE B 221 -16.85 0.30 -0.06
CA ILE B 221 -16.03 -0.43 -1.04
C ILE B 221 -16.73 -0.54 -2.39
N GLY B 222 -17.97 -1.04 -2.38
CA GLY B 222 -18.69 -1.33 -3.61
C GLY B 222 -18.37 -2.72 -4.07
N ALA B 223 -19.41 -3.50 -4.36
CA ALA B 223 -19.22 -4.89 -4.79
C ALA B 223 -18.30 -4.98 -5.98
N GLN B 224 -18.32 -4.01 -6.89
CA GLN B 224 -17.52 -4.14 -8.11
C GLN B 224 -16.00 -4.07 -7.85
N SER B 225 -15.59 -3.63 -6.65
CA SER B 225 -14.19 -3.58 -6.30
C SER B 225 -13.78 -4.69 -5.35
N LEU B 226 -14.75 -5.51 -4.94
CA LEU B 226 -14.50 -6.52 -3.89
C LEU B 226 -14.31 -7.93 -4.42
N ALA B 227 -13.09 -8.44 -4.28
CA ALA B 227 -12.77 -9.77 -4.70
C ALA B 227 -13.32 -10.81 -3.74
N ALA B 228 -13.24 -10.55 -2.44
CA ALA B 228 -13.44 -11.62 -1.46
C ALA B 228 -13.86 -11.11 -0.10
N ILE B 229 -14.66 -11.92 0.57
CA ILE B 229 -14.95 -11.81 1.98
C ILE B 229 -14.33 -13.06 2.59
N ILE B 230 -13.51 -12.87 3.60
CA ILE B 230 -12.92 -14.01 4.32
C ILE B 230 -13.37 -13.95 5.78
N ILE B 231 -13.83 -15.08 6.29
CA ILE B 231 -14.26 -15.16 7.71
C ILE B 231 -14.07 -16.57 8.24
N GLU B 232 -13.76 -16.67 9.53
CA GLU B 232 -13.69 -17.96 10.24
C GLU B 232 -15.12 -18.30 10.71
N PRO B 233 -15.61 -19.52 10.46
CA PRO B 233 -16.99 -19.80 10.92
C PRO B 233 -17.17 -19.70 12.43
N ILE B 234 -16.15 -20.06 13.19
CA ILE B 234 -16.06 -19.73 14.61
C ILE B 234 -14.69 -19.04 14.72
N GLN B 235 -14.66 -17.81 15.19
CA GLN B 235 -13.40 -17.08 15.25
C GLN B 235 -12.57 -17.65 16.39
N GLY B 236 -11.37 -18.09 16.05
CA GLY B 236 -10.53 -18.86 16.97
C GLY B 236 -9.74 -18.00 17.96
N GLU B 237 -8.62 -17.44 17.49
CA GLU B 237 -7.78 -16.59 18.35
C GLU B 237 -8.52 -15.36 18.90
N GLY B 238 -9.53 -14.91 18.17
CA GLY B 238 -10.39 -13.83 18.60
C GLY B 238 -11.27 -14.13 19.82
N GLY B 239 -11.40 -15.41 20.19
CA GLY B 239 -12.10 -15.80 21.44
C GLY B 239 -13.17 -16.87 21.31
N PHE B 240 -13.07 -17.73 20.28
CA PHE B 240 -14.05 -18.81 20.03
C PHE B 240 -15.44 -18.20 19.91
N ILE B 241 -15.53 -17.17 19.06
CA ILE B 241 -16.77 -16.44 18.84
C ILE B 241 -17.60 -17.15 17.79
N VAL B 242 -18.78 -17.60 18.19
CA VAL B 242 -19.75 -18.24 17.32
C VAL B 242 -20.72 -17.15 16.88
N PRO B 243 -20.83 -16.94 15.57
CA PRO B 243 -21.74 -15.90 15.12
C PRO B 243 -23.19 -16.21 15.45
N ALA B 244 -23.99 -15.15 15.58
CA ALA B 244 -25.44 -15.32 15.75
C ALA B 244 -26.02 -16.13 14.55
N PRO B 245 -27.01 -17.00 14.81
CA PRO B 245 -27.63 -17.73 13.70
C PRO B 245 -28.13 -16.84 12.58
N GLY B 246 -27.87 -17.23 11.33
CA GLY B 246 -28.31 -16.44 10.17
C GLY B 246 -27.27 -15.50 9.60
N PHE B 247 -26.26 -15.18 10.40
CA PHE B 247 -25.23 -14.22 9.97
C PHE B 247 -24.50 -14.69 8.73
N LEU B 248 -23.88 -15.86 8.81
CA LEU B 248 -23.09 -16.36 7.69
C LEU B 248 -23.89 -16.62 6.43
N ALA B 249 -25.10 -17.17 6.55
CA ALA B 249 -25.90 -17.43 5.36
C ALA B 249 -26.30 -16.11 4.69
N THR B 250 -26.53 -15.08 5.50
CA THR B 250 -26.88 -13.78 4.94
C THR B 250 -25.73 -13.22 4.12
N LEU B 251 -24.52 -13.37 4.65
CA LEU B 251 -23.33 -12.95 3.91
C LEU B 251 -23.10 -13.74 2.63
N THR B 252 -23.17 -15.07 2.71
CA THR B 252 -22.91 -15.88 1.52
C THR B 252 -23.91 -15.60 0.40
N ALA B 253 -25.18 -15.37 0.75
CA ALA B 253 -26.19 -15.03 -0.23
C ALA B 253 -25.84 -13.71 -0.95
N TRP B 254 -25.43 -12.71 -0.19
CA TRP B 254 -25.03 -11.41 -0.76
C TRP B 254 -23.80 -11.57 -1.64
N ALA B 255 -22.84 -12.36 -1.18
CA ALA B 255 -21.62 -12.54 -1.91
C ALA B 255 -21.93 -13.19 -3.26
N SER B 256 -22.80 -14.20 -3.23
CA SER B 256 -23.19 -14.90 -4.44
C SER B 256 -23.84 -13.96 -5.43
N GLU B 257 -24.73 -13.11 -4.92
CA GLU B 257 -25.47 -12.16 -5.77
C GLU B 257 -24.59 -11.10 -6.41
N ASN B 258 -23.43 -10.86 -5.80
CA ASN B 258 -22.53 -9.76 -6.18
C ASN B 258 -21.20 -10.20 -6.76
N GLY B 259 -21.05 -11.51 -6.99
CA GLY B 259 -19.87 -12.05 -7.65
C GLY B 259 -18.61 -11.96 -6.80
N VAL B 260 -18.81 -11.86 -5.50
CA VAL B 260 -17.73 -11.78 -4.53
C VAL B 260 -17.41 -13.19 -4.02
N VAL B 261 -16.13 -13.55 -4.00
CA VAL B 261 -15.76 -14.88 -3.53
C VAL B 261 -15.86 -14.94 -2.01
N PHE B 262 -16.57 -15.94 -1.48
CA PHE B 262 -16.69 -16.10 -0.04
C PHE B 262 -15.74 -17.18 0.39
N ILE B 263 -14.80 -16.84 1.26
CA ILE B 263 -13.79 -17.76 1.75
C ILE B 263 -14.04 -18.06 3.24
N ALA B 264 -14.26 -19.34 3.55
CA ALA B 264 -14.39 -19.80 4.91
C ALA B 264 -13.02 -20.25 5.37
N ASP B 265 -12.48 -19.57 6.38
CA ASP B 265 -11.19 -19.95 6.89
C ASP B 265 -11.44 -20.98 7.99
N GLU B 266 -11.26 -22.27 7.62
CA GLU B 266 -11.46 -23.39 8.52
C GLU B 266 -10.15 -23.99 9.01
N VAL B 267 -9.10 -23.18 9.02
CA VAL B 267 -7.81 -23.63 9.52
C VAL B 267 -7.93 -24.22 10.93
N GLN B 268 -8.66 -23.54 11.82
CA GLN B 268 -8.84 -24.03 13.20
C GLN B 268 -10.08 -24.91 13.37
N THR B 269 -11.18 -24.56 12.71
CA THR B 269 -12.44 -25.26 12.87
C THR B 269 -12.49 -26.58 12.09
N GLY B 270 -11.64 -26.73 11.09
CA GLY B 270 -11.77 -27.85 10.16
C GLY B 270 -11.42 -29.20 10.78
N PHE B 271 -12.02 -30.25 10.24
CA PHE B 271 -11.63 -31.67 10.51
C PHE B 271 -12.08 -32.16 11.90
N ALA B 272 -13.39 -32.36 12.05
CA ALA B 272 -14.01 -33.01 13.25
C ALA B 272 -14.15 -32.11 14.48
N ARG B 273 -13.29 -31.10 14.54
CA ARG B 273 -13.14 -30.22 15.70
C ARG B 273 -14.44 -29.72 16.30
N THR B 274 -15.36 -29.28 15.45
CA THR B 274 -16.61 -28.65 15.91
C THR B 274 -17.81 -29.62 15.88
N GLY B 275 -17.54 -30.91 15.74
CA GLY B 275 -18.61 -31.92 15.71
C GLY B 275 -19.16 -32.19 14.31
N ALA B 276 -18.41 -31.77 13.30
CA ALA B 276 -18.74 -31.99 11.88
C ALA B 276 -17.42 -31.97 11.15
N TRP B 277 -17.38 -32.42 9.89
CA TRP B 277 -16.13 -32.35 9.16
C TRP B 277 -15.69 -30.91 9.06
N PHE B 278 -16.63 -30.03 8.77
CA PHE B 278 -16.37 -28.59 8.69
C PHE B 278 -17.46 -27.82 9.42
N ALA B 279 -17.06 -26.75 10.11
CA ALA B 279 -17.97 -25.92 10.88
C ALA B 279 -19.04 -25.23 10.00
N SER B 280 -18.69 -24.98 8.73
CA SER B 280 -19.63 -24.43 7.76
C SER B 280 -20.90 -25.26 7.65
N GLU B 281 -20.81 -26.57 7.89
CA GLU B 281 -22.00 -27.43 7.81
C GLU B 281 -23.07 -27.01 8.80
N HIS B 282 -22.67 -26.54 9.98
CA HIS B 282 -23.65 -26.17 11.02
C HIS B 282 -24.47 -25.00 10.58
N GLU B 283 -23.87 -24.18 9.73
CA GLU B 283 -24.48 -22.95 9.23
C GLU B 283 -25.26 -23.18 7.93
N GLY B 284 -25.21 -24.40 7.39
CA GLY B 284 -25.81 -24.66 6.08
C GLY B 284 -25.18 -23.90 4.92
N ILE B 285 -23.97 -23.36 5.09
CA ILE B 285 -23.34 -22.63 3.99
C ILE B 285 -22.40 -23.53 3.19
N VAL B 286 -22.23 -23.14 1.92
CA VAL B 286 -21.32 -23.78 0.99
C VAL B 286 -20.29 -22.73 0.53
N PRO B 287 -19.14 -22.65 1.22
CA PRO B 287 -18.17 -21.61 0.86
C PRO B 287 -17.59 -21.82 -0.52
N ASP B 288 -17.35 -20.72 -1.24
CA ASP B 288 -16.71 -20.79 -2.55
C ASP B 288 -15.29 -21.35 -2.43
N ILE B 289 -14.57 -20.96 -1.38
CA ILE B 289 -13.24 -21.49 -1.10
C ILE B 289 -13.15 -21.78 0.39
N VAL B 290 -12.48 -22.88 0.75
CA VAL B 290 -12.21 -23.23 2.12
C VAL B 290 -10.70 -23.31 2.30
N THR B 291 -10.19 -22.71 3.37
CA THR B 291 -8.79 -22.85 3.72
C THR B 291 -8.66 -23.77 4.94
N MET B 292 -7.59 -24.58 4.92
CA MET B 292 -7.36 -25.66 5.88
C MET B 292 -5.90 -25.77 6.26
N ALA B 293 -5.67 -26.19 7.52
CA ALA B 293 -4.37 -26.62 7.97
C ALA B 293 -4.57 -27.39 9.29
N GLY B 295 -5.41 -29.49 11.86
CA GLY B 295 -5.76 -30.91 12.04
C GLY B 295 -5.57 -31.85 10.87
N ILE B 296 -5.37 -31.27 9.70
CA ILE B 296 -5.36 -32.01 8.43
C ILE B 296 -4.40 -33.19 8.38
N ALA B 297 -3.19 -33.02 8.95
CA ALA B 297 -2.11 -33.99 8.72
C ALA B 297 -1.53 -34.56 10.03
N GLY B 298 -2.38 -34.59 11.06
CA GLY B 298 -1.98 -35.19 12.34
C GLY B 298 -0.72 -34.61 12.99
N GLY B 299 -0.46 -33.33 12.70
CA GLY B 299 0.68 -32.63 13.25
C GLY B 299 1.74 -32.21 12.24
N MET B 300 1.69 -32.79 11.05
CA MET B 300 2.71 -32.49 10.04
C MET B 300 2.36 -31.23 9.23
N PRO B 301 3.36 -30.54 8.67
CA PRO B 301 3.07 -29.22 8.05
C PRO B 301 2.45 -29.31 6.66
N LEU B 302 1.12 -29.30 6.62
CA LEU B 302 0.36 -29.32 5.37
C LEU B 302 -0.81 -28.36 5.52
N SER B 303 -1.14 -27.67 4.44
CA SER B 303 -2.30 -26.80 4.38
C SER B 303 -2.95 -26.94 3.02
N ALA B 304 -4.19 -26.48 2.91
CA ALA B 304 -4.93 -26.70 1.68
C ALA B 304 -5.89 -25.56 1.35
N VAL B 305 -6.11 -25.37 0.04
CA VAL B 305 -7.14 -24.47 -0.48
C VAL B 305 -8.02 -25.35 -1.38
N THR B 306 -9.29 -25.49 -1.02
CA THR B 306 -10.27 -26.25 -1.78
C THR B 306 -11.37 -25.31 -2.17
N GLY B 307 -11.62 -25.19 -3.46
CA GLY B 307 -12.57 -24.18 -3.95
C GLY B 307 -13.26 -24.61 -5.24
N ARG B 308 -14.26 -23.83 -5.64
CA ARG B 308 -14.98 -24.11 -6.88
C ARG B 308 -13.98 -24.25 -8.02
N ALA B 309 -14.18 -25.26 -8.85
CA ALA B 309 -13.21 -25.54 -9.91
C ALA B 309 -12.97 -24.34 -10.81
N GLU B 310 -14.03 -23.58 -11.10
CA GLU B 310 -13.95 -22.46 -12.03
CA GLU B 310 -13.92 -22.47 -12.05
C GLU B 310 -13.11 -21.31 -11.47
N LEU B 311 -13.03 -21.21 -10.14
CA LEU B 311 -12.17 -20.23 -9.46
C LEU B 311 -10.74 -20.75 -9.43
N MET B 312 -10.59 -21.99 -8.96
CA MET B 312 -9.28 -22.59 -8.75
C MET B 312 -8.53 -22.79 -10.06
N ASP B 313 -9.28 -23.02 -11.15
CA ASP B 313 -8.68 -23.26 -12.45
C ASP B 313 -8.56 -22.00 -13.31
N ALA B 314 -8.99 -20.84 -12.78
CA ALA B 314 -8.82 -19.55 -13.45
C ALA B 314 -7.36 -19.10 -13.50
N VAL B 315 -6.58 -19.57 -12.52
CA VAL B 315 -5.18 -19.21 -12.37
C VAL B 315 -4.34 -19.93 -13.42
N TYR B 316 -3.52 -19.14 -14.13
CA TYR B 316 -2.57 -19.68 -15.13
C TYR B 316 -1.60 -20.68 -14.48
N ALA B 317 -1.13 -21.65 -15.27
CA ALA B 317 -0.21 -22.66 -14.76
C ALA B 317 1.05 -22.01 -14.20
N GLY B 318 1.38 -22.42 -12.99
CA GLY B 318 2.56 -21.93 -12.28
C GLY B 318 2.28 -20.74 -11.39
N GLY B 319 1.05 -20.23 -11.43
CA GLY B 319 0.66 -19.09 -10.59
C GLY B 319 0.47 -19.44 -9.12
N LEU B 320 0.12 -20.71 -8.83
CA LEU B 320 0.07 -21.19 -7.47
C LEU B 320 1.29 -22.09 -7.28
N GLY B 321 2.11 -21.71 -6.32
CA GLY B 321 3.45 -22.25 -6.25
C GLY B 321 4.01 -22.46 -4.89
N GLY B 322 5.24 -22.95 -4.89
CA GLY B 322 5.97 -23.13 -3.68
C GLY B 322 6.77 -24.42 -3.84
N THR B 323 7.90 -24.46 -3.17
CA THR B 323 8.77 -25.60 -3.29
C THR B 323 8.26 -26.78 -2.50
N TYR B 324 7.96 -26.57 -1.22
CA TYR B 324 7.66 -27.68 -0.33
C TYR B 324 6.20 -28.17 -0.39
N GLY B 325 5.28 -27.30 -0.84
CA GLY B 325 3.85 -27.51 -0.63
C GLY B 325 3.30 -28.86 -1.05
N GLY B 326 2.40 -29.43 -0.24
CA GLY B 326 1.92 -30.79 -0.49
C GLY B 326 3.04 -31.81 -0.37
N ASN B 327 3.89 -31.61 0.62
CA ASN B 327 5.03 -32.51 0.83
C ASN B 327 4.52 -33.96 0.93
N PRO B 328 5.21 -34.91 0.29
CA PRO B 328 4.61 -36.25 0.21
C PRO B 328 4.52 -36.99 1.56
N VAL B 329 5.47 -36.75 2.45
CA VAL B 329 5.41 -37.28 3.82
C VAL B 329 4.23 -36.68 4.60
N THR B 330 4.02 -35.36 4.47
CA THR B 330 2.87 -34.71 5.12
C THR B 330 1.54 -35.19 4.50
N CYS B 331 1.55 -35.49 3.19
CA CYS B 331 0.37 -36.04 2.52
C CYS B 331 0.04 -37.44 3.01
N ALA B 332 1.05 -38.28 3.18
CA ALA B 332 0.85 -39.61 3.74
C ALA B 332 0.24 -39.52 5.15
N ALA B 333 0.73 -38.56 5.93
CA ALA B 333 0.20 -38.31 7.27
C ALA B 333 -1.27 -37.91 7.24
N ALA B 334 -1.62 -37.05 6.27
CA ALA B 334 -2.98 -36.58 6.11
C ALA B 334 -3.92 -37.70 5.71
N VAL B 335 -3.53 -38.52 4.74
CA VAL B 335 -4.35 -39.66 4.35
C VAL B 335 -4.65 -40.56 5.57
N ALA B 336 -3.62 -40.83 6.36
CA ALA B 336 -3.77 -41.61 7.56
C ALA B 336 -4.65 -40.91 8.62
N ALA B 337 -4.43 -39.62 8.85
CA ALA B 337 -5.13 -38.87 9.89
C ALA B 337 -6.61 -38.78 9.54
N LEU B 338 -6.91 -38.51 8.27
CA LEU B 338 -8.30 -38.43 7.82
C LEU B 338 -8.99 -39.78 7.97
N GLY B 339 -8.24 -40.86 7.75
CA GLY B 339 -8.74 -42.22 7.92
C GLY B 339 -9.13 -42.49 9.36
N VAL B 340 -8.28 -42.05 10.28
CA VAL B 340 -8.52 -42.23 11.71
C VAL B 340 -9.77 -41.48 12.14
N MET B 341 -9.91 -40.24 11.64
CA MET B 341 -11.10 -39.42 11.96
C MET B 341 -12.39 -40.14 11.56
N ARG B 342 -12.36 -40.78 10.39
CA ARG B 342 -13.52 -41.50 9.88
CA ARG B 342 -13.54 -41.49 9.91
C ARG B 342 -13.75 -42.77 10.70
N GLU B 343 -12.69 -43.58 10.83
CA GLU B 343 -12.77 -44.87 11.53
C GLU B 343 -13.28 -44.76 12.96
N LEU B 344 -12.81 -43.74 13.67
CA LEU B 344 -13.21 -43.54 15.06
C LEU B 344 -14.44 -42.61 15.20
N ASP B 345 -14.98 -42.17 14.06
CA ASP B 345 -16.04 -41.16 14.03
C ASP B 345 -15.74 -40.00 14.99
N LEU B 346 -14.59 -39.35 14.78
CA LEU B 346 -14.20 -38.24 15.64
C LEU B 346 -15.17 -37.06 15.60
N PRO B 347 -15.92 -36.82 14.49
CA PRO B 347 -16.97 -35.80 14.63
C PRO B 347 -18.03 -36.12 15.70
N ALA B 348 -18.47 -37.39 15.76
CA ALA B 348 -19.42 -37.82 16.81
C ALA B 348 -18.79 -37.64 18.19
N ARG B 349 -17.50 -37.96 18.31
CA ARG B 349 -16.81 -37.79 19.58
C ARG B 349 -16.80 -36.32 20.02
N ALA B 350 -16.56 -35.42 19.08
CA ALA B 350 -16.58 -33.98 19.38
C ALA B 350 -17.97 -33.54 19.84
N ARG B 351 -18.99 -34.10 19.21
CA ARG B 351 -20.37 -33.81 19.64
C ARG B 351 -20.64 -34.29 21.07
N ALA B 352 -20.12 -35.46 21.44
CA ALA B 352 -20.27 -35.98 22.82
C ALA B 352 -19.54 -35.08 23.82
N ILE B 353 -18.33 -34.69 23.46
CA ILE B 353 -17.57 -33.73 24.26
C ILE B 353 -18.32 -32.41 24.39
N GLU B 354 -18.90 -31.90 23.31
CA GLU B 354 -19.74 -30.69 23.42
C GLU B 354 -20.80 -30.85 24.52
N ALA B 355 -21.47 -32.01 24.53
CA ALA B 355 -22.62 -32.21 25.42
C ALA B 355 -22.19 -32.23 26.86
N SER B 356 -21.21 -33.07 27.16
CA SER B 356 -20.76 -33.28 28.54
C SER B 356 -20.07 -32.04 29.09
N VAL B 357 -19.16 -31.45 28.30
CA VAL B 357 -18.36 -30.33 28.79
C VAL B 357 -19.18 -29.05 28.93
N THR B 358 -20.03 -28.75 27.95
CA THR B 358 -20.87 -27.54 27.99
C THR B 358 -21.80 -27.57 29.20
N SER B 359 -22.36 -28.73 29.52
CA SER B 359 -23.26 -28.78 30.69
C SER B 359 -22.50 -28.56 32.01
N ARG B 360 -21.30 -29.12 32.14
CA ARG B 360 -20.47 -28.88 33.31
C ARG B 360 -20.10 -27.41 33.44
N LEU B 361 -19.68 -26.83 32.31
CA LEU B 361 -19.22 -25.44 32.32
C LEU B 361 -20.36 -24.48 32.58
N SER B 362 -21.55 -24.79 32.05
CA SER B 362 -22.74 -23.98 32.32
C SER B 362 -23.16 -24.04 33.80
N ALA B 363 -23.06 -25.23 34.40
CA ALA B 363 -23.31 -25.37 35.84
C ALA B 363 -22.30 -24.56 36.66
N LEU B 364 -21.03 -24.64 36.31
CA LEU B 364 -19.98 -23.84 36.96
C LEU B 364 -20.28 -22.34 36.83
N ALA B 365 -20.70 -21.91 35.64
CA ALA B 365 -21.03 -20.49 35.41
C ALA B 365 -22.12 -19.95 36.34
N GLU B 366 -23.08 -20.80 36.71
CA GLU B 366 -24.13 -20.43 37.67
C GLU B 366 -23.60 -20.35 39.11
N GLU B 367 -22.53 -21.09 39.37
CA GLU B 367 -21.95 -21.24 40.69
C GLU B 367 -20.98 -20.09 41.02
N VAL B 368 -20.32 -19.54 40.01
CA VAL B 368 -19.40 -18.43 40.21
C VAL B 368 -19.96 -17.20 39.54
N ASP B 369 -19.23 -16.09 39.63
CA ASP B 369 -19.68 -14.84 39.04
C ASP B 369 -18.67 -14.24 38.06
N ILE B 370 -17.64 -15.00 37.70
CA ILE B 370 -16.61 -14.50 36.79
C ILE B 370 -16.69 -15.10 35.37
N ILE B 371 -17.68 -15.92 35.08
CA ILE B 371 -17.85 -16.47 33.72
C ILE B 371 -18.96 -15.71 33.01
N GLY B 372 -18.60 -14.91 32.02
CA GLY B 372 -19.56 -14.10 31.29
C GLY B 372 -20.33 -14.88 30.25
N GLU B 373 -19.72 -15.95 29.73
CA GLU B 373 -20.35 -16.80 28.73
C GLU B 373 -19.58 -18.11 28.56
N VAL B 374 -20.35 -19.17 28.32
CA VAL B 374 -19.86 -20.47 27.89
C VAL B 374 -20.29 -20.61 26.44
N ARG B 375 -19.37 -20.92 25.53
CA ARG B 375 -19.70 -20.93 24.10
C ARG B 375 -18.83 -21.87 23.28
N GLY B 376 -19.22 -22.09 22.04
CA GLY B 376 -18.42 -22.90 21.10
C GLY B 376 -19.18 -24.14 20.67
N ARG B 377 -18.54 -24.98 19.87
CA ARG B 377 -19.18 -26.18 19.35
C ARG B 377 -18.21 -27.32 19.31
N GLY B 378 -18.73 -28.54 19.46
CA GLY B 378 -17.90 -29.73 19.47
C GLY B 378 -16.83 -29.69 20.53
N ALA B 379 -15.57 -29.88 20.13
CA ALA B 379 -14.44 -29.79 21.04
C ALA B 379 -13.67 -28.49 20.83
N MET B 380 -14.43 -27.43 20.52
CA MET B 380 -13.88 -26.08 20.39
C MET B 380 -14.73 -25.21 21.29
N LEU B 381 -14.38 -25.22 22.57
CA LEU B 381 -15.25 -24.70 23.64
C LEU B 381 -14.49 -23.66 24.44
N ALA B 382 -15.20 -22.67 24.98
CA ALA B 382 -14.55 -21.56 25.67
C ALA B 382 -15.43 -20.97 26.75
N ILE B 383 -14.80 -20.39 27.74
CA ILE B 383 -15.47 -19.54 28.73
C ILE B 383 -14.81 -18.16 28.72
N GLU B 384 -15.64 -17.12 28.63
CA GLU B 384 -15.14 -15.76 28.70
C GLU B 384 -15.22 -15.28 30.14
N ILE B 385 -14.08 -14.80 30.62
CA ILE B 385 -13.89 -14.42 32.02
C ILE B 385 -14.04 -12.90 32.15
N VAL B 386 -14.85 -12.49 33.13
CA VAL B 386 -15.21 -11.09 33.28
C VAL B 386 -15.17 -10.69 34.75
N LYS B 387 -15.20 -9.37 34.98
CA LYS B 387 -15.37 -8.83 36.32
C LYS B 387 -16.82 -9.09 36.77
N PRO B 388 -17.01 -9.52 38.02
CA PRO B 388 -18.37 -9.85 38.53
C PRO B 388 -19.41 -8.77 38.29
N GLY B 389 -20.58 -9.16 37.82
CA GLY B 389 -21.68 -8.22 37.57
C GLY B 389 -21.53 -7.37 36.31
N THR B 390 -20.53 -7.67 35.50
CA THR B 390 -20.23 -6.85 34.33
C THR B 390 -19.80 -7.74 33.17
N LEU B 391 -19.53 -7.11 32.03
CA LEU B 391 -18.83 -7.77 30.92
C LEU B 391 -17.45 -7.14 30.69
N GLU B 392 -16.89 -6.52 31.73
CA GLU B 392 -15.54 -5.97 31.66
C GLU B 392 -14.58 -7.17 31.61
N PRO B 393 -13.70 -7.22 30.59
CA PRO B 393 -12.77 -8.35 30.51
C PRO B 393 -11.85 -8.40 31.70
N ASP B 394 -11.48 -9.61 32.13
CA ASP B 394 -10.44 -9.80 33.11
C ASP B 394 -9.34 -10.75 32.57
N ALA B 395 -8.43 -10.17 31.80
CA ALA B 395 -7.31 -10.89 31.21
C ALA B 395 -6.31 -11.38 32.26
N ALA B 396 -6.01 -10.55 33.26
CA ALA B 396 -5.09 -10.97 34.34
C ALA B 396 -5.59 -12.25 35.04
N LEU B 397 -6.89 -12.29 35.35
CA LEU B 397 -7.46 -13.45 36.00
C LEU B 397 -7.44 -14.67 35.10
N THR B 398 -7.73 -14.44 33.82
CA THR B 398 -7.69 -15.49 32.82
C THR B 398 -6.31 -16.14 32.79
N LYS B 399 -5.27 -15.30 32.75
CA LYS B 399 -3.89 -15.76 32.73
C LYS B 399 -3.54 -16.55 33.99
N SER B 400 -3.99 -16.05 35.12
CA SER B 400 -3.73 -16.68 36.41
C SER B 400 -4.36 -18.06 36.50
N ILE B 401 -5.60 -18.18 36.04
CA ILE B 401 -6.27 -19.47 36.03
C ILE B 401 -5.50 -20.47 35.16
N ALA B 402 -5.13 -20.05 33.95
CA ALA B 402 -4.38 -20.97 33.07
C ALA B 402 -3.01 -21.36 33.67
N ALA B 403 -2.30 -20.40 34.27
CA ALA B 403 -1.00 -20.72 34.89
C ALA B 403 -1.16 -21.69 36.08
N GLU B 404 -2.18 -21.47 36.91
CA GLU B 404 -2.43 -22.37 38.04
C GLU B 404 -2.77 -23.76 37.54
N ALA B 405 -3.54 -23.85 36.44
CA ALA B 405 -3.85 -25.14 35.83
C ALA B 405 -2.57 -25.87 35.41
N LEU B 406 -1.68 -25.12 34.75
CA LEU B 406 -0.39 -25.67 34.35
C LEU B 406 0.38 -26.23 35.55
N SER B 407 0.46 -25.48 36.65
CA SER B 407 1.15 -25.98 37.85
C SER B 407 0.53 -27.25 38.40
N GLN B 408 -0.77 -27.45 38.15
CA GLN B 408 -1.50 -28.66 38.55
C GLN B 408 -1.43 -29.79 37.52
N GLY B 409 -0.69 -29.61 36.44
CA GLY B 409 -0.55 -30.66 35.44
C GLY B 409 -1.59 -30.68 34.33
N VAL B 410 -2.25 -29.55 34.09
CA VAL B 410 -3.27 -29.45 33.04
C VAL B 410 -2.93 -28.28 32.12
N LEU B 411 -2.70 -28.58 30.83
CA LEU B 411 -2.30 -27.56 29.86
C LEU B 411 -3.57 -27.03 29.19
N ILE B 412 -3.90 -25.77 29.47
CA ILE B 412 -5.09 -25.12 28.94
C ILE B 412 -4.66 -23.76 28.37
N LEU B 413 -5.04 -23.52 27.11
CA LEU B 413 -4.70 -22.30 26.42
C LEU B 413 -5.73 -21.19 26.65
N THR B 414 -5.30 -19.97 26.40
CA THR B 414 -6.18 -18.81 26.39
C THR B 414 -6.17 -18.17 25.00
N CYS B 415 -7.07 -17.21 24.83
CA CYS B 415 -7.19 -16.44 23.61
C CYS B 415 -8.08 -15.23 23.89
N GLY B 416 -8.47 -14.56 22.81
CA GLY B 416 -9.43 -13.48 22.87
C GLY B 416 -8.88 -12.11 22.48
N THR B 417 -9.68 -11.37 21.75
CA THR B 417 -9.44 -9.97 21.50
C THR B 417 -9.02 -9.19 22.74
N PHE B 418 -9.63 -9.51 23.88
CA PHE B 418 -9.31 -8.82 25.14
C PHE B 418 -8.52 -9.70 26.11
N GLY B 419 -8.00 -10.81 25.62
CA GLY B 419 -7.14 -11.69 26.41
C GLY B 419 -7.82 -12.45 27.53
N ASN B 420 -9.16 -12.54 27.50
CA ASN B 420 -9.94 -13.04 28.65
C ASN B 420 -10.79 -14.25 28.32
N VAL B 421 -10.30 -15.13 27.46
CA VAL B 421 -11.03 -16.33 27.09
C VAL B 421 -10.18 -17.56 27.40
N ILE B 422 -10.72 -18.46 28.19
CA ILE B 422 -10.11 -19.77 28.40
C ILE B 422 -10.70 -20.71 27.37
N ARG B 423 -9.85 -21.36 26.56
CA ARG B 423 -10.34 -22.26 25.52
C ARG B 423 -9.99 -23.70 25.80
N LEU B 424 -10.82 -24.59 25.26
CA LEU B 424 -10.63 -26.03 25.36
C LEU B 424 -10.56 -26.62 23.96
N LEU B 425 -9.42 -27.26 23.68
CA LEU B 425 -9.08 -27.84 22.39
C LEU B 425 -8.41 -29.19 22.63
N PRO B 426 -9.14 -30.12 23.21
CA PRO B 426 -8.52 -31.41 23.46
C PRO B 426 -8.32 -32.19 22.20
N PRO B 427 -7.34 -33.13 22.21
CA PRO B 427 -7.29 -34.12 21.16
C PRO B 427 -8.56 -34.96 21.28
N LEU B 428 -9.13 -35.40 20.19
CA LEU B 428 -10.42 -36.09 20.26
C LEU B 428 -10.26 -37.55 20.66
N VAL B 429 -9.02 -38.01 20.82
CA VAL B 429 -8.72 -39.35 21.30
C VAL B 429 -8.51 -39.37 22.82
N ILE B 430 -8.71 -38.22 23.46
CA ILE B 430 -8.63 -38.19 24.93
C ILE B 430 -9.75 -39.06 25.51
N GLY B 431 -9.42 -39.83 26.55
CA GLY B 431 -10.42 -40.63 27.27
C GLY B 431 -11.35 -39.79 28.12
N ASP B 432 -12.55 -40.33 28.37
CA ASP B 432 -13.58 -39.58 29.11
C ASP B 432 -13.05 -39.26 30.50
N ASP B 433 -12.42 -40.23 31.16
CA ASP B 433 -11.99 -40.03 32.53
C ASP B 433 -10.92 -38.94 32.63
N LEU B 434 -9.97 -38.95 31.70
CA LEU B 434 -8.89 -37.96 31.76
C LEU B 434 -9.43 -36.57 31.40
N LEU B 435 -10.33 -36.50 30.44
CA LEU B 435 -10.97 -35.21 30.12
C LEU B 435 -11.74 -34.68 31.34
N ASP B 436 -12.54 -35.55 31.97
CA ASP B 436 -13.26 -35.18 33.21
CA ASP B 436 -13.25 -35.14 33.18
C ASP B 436 -12.30 -34.66 34.28
N GLU B 437 -11.16 -35.34 34.44
CA GLU B 437 -10.17 -34.93 35.46
C GLU B 437 -9.66 -33.51 35.16
N GLY B 438 -9.37 -33.25 33.89
CA GLY B 438 -8.90 -31.93 33.48
C GLY B 438 -9.92 -30.83 33.71
N ILE B 439 -11.17 -31.10 33.39
CA ILE B 439 -12.24 -30.13 33.56
C ILE B 439 -12.54 -29.88 35.06
N THR B 440 -12.46 -30.92 35.86
CA THR B 440 -12.61 -30.79 37.32
C THR B 440 -11.49 -29.93 37.89
N ALA B 441 -10.24 -30.16 37.47
CA ALA B 441 -9.12 -29.35 37.93
C ALA B 441 -9.30 -27.88 37.57
N LEU B 442 -9.73 -27.62 36.34
CA LEU B 442 -10.04 -26.24 35.91
C LEU B 442 -11.17 -25.60 36.74
N SER B 443 -12.24 -26.37 36.96
CA SER B 443 -13.39 -25.90 37.70
C SER B 443 -12.97 -25.55 39.15
N ASP B 444 -12.15 -26.40 39.75
CA ASP B 444 -11.68 -26.15 41.13
C ASP B 444 -10.89 -24.83 41.20
N ILE B 445 -10.07 -24.57 40.18
CA ILE B 445 -9.26 -23.35 40.14
C ILE B 445 -10.17 -22.13 39.94
N ILE B 446 -11.15 -22.25 39.04
CA ILE B 446 -12.12 -21.17 38.85
C ILE B 446 -12.94 -20.86 40.12
N ARG B 447 -13.41 -21.90 40.80
CA ARG B 447 -14.07 -21.73 42.11
C ARG B 447 -13.21 -21.00 43.14
N ALA B 448 -11.94 -21.39 43.24
CA ALA B 448 -10.98 -20.76 44.15
C ALA B 448 -10.77 -19.27 43.83
N LYS B 449 -10.71 -18.94 42.54
CA LYS B 449 -10.56 -17.55 42.11
C LYS B 449 -11.85 -16.73 42.22
N ALA B 450 -12.99 -17.38 42.42
CA ALA B 450 -14.26 -16.69 42.53
C ALA B 450 -14.79 -16.75 43.95
N ILE C 8 6.91 45.98 -26.36
CA ILE C 8 6.36 45.87 -24.97
C ILE C 8 6.57 47.18 -24.19
N THR C 9 5.50 47.68 -23.57
CA THR C 9 5.60 48.79 -22.62
C THR C 9 5.69 48.18 -21.23
N TYR C 10 6.66 48.58 -20.43
CA TYR C 10 6.78 48.09 -19.06
C TYR C 10 6.20 49.04 -18.03
N ARG C 11 5.66 48.48 -16.96
CA ARG C 11 5.14 49.28 -15.86
C ARG C 11 6.28 49.73 -14.96
N LEU C 12 7.21 48.82 -14.64
CA LEU C 12 8.35 49.10 -13.78
C LEU C 12 9.61 49.27 -14.62
N ALA C 13 10.55 50.11 -14.15
CA ALA C 13 11.82 50.32 -14.84
C ALA C 13 12.55 48.99 -14.93
N GLN C 14 13.01 48.65 -16.14
CA GLN C 14 13.64 47.35 -16.35
C GLN C 14 15.14 47.51 -16.11
N LYS C 15 15.46 47.59 -14.84
CA LYS C 15 16.79 47.89 -14.36
C LYS C 15 17.07 47.00 -13.20
N ARG C 16 18.33 46.61 -13.07
CA ARG C 16 18.82 45.94 -11.88
C ARG C 16 19.34 47.03 -10.97
N THR C 17 18.81 47.06 -9.74
CA THR C 17 19.13 48.13 -8.79
C THR C 17 19.26 47.55 -7.39
N ILE C 18 20.49 47.50 -6.88
CA ILE C 18 20.76 46.95 -5.55
C ILE C 18 21.47 48.03 -4.76
N VAL C 19 20.74 48.67 -3.86
CA VAL C 19 21.24 49.86 -3.17
C VAL C 19 20.99 49.84 -1.65
N THR C 20 20.78 48.65 -1.09
CA THR C 20 20.68 48.45 0.36
C THR C 20 21.37 47.16 0.72
N PRO C 21 21.55 46.91 2.05
CA PRO C 21 21.89 45.56 2.45
C PRO C 21 20.80 44.59 2.01
N LEU C 22 21.17 43.33 1.77
CA LEU C 22 20.21 42.30 1.41
C LEU C 22 20.24 41.24 2.51
N PRO C 23 19.09 41.02 3.18
CA PRO C 23 17.85 41.78 3.05
C PRO C 23 17.94 43.18 3.63
N GLY C 24 17.13 44.08 3.12
CA GLY C 24 17.05 45.43 3.63
C GLY C 24 16.18 45.50 4.86
N PRO C 25 16.03 46.69 5.44
CA PRO C 25 15.32 46.85 6.71
C PRO C 25 13.84 46.43 6.68
N ARG C 26 13.12 46.80 5.62
CA ARG C 26 11.71 46.43 5.52
CA ARG C 26 11.71 46.42 5.52
C ARG C 26 11.54 44.93 5.29
N SER C 27 12.38 44.33 4.44
CA SER C 27 12.37 42.86 4.29
C SER C 27 12.69 42.17 5.61
N GLY C 28 13.65 42.71 6.36
CA GLY C 28 14.02 42.17 7.67
C GLY C 28 12.89 42.15 8.68
N ALA C 29 12.11 43.23 8.75
CA ALA C 29 10.94 43.24 9.64
C ALA C 29 9.88 42.21 9.18
N LEU C 30 9.69 42.06 7.87
CA LEU C 30 8.76 41.03 7.36
C LEU C 30 9.24 39.62 7.72
N ALA C 31 10.55 39.39 7.64
CA ALA C 31 11.14 38.08 7.91
C ALA C 31 10.96 37.68 9.38
N GLU C 32 11.04 38.64 10.28
CA GLU C 32 10.75 38.40 11.70
C GLU C 32 9.28 37.98 11.91
N ARG C 33 8.36 38.68 11.28
CA ARG C 33 6.93 38.27 11.31
C ARG C 33 6.74 36.87 10.70
N ARG C 34 7.43 36.63 9.58
CA ARG C 34 7.33 35.35 8.87
C ARG C 34 7.79 34.19 9.75
N ARG C 35 8.94 34.34 10.40
CA ARG C 35 9.46 33.29 11.29
C ARG C 35 8.56 33.03 12.52
N ALA C 36 7.79 34.03 12.93
CA ALA C 36 6.92 33.88 14.08
C ALA C 36 5.56 33.26 13.71
N ALA C 37 5.21 33.28 12.42
CA ALA C 37 3.86 32.85 11.98
C ALA C 37 3.82 31.68 11.00
N VAL C 38 4.86 31.52 10.17
CA VAL C 38 4.87 30.54 9.07
C VAL C 38 5.71 29.31 9.46
N SER C 39 5.17 28.12 9.19
CA SER C 39 5.89 26.85 9.40
C SER C 39 7.30 26.89 8.84
N ALA C 40 8.27 26.42 9.64
CA ALA C 40 9.66 26.25 9.19
C ALA C 40 9.80 25.24 8.05
N GLY C 41 8.78 24.40 7.89
CA GLY C 41 8.71 23.44 6.79
C GLY C 41 8.59 24.05 5.41
N VAL C 42 8.13 25.31 5.33
CA VAL C 42 8.00 25.95 4.03
C VAL C 42 9.36 26.35 3.40
N GLY C 43 10.05 27.32 3.99
CA GLY C 43 11.33 27.82 3.41
C GLY C 43 11.20 28.72 2.20
N SER C 44 12.14 29.67 2.03
CA SER C 44 12.21 30.50 0.81
C SER C 44 13.67 30.64 0.32
N THR C 45 13.85 30.67 -1.00
CA THR C 45 15.13 30.86 -1.64
C THR C 45 15.70 32.24 -1.33
N ALA C 46 14.88 33.28 -1.53
CA ALA C 46 15.32 34.66 -1.36
C ALA C 46 14.94 35.21 0.02
N PRO C 47 15.81 36.05 0.61
CA PRO C 47 15.52 36.66 1.92
C PRO C 47 14.81 38.01 1.81
N VAL C 48 14.51 38.45 0.59
CA VAL C 48 13.85 39.75 0.35
C VAL C 48 12.36 39.45 0.04
N TYR C 49 11.50 40.42 0.36
CA TYR C 49 10.03 40.31 0.28
C TYR C 49 9.51 41.16 -0.89
N ALA C 50 8.73 40.55 -1.78
CA ALA C 50 8.28 41.21 -3.01
C ALA C 50 7.14 42.17 -2.74
N VAL C 51 7.19 43.31 -3.42
CA VAL C 51 6.05 44.25 -3.49
C VAL C 51 5.52 44.43 -4.92
N ASP C 52 6.32 44.09 -5.91
CA ASP C 52 5.97 44.26 -7.31
C ASP C 52 6.84 43.34 -8.12
N ALA C 53 6.28 42.87 -9.23
CA ALA C 53 7.00 42.04 -10.17
C ALA C 53 6.38 42.29 -11.54
N ASP C 54 7.21 42.70 -12.48
CA ASP C 54 6.77 43.13 -13.80
C ASP C 54 7.88 42.96 -14.83
N GLY C 55 7.54 42.44 -16.00
CA GLY C 55 8.53 42.28 -17.07
C GLY C 55 9.61 41.32 -16.63
N GLY C 56 10.86 41.78 -16.56
CA GLY C 56 11.92 40.92 -16.05
C GLY C 56 12.47 41.27 -14.68
N VAL C 57 11.71 42.04 -13.89
CA VAL C 57 12.18 42.49 -12.56
C VAL C 57 11.25 42.14 -11.41
N ILE C 58 11.85 42.01 -10.23
CA ILE C 58 11.14 41.87 -8.99
C ILE C 58 11.63 42.99 -8.11
N VAL C 59 10.69 43.79 -7.60
CA VAL C 59 11.04 44.89 -6.74
C VAL C 59 10.68 44.51 -5.32
N ASP C 60 11.63 44.69 -4.41
CA ASP C 60 11.44 44.25 -3.03
C ASP C 60 10.94 45.36 -2.14
N ALA C 61 10.66 44.99 -0.90
CA ALA C 61 10.07 45.91 0.07
C ALA C 61 10.96 47.12 0.37
N ASP C 62 12.25 47.03 0.05
CA ASP C 62 13.16 48.17 0.22
C ASP C 62 13.55 48.93 -1.05
N GLY C 63 12.88 48.63 -2.15
CA GLY C 63 13.14 49.34 -3.40
C GLY C 63 14.22 48.75 -4.28
N ASN C 64 14.81 47.62 -3.90
CA ASN C 64 15.75 46.96 -4.79
C ASN C 64 15.03 46.29 -5.93
N SER C 65 15.65 46.28 -7.10
CA SER C 65 15.08 45.68 -8.28
C SER C 65 16.02 44.56 -8.74
N PHE C 66 15.51 43.32 -8.71
CA PHE C 66 16.22 42.11 -9.10
C PHE C 66 15.88 41.67 -10.50
N ILE C 67 16.86 41.16 -11.23
CA ILE C 67 16.56 40.52 -12.51
C ILE C 67 15.97 39.16 -12.21
N ASP C 68 14.78 38.90 -12.73
CA ASP C 68 14.02 37.65 -12.45
C ASP C 68 14.30 36.62 -13.52
N LEU C 69 15.19 35.66 -13.24
CA LEU C 69 15.46 34.56 -14.18
C LEU C 69 14.78 33.24 -13.75
N GLY C 70 13.78 33.37 -12.87
CA GLY C 70 13.04 32.20 -12.36
C GLY C 70 11.56 32.12 -12.72
N ALA C 71 10.93 33.27 -12.95
CA ALA C 71 9.48 33.36 -13.19
C ALA C 71 8.62 32.64 -12.14
N GLY C 72 9.05 32.65 -10.88
CA GLY C 72 8.31 32.01 -9.80
C GLY C 72 8.21 30.51 -10.02
N ILE C 73 9.31 29.95 -10.53
CA ILE C 73 9.44 28.57 -11.00
C ILE C 73 8.60 28.29 -12.27
N ALA C 74 8.90 29.04 -13.34
CA ALA C 74 8.32 28.82 -14.67
C ALA C 74 6.83 29.11 -14.76
N VAL C 75 6.34 30.00 -13.91
CA VAL C 75 4.92 30.31 -13.82
C VAL C 75 4.58 31.60 -14.55
N THR C 76 5.31 32.66 -14.29
CA THR C 76 4.91 33.96 -14.82
C THR C 76 5.56 34.26 -16.19
N THR C 77 5.38 33.31 -17.10
CA THR C 77 5.83 33.36 -18.48
C THR C 77 5.39 34.64 -19.21
N VAL C 78 4.18 35.11 -18.95
CA VAL C 78 3.67 36.33 -19.57
C VAL C 78 4.03 37.58 -18.78
N GLY C 79 4.87 37.40 -17.76
CA GLY C 79 5.21 38.42 -16.81
C GLY C 79 4.33 38.25 -15.59
N ALA C 80 4.76 38.79 -14.47
CA ALA C 80 4.12 38.58 -13.19
C ALA C 80 2.97 39.57 -12.87
N SER C 81 2.78 40.58 -13.70
CA SER C 81 1.63 41.47 -13.54
C SER C 81 1.16 42.03 -14.87
N HIS C 82 1.04 41.16 -15.85
CA HIS C 82 0.58 41.61 -17.14
C HIS C 82 -0.72 42.36 -17.01
N PRO C 83 -0.82 43.58 -17.60
CA PRO C 83 -2.04 44.35 -17.39
C PRO C 83 -3.33 43.69 -17.93
N ALA C 84 -3.25 42.92 -19.02
CA ALA C 84 -4.44 42.21 -19.53
C ALA C 84 -4.89 41.09 -18.57
N VAL C 85 -3.92 40.44 -17.94
CA VAL C 85 -4.20 39.38 -16.98
C VAL C 85 -4.83 40.01 -15.72
N ALA C 86 -4.23 41.10 -15.23
CA ALA C 86 -4.77 41.83 -14.08
C ALA C 86 -6.17 42.34 -14.34
N ALA C 87 -6.40 42.91 -15.52
CA ALA C 87 -7.73 43.42 -15.88
C ALA C 87 -8.79 42.30 -15.90
N ALA C 88 -8.44 41.15 -16.45
CA ALA C 88 -9.37 40.02 -16.53
C ALA C 88 -9.72 39.50 -15.13
N ILE C 89 -8.72 39.44 -14.26
CA ILE C 89 -8.89 39.00 -12.87
C ILE C 89 -9.84 39.97 -12.16
N ALA C 90 -9.56 41.27 -12.28
CA ALA C 90 -10.38 42.28 -11.63
C ALA C 90 -11.83 42.20 -12.12
N ASP C 91 -12.01 42.14 -13.43
CA ASP C 91 -13.35 42.13 -14.01
C ASP C 91 -14.18 40.92 -13.52
N GLN C 92 -13.57 39.73 -13.55
CA GLN C 92 -14.30 38.55 -13.15
C GLN C 92 -14.68 38.59 -11.67
N ALA C 93 -13.78 39.08 -10.82
CA ALA C 93 -14.05 39.14 -9.38
C ALA C 93 -15.27 40.00 -9.07
N THR C 94 -15.54 41.03 -9.90
CA THR C 94 -16.71 41.86 -9.69
C THR C 94 -18.02 41.13 -9.96
N HIS C 95 -17.99 40.10 -10.80
CA HIS C 95 -19.19 39.33 -11.16
C HIS C 95 -19.40 38.16 -10.23
N PHE C 96 -18.37 37.33 -10.08
CA PHE C 96 -18.33 36.30 -9.03
C PHE C 96 -16.94 35.69 -8.92
N THR C 97 -16.53 35.39 -7.69
CA THR C 97 -15.27 34.74 -7.45
C THR C 97 -15.36 33.23 -7.64
N HIS C 98 -16.56 32.66 -7.46
CA HIS C 98 -16.78 31.21 -7.28
C HIS C 98 -18.27 30.90 -7.22
N THR C 99 -18.69 29.87 -7.93
CA THR C 99 -19.99 29.23 -7.72
C THR C 99 -19.84 27.70 -7.54
N CYS C 100 -18.62 27.18 -7.70
CA CYS C 100 -18.34 25.74 -7.77
C CYS C 100 -18.88 25.21 -9.09
N PHE C 101 -17.99 24.94 -10.04
CA PHE C 101 -18.44 24.53 -11.37
C PHE C 101 -19.35 23.29 -11.33
N MET C 102 -19.06 22.38 -10.40
CA MET C 102 -19.88 21.19 -10.19
C MET C 102 -21.28 21.48 -9.62
N VAL C 103 -21.52 22.69 -9.13
CA VAL C 103 -22.86 23.10 -8.69
C VAL C 103 -23.49 23.95 -9.79
N THR C 104 -22.96 25.15 -9.98
CA THR C 104 -23.46 26.06 -11.02
C THR C 104 -22.32 26.35 -12.00
N PRO C 105 -22.43 25.82 -13.21
CA PRO C 105 -21.33 26.00 -14.17
C PRO C 105 -21.31 27.40 -14.76
N TYR C 106 -20.25 27.71 -15.49
CA TYR C 106 -20.02 29.03 -16.06
C TYR C 106 -19.13 28.94 -17.30
N GLU C 107 -19.28 29.95 -18.18
CA GLU C 107 -18.62 29.99 -19.48
C GLU C 107 -17.10 29.98 -19.38
N GLN C 108 -16.54 30.58 -18.34
CA GLN C 108 -15.07 30.76 -18.27
C GLN C 108 -14.35 29.40 -18.25
N TYR C 109 -14.93 28.43 -17.58
CA TYR C 109 -14.39 27.05 -17.49
C TYR C 109 -14.46 26.40 -18.86
N VAL C 110 -15.60 26.56 -19.54
CA VAL C 110 -15.81 26.01 -20.86
C VAL C 110 -14.80 26.60 -21.86
N GLN C 111 -14.57 27.91 -21.77
CA GLN C 111 -13.62 28.59 -22.67
C GLN C 111 -12.21 28.05 -22.51
N VAL C 112 -11.75 27.89 -21.26
CA VAL C 112 -10.41 27.35 -21.04
C VAL C 112 -10.30 25.92 -21.60
N ALA C 113 -11.32 25.09 -21.36
CA ALA C 113 -11.35 23.71 -21.86
C ALA C 113 -11.25 23.71 -23.39
N GLU C 114 -12.00 24.58 -24.05
CA GLU C 114 -11.94 24.69 -25.50
C GLU C 114 -10.53 25.09 -25.98
N LEU C 115 -9.93 26.09 -25.34
CA LEU C 115 -8.60 26.55 -25.73
C LEU C 115 -7.55 25.44 -25.59
N LEU C 116 -7.63 24.71 -24.48
CA LEU C 116 -6.67 23.65 -24.20
C LEU C 116 -6.86 22.46 -25.12
N ASN C 117 -8.11 22.07 -25.38
CA ASN C 117 -8.38 21.00 -26.34
C ASN C 117 -7.75 21.32 -27.72
N ALA C 118 -7.85 22.58 -28.14
CA ALA C 118 -7.30 23.04 -29.40
C ALA C 118 -5.76 23.09 -29.43
N LEU C 119 -5.16 23.46 -28.30
CA LEU C 119 -3.75 23.81 -28.27
C LEU C 119 -2.82 22.61 -28.07
N THR C 120 -3.31 21.59 -27.38
CA THR C 120 -2.53 20.38 -27.11
C THR C 120 -2.28 19.54 -28.37
N PRO C 121 -1.31 18.63 -28.32
CA PRO C 121 -0.97 17.85 -29.50
C PRO C 121 -2.11 16.97 -30.02
N GLY C 122 -2.16 16.81 -31.35
CA GLY C 122 -3.08 15.88 -31.99
C GLY C 122 -4.37 16.55 -32.44
N ASP C 123 -4.98 16.01 -33.49
CA ASP C 123 -6.22 16.52 -34.07
CA ASP C 123 -6.23 16.59 -33.98
C ASP C 123 -7.43 15.70 -33.64
N HIS C 124 -7.22 14.76 -32.73
CA HIS C 124 -8.28 13.85 -32.29
C HIS C 124 -9.20 14.52 -31.28
N ASP C 125 -10.31 13.84 -30.97
CA ASP C 125 -11.34 14.34 -30.06
C ASP C 125 -10.80 14.34 -28.62
N LYS C 126 -10.86 15.49 -27.95
CA LYS C 126 -10.33 15.62 -26.58
C LYS C 126 -11.35 16.26 -25.65
N ARG C 127 -11.18 16.03 -24.34
CA ARG C 127 -11.93 16.75 -23.33
C ARG C 127 -10.95 17.22 -22.25
N THR C 128 -11.35 18.23 -21.48
CA THR C 128 -10.55 18.80 -20.40
C THR C 128 -11.30 18.81 -19.06
N ALA C 129 -10.56 18.62 -17.97
CA ALA C 129 -11.06 18.85 -16.61
C ALA C 129 -10.06 19.77 -15.93
N LEU C 130 -10.55 20.71 -15.11
CA LEU C 130 -9.72 21.73 -14.49
C LEU C 130 -9.65 21.56 -12.97
N PHE C 131 -8.47 21.81 -12.42
CA PHE C 131 -8.24 21.70 -10.98
C PHE C 131 -7.44 22.95 -10.54
N ASN C 132 -6.77 22.91 -9.40
CA ASN C 132 -6.03 24.07 -8.90
C ASN C 132 -4.53 23.95 -9.09
N SER C 133 -3.94 22.84 -8.64
CA SER C 133 -2.48 22.71 -8.70
C SER C 133 -2.04 21.66 -9.71
N GLY C 134 -0.75 21.71 -10.08
CA GLY C 134 -0.17 20.70 -10.92
C GLY C 134 -0.30 19.32 -10.30
N ALA C 135 -0.08 19.20 -8.99
CA ALA C 135 -0.23 17.90 -8.33
C ALA C 135 -1.64 17.34 -8.49
N GLU C 136 -2.63 18.21 -8.35
CA GLU C 136 -4.02 17.78 -8.55
C GLU C 136 -4.26 17.32 -10.00
N ALA C 137 -3.67 18.03 -10.97
CA ALA C 137 -3.79 17.61 -12.38
C ALA C 137 -3.21 16.19 -12.56
N VAL C 138 -2.01 15.96 -12.04
CA VAL C 138 -1.38 14.64 -12.13
C VAL C 138 -2.27 13.59 -11.42
N GLU C 139 -2.75 13.87 -10.21
CA GLU C 139 -3.66 12.96 -9.52
C GLU C 139 -4.85 12.54 -10.40
N ASN C 140 -5.44 13.51 -11.05
CA ASN C 140 -6.64 13.27 -11.85
C ASN C 140 -6.33 12.58 -13.20
N ALA C 141 -5.15 12.83 -13.77
CA ALA C 141 -4.71 12.09 -14.96
C ALA C 141 -4.56 10.59 -14.61
N ILE C 142 -4.03 10.32 -13.42
CA ILE C 142 -3.85 8.93 -12.96
C ILE C 142 -5.22 8.28 -12.69
N LYS C 143 -6.14 9.03 -12.09
CA LYS C 143 -7.51 8.55 -11.86
C LYS C 143 -8.19 8.17 -13.15
N VAL C 144 -8.06 9.03 -14.16
CA VAL C 144 -8.65 8.74 -15.48
C VAL C 144 -8.06 7.47 -16.07
N ALA C 145 -6.73 7.36 -16.06
CA ALA C 145 -6.04 6.22 -16.63
C ALA C 145 -6.44 4.93 -15.95
N ARG C 146 -6.47 4.94 -14.62
CA ARG C 146 -6.83 3.75 -13.85
C ARG C 146 -8.28 3.33 -14.09
N LEU C 147 -9.19 4.27 -14.09
CA LEU C 147 -10.58 3.93 -14.30
C LEU C 147 -10.80 3.44 -15.75
N ALA C 148 -10.26 4.17 -16.72
CA ALA C 148 -10.49 3.88 -18.14
C ALA C 148 -9.91 2.53 -18.55
N THR C 149 -8.72 2.22 -18.06
CA THR C 149 -8.05 0.96 -18.40
C THR C 149 -8.46 -0.21 -17.52
N GLY C 150 -8.93 0.09 -16.31
CA GLY C 150 -9.23 -0.98 -15.35
C GLY C 150 -7.99 -1.67 -14.79
N ARG C 151 -6.85 -1.01 -14.96
CA ARG C 151 -5.54 -1.55 -14.56
C ARG C 151 -4.95 -0.75 -13.39
N PRO C 152 -4.19 -1.42 -12.51
CA PRO C 152 -3.75 -0.74 -11.30
C PRO C 152 -2.42 0.03 -11.34
N ALA C 153 -1.43 -0.44 -12.09
CA ALA C 153 -0.05 0.03 -11.91
C ALA C 153 0.24 1.32 -12.71
N VAL C 154 1.16 2.13 -12.20
CA VAL C 154 1.64 3.33 -12.89
C VAL C 154 3.17 3.30 -12.87
N VAL C 155 3.76 3.65 -14.02
CA VAL C 155 5.20 3.80 -14.17
C VAL C 155 5.59 5.27 -14.15
N ALA C 156 6.56 5.62 -13.29
CA ALA C 156 7.23 6.92 -13.34
C ALA C 156 8.73 6.65 -13.45
N PHE C 157 9.54 7.69 -13.58
CA PHE C 157 10.93 7.51 -13.94
C PHE C 157 11.92 8.11 -12.98
N ASP C 158 13.15 7.63 -13.10
CA ASP C 158 14.29 8.25 -12.44
C ASP C 158 14.29 9.71 -12.83
N ASN C 159 14.63 10.56 -11.85
CA ASN C 159 14.76 12.02 -12.02
C ASN C 159 13.43 12.74 -12.16
N ALA C 160 12.33 12.04 -11.95
CA ALA C 160 11.00 12.63 -12.12
C ALA C 160 10.60 13.48 -10.92
N TYR C 161 9.79 14.49 -11.19
CA TYR C 161 9.11 15.24 -10.13
C TYR C 161 7.67 15.53 -10.58
N HIS C 162 6.71 15.24 -9.72
CA HIS C 162 5.28 15.39 -10.06
C HIS C 162 4.40 16.06 -9.04
N GLY C 163 4.93 16.31 -7.84
CA GLY C 163 4.18 17.02 -6.83
C GLY C 163 4.37 16.49 -5.42
N ARG C 164 3.64 17.13 -4.48
CA ARG C 164 3.80 16.90 -3.05
C ARG C 164 2.61 16.27 -2.32
N THR C 165 1.62 15.75 -3.05
CA THR C 165 0.55 14.98 -2.41
C THR C 165 1.10 13.57 -2.24
N ASN C 166 0.39 12.72 -1.53
CA ASN C 166 0.95 11.38 -1.26
C ASN C 166 1.23 10.64 -2.57
N LEU C 167 0.25 10.59 -3.48
CA LEU C 167 0.51 9.90 -4.75
C LEU C 167 1.58 10.61 -5.61
N THR C 168 1.57 11.95 -5.66
CA THR C 168 2.59 12.62 -6.48
C THR C 168 3.99 12.54 -5.88
N MET C 169 4.06 12.43 -4.56
CA MET C 169 5.31 12.10 -3.87
C MET C 169 5.77 10.72 -4.30
N ALA C 170 4.85 9.75 -4.30
CA ALA C 170 5.14 8.39 -4.78
C ALA C 170 5.75 8.40 -6.18
N LEU C 171 5.19 9.24 -7.06
CA LEU C 171 5.62 9.31 -8.44
C LEU C 171 6.94 10.06 -8.60
N THR C 172 7.25 10.93 -7.65
CA THR C 172 8.48 11.72 -7.61
C THR C 172 9.64 10.85 -7.19
N ALA C 173 10.80 11.02 -7.84
CA ALA C 173 11.96 10.16 -7.58
C ALA C 173 12.74 10.57 -6.32
N LYS C 174 13.04 11.85 -6.18
CA LYS C 174 14.03 12.30 -5.17
C LYS C 174 13.38 12.40 -3.80
N SER C 175 14.02 11.81 -2.79
CA SER C 175 13.42 11.73 -1.46
C SER C 175 13.51 13.03 -0.67
N MET C 176 14.65 13.71 -0.72
CA MET C 176 14.84 14.96 0.02
C MET C 176 14.79 16.15 -0.94
N PRO C 177 13.89 17.12 -0.66
CA PRO C 177 12.99 17.28 0.47
C PRO C 177 11.53 16.94 0.17
N TYR C 178 11.26 16.17 -0.86
CA TYR C 178 9.89 15.96 -1.33
C TYR C 178 9.10 14.87 -0.63
N LYS C 179 9.79 13.81 -0.16
CA LYS C 179 9.13 12.58 0.29
C LYS C 179 9.51 12.13 1.68
N SER C 180 10.74 12.44 2.10
CA SER C 180 11.32 11.81 3.27
C SER C 180 10.46 12.02 4.52
N GLN C 181 10.07 10.90 5.14
CA GLN C 181 9.30 10.83 6.38
C GLN C 181 7.78 11.08 6.20
N PHE C 182 7.34 11.16 4.95
CA PHE C 182 5.93 11.47 4.64
C PHE C 182 5.11 10.28 4.16
N GLY C 183 5.72 9.09 4.09
CA GLY C 183 5.00 7.88 3.72
C GLY C 183 4.25 7.21 4.87
N PRO C 184 3.73 5.99 4.64
CA PRO C 184 3.94 5.22 3.40
C PRO C 184 3.17 5.78 2.21
N PHE C 185 3.60 5.38 1.02
CA PHE C 185 3.16 6.01 -0.23
C PHE C 185 2.16 5.18 -1.01
N ALA C 186 1.39 5.86 -1.84
CA ALA C 186 0.36 5.26 -2.68
C ALA C 186 0.89 4.02 -3.42
N PRO C 187 0.13 2.91 -3.40
CA PRO C 187 0.70 1.66 -3.94
C PRO C 187 0.65 1.51 -5.45
N GLU C 188 1.41 0.51 -5.91
CA GLU C 188 1.50 0.14 -7.32
C GLU C 188 2.05 1.26 -8.23
N VAL C 189 3.02 1.99 -7.69
CA VAL C 189 3.84 2.90 -8.46
C VAL C 189 5.19 2.21 -8.64
N TYR C 190 5.64 2.11 -9.88
CA TYR C 190 6.92 1.48 -10.21
C TYR C 190 7.82 2.51 -10.89
N ARG C 191 9.08 2.55 -10.49
CA ARG C 191 10.04 3.45 -11.11
C ARG C 191 10.93 2.74 -12.11
N MET C 192 11.13 3.39 -13.24
CA MET C 192 11.99 2.88 -14.30
C MET C 192 13.05 3.89 -14.70
N PRO C 193 14.14 3.42 -15.36
CA PRO C 193 15.10 4.36 -15.94
C PRO C 193 14.51 5.02 -17.19
N ALA C 194 14.77 6.31 -17.35
CA ALA C 194 14.46 7.01 -18.60
C ALA C 194 15.76 7.29 -19.36
N SER C 195 15.88 8.49 -19.91
CA SER C 195 17.08 8.91 -20.65
C SER C 195 17.69 10.13 -19.96
N TYR C 196 18.99 10.07 -19.70
CA TYR C 196 19.74 11.16 -19.11
C TYR C 196 21.07 11.12 -19.86
N PRO C 197 21.14 11.75 -21.05
CA PRO C 197 22.29 11.57 -21.94
C PRO C 197 23.66 11.78 -21.30
N LEU C 198 23.80 12.79 -20.44
CA LEU C 198 25.09 13.08 -19.81
C LEU C 198 25.62 11.93 -18.94
N ARG C 199 24.72 11.24 -18.24
CA ARG C 199 25.12 10.26 -17.26
C ARG C 199 24.86 8.82 -17.67
N ASP C 200 24.16 8.62 -18.78
CA ASP C 200 23.90 7.30 -19.32
C ASP C 200 25.16 6.82 -20.06
N GLU C 201 25.21 5.56 -20.42
CA GLU C 201 26.28 5.05 -21.29
C GLU C 201 26.53 5.97 -22.47
N PRO C 202 27.81 6.32 -22.74
CA PRO C 202 28.10 7.14 -23.91
C PRO C 202 27.60 6.47 -25.19
N GLY C 203 26.94 7.23 -26.05
CA GLY C 203 26.45 6.70 -27.32
C GLY C 203 25.10 6.02 -27.26
N LEU C 204 24.54 5.86 -26.06
CA LEU C 204 23.24 5.22 -25.93
C LEU C 204 22.22 6.03 -26.74
N THR C 205 21.50 5.35 -27.62
CA THR C 205 20.44 5.99 -28.39
C THR C 205 19.17 6.09 -27.54
N GLY C 206 18.31 7.05 -27.87
CA GLY C 206 17.01 7.15 -27.21
C GLY C 206 16.16 5.92 -27.41
N GLU C 207 16.23 5.34 -28.61
CA GLU C 207 15.49 4.13 -28.91
C GLU C 207 15.95 3.02 -27.97
N GLU C 208 17.26 2.88 -27.79
CA GLU C 208 17.77 1.83 -26.90
C GLU C 208 17.44 2.11 -25.42
N ALA C 209 17.51 3.37 -24.98
CA ALA C 209 17.09 3.70 -23.61
C ALA C 209 15.61 3.33 -23.42
N ALA C 210 14.79 3.58 -24.44
CA ALA C 210 13.36 3.26 -24.32
C ALA C 210 13.16 1.74 -24.31
N ARG C 211 13.90 1.02 -25.14
CA ARG C 211 13.81 -0.45 -25.15
C ARG C 211 14.19 -1.05 -23.80
N ARG C 212 15.17 -0.46 -23.12
CA ARG C 212 15.56 -0.95 -21.81
C ARG C 212 14.42 -0.77 -20.80
N ALA C 213 13.75 0.37 -20.84
CA ALA C 213 12.64 0.64 -19.91
C ALA C 213 11.49 -0.30 -20.22
N ILE C 214 11.17 -0.43 -21.50
CA ILE C 214 10.12 -1.31 -21.95
C ILE C 214 10.38 -2.74 -21.48
N SER C 215 11.61 -3.22 -21.64
CA SER C 215 11.96 -4.60 -21.24
C SER C 215 11.69 -4.79 -19.75
N ARG C 216 12.13 -3.84 -18.94
CA ARG C 216 11.94 -3.87 -17.49
CA ARG C 216 11.93 -3.93 -17.51
C ARG C 216 10.45 -3.84 -17.12
N ILE C 217 9.68 -3.02 -17.82
CA ILE C 217 8.25 -2.90 -17.61
C ILE C 217 7.54 -4.23 -17.90
N GLU C 218 7.88 -4.83 -19.05
CA GLU C 218 7.32 -6.11 -19.47
C GLU C 218 7.66 -7.21 -18.46
N THR C 219 8.93 -7.23 -18.02
CA THR C 219 9.38 -8.24 -17.08
C THR C 219 8.73 -8.09 -15.69
N GLN C 220 8.70 -6.87 -15.19
CA GLN C 220 8.41 -6.65 -13.77
C GLN C 220 6.97 -6.26 -13.50
N ILE C 221 6.26 -5.78 -14.53
CA ILE C 221 4.89 -5.33 -14.34
C ILE C 221 3.93 -6.13 -15.24
N GLY C 222 4.22 -6.14 -16.54
CA GLY C 222 3.31 -6.72 -17.53
C GLY C 222 2.31 -5.66 -17.96
N ALA C 223 2.16 -5.52 -19.27
CA ALA C 223 1.31 -4.49 -19.81
C ALA C 223 -0.11 -4.65 -19.30
N GLN C 224 -0.54 -5.88 -19.10
CA GLN C 224 -1.93 -6.10 -18.69
C GLN C 224 -2.27 -5.50 -17.31
N SER C 225 -1.25 -5.21 -16.49
CA SER C 225 -1.45 -4.57 -15.19
C SER C 225 -1.13 -3.09 -15.17
N LEU C 226 -0.71 -2.54 -16.31
CA LEU C 226 -0.18 -1.17 -16.37
C LEU C 226 -1.20 -0.18 -16.92
N ALA C 227 -1.72 0.69 -16.05
CA ALA C 227 -2.68 1.70 -16.50
C ALA C 227 -2.01 2.80 -17.28
N ALA C 228 -0.83 3.22 -16.83
CA ALA C 228 -0.25 4.46 -17.34
C ALA C 228 1.27 4.54 -17.19
N ILE C 229 1.86 5.25 -18.13
CA ILE C 229 3.23 5.73 -18.04
C ILE C 229 3.15 7.25 -17.99
N ILE C 230 3.80 7.86 -16.99
CA ILE C 230 3.81 9.31 -16.85
C ILE C 230 5.26 9.80 -16.89
N ILE C 231 5.49 10.79 -17.73
CA ILE C 231 6.84 11.37 -17.87
C ILE C 231 6.78 12.84 -18.29
N GLU C 232 7.73 13.61 -17.78
CA GLU C 232 7.90 15.01 -18.21
C GLU C 232 8.71 15.02 -19.51
N PRO C 233 8.25 15.74 -20.55
CA PRO C 233 9.06 15.71 -21.79
C PRO C 233 10.48 16.26 -21.62
N ILE C 234 10.63 17.27 -20.77
CA ILE C 234 11.91 17.67 -20.23
C ILE C 234 11.76 17.58 -18.73
N GLN C 235 12.60 16.81 -18.05
CA GLN C 235 12.43 16.66 -16.59
C GLN C 235 12.93 17.93 -15.92
N GLY C 236 12.07 18.54 -15.11
CA GLY C 236 12.27 19.89 -14.59
C GLY C 236 13.13 19.90 -13.33
N GLU C 237 12.50 19.65 -12.18
CA GLU C 237 13.22 19.60 -10.91
C GLU C 237 14.37 18.57 -10.90
N GLY C 238 14.25 17.52 -11.70
CA GLY C 238 15.31 16.51 -11.86
C GLY C 238 16.58 17.05 -12.52
N GLY C 239 16.51 18.22 -13.16
CA GLY C 239 17.71 18.92 -13.69
C GLY C 239 17.64 19.41 -15.14
N PHE C 240 16.43 19.68 -15.65
CA PHE C 240 16.26 20.09 -17.06
C PHE C 240 16.88 19.06 -17.98
N ILE C 241 16.53 17.80 -17.74
CA ILE C 241 17.05 16.69 -18.52
C ILE C 241 16.20 16.52 -19.79
N VAL C 242 16.84 16.67 -20.94
CA VAL C 242 16.18 16.43 -22.23
C VAL C 242 16.52 15.02 -22.69
N PRO C 243 15.51 14.22 -23.03
CA PRO C 243 15.79 12.85 -23.40
C PRO C 243 16.51 12.78 -24.71
N ALA C 244 17.28 11.70 -24.90
CA ALA C 244 17.92 11.44 -26.18
C ALA C 244 16.85 11.36 -27.26
N PRO C 245 17.15 11.84 -28.48
CA PRO C 245 16.14 11.76 -29.54
C PRO C 245 15.63 10.34 -29.73
N GLY C 246 14.31 10.21 -29.90
CA GLY C 246 13.71 8.92 -30.18
C GLY C 246 13.20 8.19 -28.96
N PHE C 247 13.65 8.60 -27.78
CA PHE C 247 13.20 7.96 -26.53
C PHE C 247 11.68 8.04 -26.33
N LEU C 248 11.12 9.24 -26.38
CA LEU C 248 9.70 9.40 -26.09
C LEU C 248 8.81 8.74 -27.14
N ALA C 249 9.16 8.87 -28.42
CA ALA C 249 8.35 8.25 -29.47
C ALA C 249 8.35 6.73 -29.34
N THR C 250 9.47 6.15 -28.93
CA THR C 250 9.57 4.71 -28.77
C THR C 250 8.63 4.27 -27.64
N LEU C 251 8.59 5.06 -26.56
CA LEU C 251 7.66 4.80 -25.47
C LEU C 251 6.20 4.93 -25.86
N THR C 252 5.85 5.98 -26.61
CA THR C 252 4.45 6.22 -26.94
C THR C 252 3.95 5.13 -27.89
N ALA C 253 4.82 4.66 -28.78
CA ALA C 253 4.47 3.57 -29.68
C ALA C 253 4.14 2.30 -28.90
N TRP C 254 5.01 1.97 -27.93
CA TRP C 254 4.78 0.78 -27.10
C TRP C 254 3.50 0.92 -26.30
N ALA C 255 3.28 2.11 -25.72
CA ALA C 255 2.11 2.34 -24.90
C ALA C 255 0.84 2.13 -25.72
N SER C 256 0.82 2.68 -26.95
CA SER C 256 -0.32 2.58 -27.82
C SER C 256 -0.61 1.11 -28.16
N GLU C 257 0.43 0.36 -28.48
CA GLU C 257 0.30 -1.06 -28.81
C GLU C 257 -0.23 -1.92 -27.67
N ASN C 258 -0.05 -1.44 -26.44
CA ASN C 258 -0.33 -2.24 -25.26
C ASN C 258 -1.48 -1.71 -24.43
N GLY C 259 -2.19 -0.71 -24.95
CA GLY C 259 -3.38 -0.18 -24.24
C GLY C 259 -3.05 0.61 -22.98
N VAL C 260 -1.81 1.06 -22.89
CA VAL C 260 -1.34 1.79 -21.72
C VAL C 260 -1.49 3.29 -21.99
N VAL C 261 -2.08 4.01 -21.04
CA VAL C 261 -2.25 5.46 -21.18
C VAL C 261 -0.89 6.17 -21.00
N PHE C 262 -0.53 6.99 -21.97
CA PHE C 262 0.70 7.76 -21.92
C PHE C 262 0.35 9.17 -21.52
N ILE C 263 0.91 9.58 -20.37
CA ILE C 263 0.66 10.92 -19.82
C ILE C 263 1.93 11.74 -19.91
N ALA C 264 1.87 12.87 -20.63
CA ALA C 264 2.94 13.83 -20.67
C ALA C 264 2.68 14.88 -19.60
N ASP C 265 3.56 14.95 -18.61
CA ASP C 265 3.42 15.93 -17.58
C ASP C 265 4.11 17.21 -18.06
N GLU C 266 3.31 18.11 -18.61
CA GLU C 266 3.79 19.39 -19.10
C GLU C 266 3.50 20.55 -18.14
N VAL C 267 3.40 20.25 -16.85
CA VAL C 267 3.22 21.29 -15.87
C VAL C 267 4.31 22.37 -15.98
N GLN C 268 5.56 21.98 -16.12
CA GLN C 268 6.66 22.97 -16.24
C GLN C 268 6.98 23.36 -17.70
N THR C 269 6.96 22.37 -18.60
CA THR C 269 7.28 22.61 -20.00
C THR C 269 6.19 23.34 -20.78
N GLY C 270 4.96 23.29 -20.31
CA GLY C 270 3.82 23.78 -21.08
C GLY C 270 3.74 25.27 -21.29
N PHE C 271 3.15 25.66 -22.43
CA PHE C 271 2.79 27.06 -22.72
C PHE C 271 3.99 27.97 -23.06
N ALA C 272 4.55 27.79 -24.26
CA ALA C 272 5.57 28.66 -24.88
C ALA C 272 6.98 28.45 -24.32
N ARG C 273 7.06 27.94 -23.09
CA ARG C 273 8.31 27.81 -22.33
C ARG C 273 9.46 27.21 -23.13
N THR C 274 9.19 26.13 -23.86
CA THR C 274 10.27 25.43 -24.57
C THR C 274 10.40 25.80 -26.06
N GLY C 275 9.75 26.89 -26.47
CA GLY C 275 9.79 27.32 -27.88
C GLY C 275 8.70 26.73 -28.75
N ALA C 276 7.69 26.16 -28.10
CA ALA C 276 6.49 25.59 -28.75
C ALA C 276 5.39 25.69 -27.71
N TRP C 277 4.12 25.55 -28.11
CA TRP C 277 3.04 25.51 -27.13
C TRP C 277 3.28 24.42 -26.12
N PHE C 278 3.69 23.25 -26.61
CA PHE C 278 3.99 22.10 -25.73
C PHE C 278 5.27 21.46 -26.18
N ALA C 279 6.09 21.06 -25.22
CA ALA C 279 7.36 20.39 -25.48
C ALA C 279 7.20 19.08 -26.25
N SER C 280 6.04 18.42 -26.08
CA SER C 280 5.72 17.21 -26.80
C SER C 280 5.85 17.42 -28.32
N GLU C 281 5.63 18.64 -28.81
CA GLU C 281 5.72 18.89 -30.25
C GLU C 281 7.12 18.64 -30.79
N HIS C 282 8.15 18.94 -29.99
CA HIS C 282 9.54 18.78 -30.43
C HIS C 282 9.87 17.33 -30.67
N GLU C 283 9.12 16.46 -30.01
CA GLU C 283 9.34 15.02 -30.06
C GLU C 283 8.42 14.37 -31.10
N GLY C 284 7.52 15.15 -31.69
CA GLY C 284 6.52 14.60 -32.59
C GLY C 284 5.52 13.65 -31.94
N ILE C 285 5.44 13.63 -30.61
CA ILE C 285 4.50 12.73 -29.91
C ILE C 285 3.15 13.40 -29.64
N VAL C 286 2.13 12.56 -29.50
CA VAL C 286 0.77 13.00 -29.24
C VAL C 286 0.31 12.28 -27.95
N PRO C 287 0.48 12.95 -26.79
CA PRO C 287 0.19 12.24 -25.56
C PRO C 287 -1.29 11.92 -25.43
N ASP C 288 -1.62 10.80 -24.81
CA ASP C 288 -3.01 10.45 -24.56
C ASP C 288 -3.65 11.44 -23.57
N ILE C 289 -2.89 11.81 -22.55
CA ILE C 289 -3.28 12.82 -21.58
C ILE C 289 -2.11 13.78 -21.35
N VAL C 290 -2.43 15.06 -21.26
CA VAL C 290 -1.44 16.09 -20.88
C VAL C 290 -1.88 16.75 -19.56
N THR C 291 -0.95 16.92 -18.65
CA THR C 291 -1.19 17.68 -17.41
C THR C 291 -0.48 19.02 -17.50
N MET C 292 -1.17 20.03 -17.00
CA MET C 292 -0.79 21.43 -17.12
C MET C 292 -1.05 22.19 -15.84
N ALA C 293 -0.17 23.15 -15.56
CA ALA C 293 -0.41 24.17 -14.53
C ALA C 293 0.54 25.36 -14.79
N GLY C 295 2.38 27.98 -16.06
CA GLY C 295 2.22 29.12 -16.97
C GLY C 295 0.81 29.43 -17.46
N ILE C 296 -0.09 28.47 -17.24
CA ILE C 296 -1.46 28.49 -17.79
C ILE C 296 -2.26 29.75 -17.50
N ALA C 297 -2.16 30.28 -16.29
CA ALA C 297 -3.04 31.35 -15.84
C ALA C 297 -2.29 32.60 -15.33
N GLY C 298 -1.09 32.82 -15.87
CA GLY C 298 -0.32 34.06 -15.63
C GLY C 298 -0.06 34.30 -14.16
N GLY C 299 -0.01 33.22 -13.39
CA GLY C 299 0.26 33.28 -11.97
C GLY C 299 -0.86 32.80 -11.06
N MET C 300 -2.07 32.68 -11.58
CA MET C 300 -3.20 32.32 -10.73
C MET C 300 -3.33 30.78 -10.58
N PRO C 301 -3.94 30.31 -9.48
CA PRO C 301 -3.95 28.83 -9.27
C PRO C 301 -4.97 28.08 -10.11
N LEU C 302 -4.51 27.64 -11.28
CA LEU C 302 -5.28 26.79 -12.18
C LEU C 302 -4.38 25.67 -12.72
N SER C 303 -5.00 24.52 -12.91
CA SER C 303 -4.32 23.40 -13.51
C SER C 303 -5.31 22.69 -14.39
N ALA C 304 -4.81 21.85 -15.29
CA ALA C 304 -5.69 21.21 -16.28
C ALA C 304 -5.24 19.81 -16.60
N VAL C 305 -6.21 18.95 -16.92
CA VAL C 305 -5.97 17.63 -17.52
C VAL C 305 -6.71 17.61 -18.89
N THR C 306 -5.97 17.45 -19.96
CA THR C 306 -6.55 17.41 -21.32
C THR C 306 -6.19 16.09 -21.94
N GLY C 307 -7.20 15.33 -22.35
CA GLY C 307 -6.94 13.98 -22.83
C GLY C 307 -7.93 13.52 -23.89
N ARG C 308 -7.64 12.35 -24.45
CA ARG C 308 -8.53 11.76 -25.44
C ARG C 308 -9.93 11.68 -24.87
N ALA C 309 -10.93 12.05 -25.65
CA ALA C 309 -12.29 12.11 -25.14
C ALA C 309 -12.74 10.77 -24.54
N GLU C 310 -12.35 9.67 -25.18
CA GLU C 310 -12.79 8.34 -24.78
CA GLU C 310 -12.84 8.36 -24.75
C GLU C 310 -12.26 7.97 -23.39
N LEU C 311 -11.09 8.52 -23.05
CA LEU C 311 -10.51 8.32 -21.74
C LEU C 311 -11.18 9.23 -20.72
N MET C 312 -11.25 10.51 -21.04
CA MET C 312 -11.77 11.54 -20.14
C MET C 312 -13.25 11.33 -19.85
N ASP C 313 -13.99 10.80 -20.81
CA ASP C 313 -15.43 10.58 -20.64
C ASP C 313 -15.77 9.19 -20.10
N ALA C 314 -14.76 8.34 -19.90
CA ALA C 314 -14.95 7.03 -19.26
C ALA C 314 -15.38 7.15 -17.80
N VAL C 315 -14.97 8.24 -17.15
CA VAL C 315 -15.27 8.48 -15.71
C VAL C 315 -16.73 8.86 -15.53
N TYR C 316 -17.37 8.19 -14.57
CA TYR C 316 -18.77 8.46 -14.20
C TYR C 316 -18.90 9.93 -13.72
N ALA C 317 -20.05 10.54 -13.98
CA ALA C 317 -20.34 11.89 -13.47
C ALA C 317 -20.08 11.97 -11.98
N GLY C 318 -19.32 13.00 -11.60
CA GLY C 318 -19.04 13.28 -10.21
C GLY C 318 -17.70 12.70 -9.79
N GLY C 319 -17.12 11.82 -10.61
CA GLY C 319 -15.85 11.15 -10.26
C GLY C 319 -14.61 12.05 -10.29
N LEU C 320 -14.67 13.12 -11.10
CA LEU C 320 -13.62 14.12 -11.12
C LEU C 320 -14.20 15.35 -10.48
N GLY C 321 -13.53 15.89 -9.49
CA GLY C 321 -14.18 16.92 -8.69
C GLY C 321 -13.26 17.76 -7.87
N GLY C 322 -13.88 18.50 -6.97
CA GLY C 322 -13.16 19.42 -6.12
C GLY C 322 -14.00 20.68 -6.09
N THR C 323 -13.82 21.45 -5.04
CA THR C 323 -14.66 22.60 -4.83
C THR C 323 -14.21 23.77 -5.68
N TYR C 324 -12.91 24.09 -5.59
CA TYR C 324 -12.39 25.29 -6.23
C TYR C 324 -12.08 25.14 -7.72
N GLY C 325 -11.84 23.93 -8.19
CA GLY C 325 -11.15 23.73 -9.49
C GLY C 325 -11.80 24.47 -10.64
N GLY C 326 -10.97 25.00 -11.55
CA GLY C 326 -11.47 25.79 -12.66
C GLY C 326 -12.12 27.08 -12.15
N ASN C 327 -11.49 27.67 -11.12
CA ASN C 327 -12.02 28.88 -10.51
C ASN C 327 -12.20 29.95 -11.59
N PRO C 328 -13.35 30.65 -11.61
CA PRO C 328 -13.67 31.55 -12.71
C PRO C 328 -12.71 32.74 -12.85
N VAL C 329 -12.20 33.23 -11.73
CA VAL C 329 -11.20 34.28 -11.78
C VAL C 329 -9.90 33.77 -12.39
N THR C 330 -9.47 32.56 -11.98
CA THR C 330 -8.27 31.95 -12.58
C THR C 330 -8.49 31.61 -14.06
N CYS C 331 -9.73 31.27 -14.43
CA CYS C 331 -10.03 30.98 -15.83
C CYS C 331 -9.92 32.24 -16.66
N ALA C 332 -10.43 33.34 -16.13
CA ALA C 332 -10.34 34.63 -16.82
C ALA C 332 -8.87 35.02 -17.02
N ALA C 333 -8.05 34.72 -16.03
CA ALA C 333 -6.63 34.99 -16.09
C ALA C 333 -5.98 34.15 -17.20
N ALA C 334 -6.40 32.89 -17.31
CA ALA C 334 -5.89 31.96 -18.32
C ALA C 334 -6.26 32.40 -19.72
N VAL C 335 -7.53 32.76 -19.93
CA VAL C 335 -7.91 33.23 -21.28
C VAL C 335 -7.01 34.42 -21.71
N ALA C 336 -6.79 35.33 -20.76
CA ALA C 336 -5.99 36.53 -20.99
C ALA C 336 -4.53 36.16 -21.23
N ALA C 337 -4.00 35.25 -20.43
CA ALA C 337 -2.58 34.87 -20.54
C ALA C 337 -2.28 34.16 -21.85
N LEU C 338 -3.14 33.23 -22.21
CA LEU C 338 -2.99 32.50 -23.46
C LEU C 338 -3.05 33.45 -24.66
N GLY C 339 -3.94 34.44 -24.57
CA GLY C 339 -4.05 35.50 -25.56
C GLY C 339 -2.75 36.27 -25.73
N VAL C 340 -2.13 36.62 -24.61
CA VAL C 340 -0.83 37.32 -24.63
C VAL C 340 0.26 36.48 -25.30
N MET C 341 0.30 35.19 -24.97
CA MET C 341 1.30 34.29 -25.54
C MET C 341 1.17 34.26 -27.06
N ARG C 342 -0.08 34.28 -27.54
CA ARG C 342 -0.38 34.24 -28.97
CA ARG C 342 -0.31 34.23 -28.98
C ARG C 342 0.02 35.58 -29.62
N GLU C 343 -0.47 36.65 -29.02
CA GLU C 343 -0.29 38.01 -29.53
C GLU C 343 1.16 38.43 -29.66
N LEU C 344 1.97 38.06 -28.66
CA LEU C 344 3.39 38.38 -28.66
C LEU C 344 4.25 37.25 -29.26
N ASP C 345 3.61 36.20 -29.74
CA ASP C 345 4.32 34.99 -30.20
C ASP C 345 5.42 34.62 -29.22
N LEU C 346 5.02 34.38 -27.97
CA LEU C 346 5.99 33.97 -26.97
C LEU C 346 6.73 32.64 -27.26
N PRO C 347 6.13 31.70 -28.00
CA PRO C 347 6.96 30.56 -28.42
C PRO C 347 8.16 30.96 -29.29
N ALA C 348 7.95 31.89 -30.23
CA ALA C 348 9.06 32.40 -31.05
C ALA C 348 10.10 33.10 -30.18
N ARG C 349 9.63 33.88 -29.21
CA ARG C 349 10.53 34.56 -28.30
C ARG C 349 11.37 33.56 -27.50
N ALA C 350 10.73 32.50 -27.03
CA ALA C 350 11.48 31.40 -26.39
C ALA C 350 12.55 30.82 -27.31
N ARG C 351 12.22 30.63 -28.58
CA ARG C 351 13.21 30.13 -29.55
C ARG C 351 14.40 31.10 -29.70
N ALA C 352 14.15 32.39 -29.75
CA ALA C 352 15.23 33.39 -29.83
C ALA C 352 16.09 33.35 -28.57
N ILE C 353 15.47 33.23 -27.41
CA ILE C 353 16.22 33.11 -26.15
C ILE C 353 17.10 31.86 -26.16
N GLU C 354 16.58 30.75 -26.67
CA GLU C 354 17.38 29.53 -26.79
C GLU C 354 18.63 29.81 -27.62
N ALA C 355 18.45 30.43 -28.78
CA ALA C 355 19.57 30.67 -29.69
C ALA C 355 20.66 31.50 -29.04
N SER C 356 20.28 32.63 -28.46
CA SER C 356 21.24 33.59 -27.94
C SER C 356 21.88 33.11 -26.64
N VAL C 357 21.08 32.55 -25.72
CA VAL C 357 21.60 32.16 -24.42
C VAL C 357 22.42 30.87 -24.51
N THR C 358 21.95 29.88 -25.28
CA THR C 358 22.71 28.64 -25.47
C THR C 358 24.12 28.91 -26.07
N SER C 359 24.22 29.82 -27.02
CA SER C 359 25.56 30.11 -27.59
C SER C 359 26.50 30.81 -26.58
N ARG C 360 25.97 31.73 -25.75
CA ARG C 360 26.77 32.34 -24.70
C ARG C 360 27.22 31.31 -23.68
N LEU C 361 26.29 30.46 -23.25
CA LEU C 361 26.58 29.47 -22.22
C LEU C 361 27.55 28.42 -22.73
N SER C 362 27.43 28.04 -24.01
CA SER C 362 28.37 27.09 -24.62
C SER C 362 29.80 27.68 -24.73
N ALA C 363 29.91 28.95 -25.10
CA ALA C 363 31.21 29.65 -25.08
C ALA C 363 31.79 29.66 -23.66
N LEU C 364 30.96 29.94 -22.67
CA LEU C 364 31.38 29.96 -21.27
C LEU C 364 31.90 28.59 -20.84
N ALA C 365 31.20 27.53 -21.24
CA ALA C 365 31.62 26.16 -20.93
C ALA C 365 33.00 25.80 -21.47
N GLU C 366 33.41 26.39 -22.59
CA GLU C 366 34.75 26.13 -23.16
C GLU C 366 35.84 26.87 -22.39
N GLU C 367 35.44 27.94 -21.72
CA GLU C 367 36.34 28.87 -21.07
C GLU C 367 36.63 28.44 -19.62
N VAL C 368 35.68 27.76 -18.99
CA VAL C 368 35.86 27.25 -17.64
C VAL C 368 35.88 25.73 -17.67
N ASP C 369 36.08 25.12 -16.51
CA ASP C 369 36.18 23.66 -16.41
C ASP C 369 35.13 23.04 -15.49
N ILE C 370 34.17 23.84 -15.04
CA ILE C 370 33.19 23.39 -14.04
C ILE C 370 31.79 23.20 -14.64
N ILE C 371 31.64 23.40 -15.95
CA ILE C 371 30.34 23.21 -16.60
C ILE C 371 30.38 21.89 -17.35
N GLY C 372 29.61 20.91 -16.87
CA GLY C 372 29.59 19.60 -17.47
C GLY C 372 28.72 19.48 -18.71
N GLU C 373 27.69 20.32 -18.81
CA GLU C 373 26.77 20.29 -19.94
C GLU C 373 25.92 21.56 -19.92
N VAL C 374 25.62 22.05 -21.12
CA VAL C 374 24.62 23.08 -21.37
C VAL C 374 23.48 22.38 -22.09
N ARG C 375 22.26 22.51 -21.59
CA ARG C 375 21.14 21.78 -22.19
C ARG C 375 19.82 22.50 -21.95
N GLY C 376 18.81 22.01 -22.64
CA GLY C 376 17.45 22.54 -22.54
C GLY C 376 16.94 23.05 -23.87
N ARG C 377 15.74 23.60 -23.87
CA ARG C 377 15.08 24.08 -25.07
C ARG C 377 14.32 25.35 -24.74
N GLY C 378 14.21 26.25 -25.72
CA GLY C 378 13.50 27.51 -25.53
C GLY C 378 14.05 28.34 -24.39
N ALA C 379 13.19 28.69 -23.45
CA ALA C 379 13.59 29.41 -22.26
C ALA C 379 13.54 28.51 -21.01
N MET C 380 13.88 27.23 -21.21
CA MET C 380 14.01 26.26 -20.14
C MET C 380 15.41 25.70 -20.32
N LEU C 381 16.40 26.43 -19.82
CA LEU C 381 17.82 26.16 -20.12
C LEU C 381 18.60 25.92 -18.82
N ALA C 382 19.63 25.09 -18.90
CA ALA C 382 20.39 24.73 -17.69
C ALA C 382 21.84 24.45 -17.99
N ILE C 383 22.64 24.63 -16.96
CA ILE C 383 24.02 24.17 -16.98
C ILE C 383 24.25 23.27 -15.76
N GLU C 384 24.86 22.10 -16.01
CA GLU C 384 25.18 21.18 -14.94
C GLU C 384 26.61 21.43 -14.48
N ILE C 385 26.78 21.63 -13.18
CA ILE C 385 28.06 22.01 -12.59
C ILE C 385 28.74 20.76 -12.02
N VAL C 386 30.00 20.60 -12.41
CA VAL C 386 30.76 19.40 -12.06
C VAL C 386 32.15 19.78 -11.57
N LYS C 387 32.79 18.81 -10.94
CA LYS C 387 34.18 18.93 -10.56
C LYS C 387 35.03 18.80 -11.81
N PRO C 388 36.04 19.69 -11.97
CA PRO C 388 36.87 19.75 -13.18
C PRO C 388 37.39 18.40 -13.65
N GLY C 389 37.27 18.14 -14.95
CA GLY C 389 37.73 16.88 -15.55
C GLY C 389 36.93 15.63 -15.22
N THR C 390 35.77 15.81 -14.60
CA THR C 390 34.93 14.71 -14.17
C THR C 390 33.45 15.10 -14.42
N LEU C 391 32.56 14.14 -14.20
CA LEU C 391 31.12 14.41 -14.13
C LEU C 391 30.63 14.31 -12.68
N GLU C 392 31.54 14.43 -11.72
CA GLU C 392 31.17 14.38 -10.30
C GLU C 392 30.39 15.65 -9.98
N PRO C 393 29.18 15.51 -9.41
CA PRO C 393 28.40 16.71 -9.13
C PRO C 393 29.05 17.62 -8.12
N ASP C 394 28.87 18.94 -8.28
CA ASP C 394 29.27 19.89 -7.25
C ASP C 394 28.09 20.76 -6.81
N ALA C 395 27.30 20.23 -5.89
CA ALA C 395 26.12 20.92 -5.38
C ALA C 395 26.50 22.15 -4.59
N ALA C 396 27.54 22.04 -3.74
CA ALA C 396 27.99 23.19 -2.95
C ALA C 396 28.34 24.38 -3.84
N LEU C 397 29.07 24.14 -4.93
CA LEU C 397 29.48 25.22 -5.83
C LEU C 397 28.26 25.81 -6.56
N THR C 398 27.37 24.92 -7.01
CA THR C 398 26.10 25.32 -7.62
C THR C 398 25.34 26.27 -6.69
N LYS C 399 25.20 25.88 -5.42
CA LYS C 399 24.52 26.71 -4.44
C LYS C 399 25.25 28.04 -4.26
N SER C 400 26.57 28.00 -4.20
CA SER C 400 27.34 29.22 -4.01
C SER C 400 27.20 30.21 -5.18
N ILE C 401 27.21 29.69 -6.40
CA ILE C 401 27.01 30.53 -7.59
C ILE C 401 25.65 31.25 -7.53
N ALA C 402 24.58 30.49 -7.23
CA ALA C 402 23.23 31.06 -7.17
C ALA C 402 23.12 32.11 -6.08
N ALA C 403 23.74 31.85 -4.93
CA ALA C 403 23.70 32.79 -3.82
C ALA C 403 24.45 34.09 -4.15
N GLU C 404 25.62 33.96 -4.76
CA GLU C 404 26.40 35.13 -5.19
C GLU C 404 25.63 35.94 -6.22
N ALA C 405 24.91 35.26 -7.11
CA ALA C 405 24.09 35.95 -8.13
C ALA C 405 22.99 36.77 -7.44
N LEU C 406 22.36 36.18 -6.44
CA LEU C 406 21.32 36.90 -5.67
C LEU C 406 21.89 38.16 -5.00
N SER C 407 23.07 38.07 -4.43
CA SER C 407 23.74 39.24 -3.83
C SER C 407 24.01 40.35 -4.82
N GLN C 408 24.19 39.97 -6.09
CA GLN C 408 24.38 40.91 -7.20
C GLN C 408 23.08 41.36 -7.87
N GLY C 409 21.93 40.93 -7.33
CA GLY C 409 20.64 41.36 -7.84
C GLY C 409 20.06 40.56 -9.01
N VAL C 410 20.44 39.28 -9.11
CA VAL C 410 19.96 38.39 -10.16
C VAL C 410 19.43 37.12 -9.48
N LEU C 411 18.13 36.88 -9.64
CA LEU C 411 17.48 35.71 -9.03
C LEU C 411 17.55 34.55 -10.02
N ILE C 412 18.31 33.51 -9.66
CA ILE C 412 18.53 32.37 -10.50
C ILE C 412 18.34 31.15 -9.62
N LEU C 413 17.50 30.24 -10.08
CA LEU C 413 17.19 29.03 -9.32
C LEU C 413 18.16 27.90 -9.66
N THR C 414 18.14 26.89 -8.80
CA THR C 414 18.84 25.66 -9.03
C THR C 414 17.87 24.49 -8.97
N CYS C 415 18.38 23.31 -9.33
CA CYS C 415 17.61 22.08 -9.31
C CYS C 415 18.57 20.91 -9.47
N GLY C 416 18.03 19.72 -9.72
CA GLY C 416 18.83 18.56 -10.04
C GLY C 416 18.71 17.43 -9.01
N THR C 417 18.61 16.22 -9.52
CA THR C 417 18.76 15.03 -8.70
C THR C 417 19.94 15.11 -7.74
N PHE C 418 21.06 15.66 -8.22
CA PHE C 418 22.27 15.82 -7.42
C PHE C 418 22.56 17.25 -6.95
N GLY C 419 21.57 18.13 -7.13
CA GLY C 419 21.61 19.48 -6.61
C GLY C 419 22.62 20.39 -7.30
N ASN C 420 23.04 20.01 -8.50
CA ASN C 420 24.17 20.68 -9.18
C ASN C 420 23.79 21.25 -10.54
N VAL C 421 22.54 21.70 -10.69
CA VAL C 421 22.10 22.27 -11.95
C VAL C 421 21.63 23.69 -11.70
N ILE C 422 22.20 24.63 -12.46
CA ILE C 422 21.72 26.01 -12.47
C ILE C 422 20.74 26.12 -13.63
N ARG C 423 19.52 26.56 -13.35
CA ARG C 423 18.50 26.66 -14.39
C ARG C 423 18.09 28.09 -14.66
N LEU C 424 17.65 28.31 -15.88
CA LEU C 424 17.19 29.60 -16.34
C LEU C 424 15.75 29.44 -16.82
N LEU C 425 14.87 30.22 -16.20
CA LEU C 425 13.44 30.24 -16.46
C LEU C 425 12.95 31.67 -16.45
N PRO C 426 13.43 32.48 -17.40
CA PRO C 426 12.99 33.87 -17.37
C PRO C 426 11.55 33.99 -17.80
N PRO C 427 10.87 35.08 -17.40
CA PRO C 427 9.60 35.38 -18.07
C PRO C 427 9.92 35.72 -19.52
N LEU C 428 9.02 35.36 -20.44
CA LEU C 428 9.32 35.51 -21.85
C LEU C 428 9.10 36.95 -22.30
N VAL C 429 8.62 37.81 -21.40
CA VAL C 429 8.50 39.25 -21.64
C VAL C 429 9.74 40.04 -21.17
N ILE C 430 10.78 39.34 -20.70
CA ILE C 430 12.04 40.00 -20.41
C ILE C 430 12.64 40.62 -21.68
N GLY C 431 13.24 41.80 -21.53
CA GLY C 431 13.89 42.49 -22.63
C GLY C 431 15.25 41.89 -22.94
N ASP C 432 15.70 42.06 -24.19
CA ASP C 432 17.02 41.57 -24.59
C ASP C 432 18.10 42.11 -23.65
N ASP C 433 18.05 43.41 -23.36
CA ASP C 433 19.11 44.05 -22.59
C ASP C 433 19.19 43.49 -21.17
N LEU C 434 18.06 43.36 -20.49
CA LEU C 434 18.04 42.91 -19.10
C LEU C 434 18.41 41.43 -19.00
N LEU C 435 17.99 40.64 -19.98
CA LEU C 435 18.38 39.21 -20.04
C LEU C 435 19.88 39.08 -20.23
N ASP C 436 20.43 39.85 -21.18
CA ASP C 436 21.88 39.89 -21.41
C ASP C 436 22.63 40.26 -20.12
N GLU C 437 22.11 41.25 -19.41
CA GLU C 437 22.74 41.70 -18.17
C GLU C 437 22.78 40.59 -17.15
N GLY C 438 21.65 39.90 -16.99
CA GLY C 438 21.57 38.77 -16.06
C GLY C 438 22.53 37.65 -16.40
N ILE C 439 22.64 37.31 -17.68
CA ILE C 439 23.53 36.22 -18.12
C ILE C 439 25.01 36.60 -17.96
N THR C 440 25.33 37.87 -18.24
CA THR C 440 26.67 38.39 -18.03
C THR C 440 27.04 38.32 -16.55
N ALA C 441 26.13 38.71 -15.66
CA ALA C 441 26.41 38.66 -14.22
C ALA C 441 26.67 37.23 -13.76
N LEU C 442 25.79 36.30 -14.17
CA LEU C 442 26.01 34.88 -13.90
C LEU C 442 27.36 34.38 -14.44
N SER C 443 27.68 34.74 -15.69
CA SER C 443 28.94 34.29 -16.32
C SER C 443 30.16 34.78 -15.53
N ASP C 444 30.17 36.06 -15.16
CA ASP C 444 31.26 36.64 -14.34
C ASP C 444 31.47 35.86 -13.02
N ILE C 445 30.35 35.49 -12.37
CA ILE C 445 30.43 34.70 -11.14
C ILE C 445 31.02 33.31 -11.41
N ILE C 446 30.55 32.65 -12.47
CA ILE C 446 31.07 31.32 -12.85
C ILE C 446 32.57 31.41 -13.18
N ARG C 447 32.97 32.45 -13.91
CA ARG C 447 34.39 32.66 -14.20
C ARG C 447 35.21 32.82 -12.91
N ALA C 448 34.68 33.58 -11.95
CA ALA C 448 35.33 33.81 -10.67
C ALA C 448 35.52 32.49 -9.90
N LYS C 449 34.54 31.61 -9.99
CA LYS C 449 34.59 30.31 -9.33
C LYS C 449 35.45 29.26 -10.04
N ALA C 450 35.66 29.41 -11.35
CA ALA C 450 36.48 28.46 -12.10
C ALA C 450 37.98 28.67 -11.89
N SER C 451 38.34 29.79 -11.26
CA SER C 451 39.75 30.10 -10.92
C SER C 451 40.17 29.51 -9.57
N ILE D 8 -27.81 46.05 4.83
CA ILE D 8 -26.68 45.80 3.87
C ILE D 8 -27.17 46.23 2.51
N THR D 9 -26.28 46.75 1.66
CA THR D 9 -26.64 47.02 0.26
C THR D 9 -26.02 45.98 -0.69
N TYR D 10 -26.73 45.72 -1.76
CA TYR D 10 -26.37 44.68 -2.65
C TYR D 10 -26.14 45.27 -4.01
N ARG D 11 -25.46 44.50 -4.86
CA ARG D 11 -25.23 44.90 -6.25
C ARG D 11 -26.35 44.39 -7.15
N LEU D 12 -26.77 43.15 -6.95
CA LEU D 12 -27.84 42.52 -7.72
C LEU D 12 -29.16 42.57 -6.96
N ALA D 13 -30.26 42.59 -7.72
CA ALA D 13 -31.59 42.49 -7.14
C ALA D 13 -31.77 41.22 -6.32
N GLN D 14 -32.18 41.39 -5.06
CA GLN D 14 -32.26 40.25 -4.12
C GLN D 14 -33.66 39.68 -4.21
N LYS D 15 -33.86 38.89 -5.26
CA LYS D 15 -35.14 38.25 -5.53
C LYS D 15 -34.94 37.04 -6.42
N ARG D 16 -36.00 36.24 -6.46
CA ARG D 16 -36.16 35.18 -7.45
C ARG D 16 -36.76 35.79 -8.71
N THR D 17 -36.27 35.37 -9.87
CA THR D 17 -36.76 35.81 -11.15
C THR D 17 -36.69 34.59 -12.05
N ILE D 18 -37.82 33.98 -12.38
CA ILE D 18 -37.80 32.80 -13.24
C ILE D 18 -38.74 33.10 -14.39
N VAL D 19 -38.14 33.44 -15.53
CA VAL D 19 -38.86 33.96 -16.69
C VAL D 19 -38.51 33.32 -18.05
N THR D 20 -37.79 32.19 -18.02
CA THR D 20 -37.51 31.38 -19.21
C THR D 20 -37.69 29.94 -18.79
N PRO D 21 -37.74 29.02 -19.77
CA PRO D 21 -37.54 27.62 -19.38
C PRO D 21 -36.16 27.45 -18.74
N LEU D 22 -36.02 26.41 -17.92
CA LEU D 22 -34.76 26.07 -17.28
C LEU D 22 -34.23 24.73 -17.83
N PRO D 23 -33.06 24.75 -18.50
CA PRO D 23 -32.24 25.92 -18.83
C PRO D 23 -32.85 26.73 -19.96
N GLY D 24 -32.51 28.02 -20.00
CA GLY D 24 -32.93 28.90 -21.09
C GLY D 24 -32.00 28.78 -22.29
N PRO D 25 -32.24 29.59 -23.33
CA PRO D 25 -31.49 29.46 -24.60
C PRO D 25 -29.99 29.71 -24.47
N ARG D 26 -29.59 30.72 -23.71
CA ARG D 26 -28.15 31.03 -23.56
CA ARG D 26 -28.17 31.01 -23.59
C ARG D 26 -27.46 29.94 -22.74
N SER D 27 -28.11 29.47 -21.67
CA SER D 27 -27.53 28.36 -20.90
C SER D 27 -27.45 27.09 -21.74
N GLY D 28 -28.49 26.87 -22.57
CA GLY D 28 -28.52 25.74 -23.48
C GLY D 28 -27.37 25.73 -24.48
N ALA D 29 -27.06 26.91 -25.04
CA ALA D 29 -25.93 27.02 -25.95
C ALA D 29 -24.60 26.75 -25.24
N LEU D 30 -24.47 27.28 -24.02
CA LEU D 30 -23.27 27.03 -23.21
C LEU D 30 -23.15 25.55 -22.85
N ALA D 31 -24.27 24.89 -22.57
CA ALA D 31 -24.26 23.46 -22.22
C ALA D 31 -23.82 22.60 -23.40
N GLU D 32 -24.22 22.97 -24.61
CA GLU D 32 -23.71 22.29 -25.79
C GLU D 32 -22.17 22.42 -25.89
N ARG D 33 -21.67 23.64 -25.70
CA ARG D 33 -20.21 23.84 -25.71
C ARG D 33 -19.56 23.03 -24.60
N ARG D 34 -20.18 23.03 -23.43
CA ARG D 34 -19.62 22.33 -22.27
C ARG D 34 -19.51 20.83 -22.52
N ARG D 35 -20.57 20.23 -23.05
CA ARG D 35 -20.55 18.79 -23.35
C ARG D 35 -19.53 18.42 -24.45
N ALA D 36 -19.20 19.37 -25.33
CA ALA D 36 -18.18 19.15 -26.38
C ALA D 36 -16.76 19.32 -25.88
N ALA D 37 -16.58 19.99 -24.73
CA ALA D 37 -15.23 20.39 -24.30
C ALA D 37 -14.79 19.87 -22.94
N VAL D 38 -15.73 19.66 -22.02
CA VAL D 38 -15.41 19.32 -20.63
C VAL D 38 -15.68 17.83 -20.39
N SER D 39 -14.74 17.14 -19.74
CA SER D 39 -14.90 15.74 -19.31
C SER D 39 -16.26 15.47 -18.68
N ALA D 40 -16.87 14.37 -19.10
CA ALA D 40 -18.15 13.89 -18.51
C ALA D 40 -17.98 13.47 -17.06
N GLY D 41 -16.74 13.28 -16.62
CA GLY D 41 -16.49 12.96 -15.21
C GLY D 41 -16.76 14.09 -14.23
N VAL D 42 -16.83 15.31 -14.75
CA VAL D 42 -17.00 16.46 -13.86
C VAL D 42 -18.45 16.55 -13.31
N GLY D 43 -19.41 16.75 -14.19
CA GLY D 43 -20.82 16.92 -13.78
C GLY D 43 -21.17 18.20 -13.06
N SER D 44 -22.42 18.68 -13.19
CA SER D 44 -22.90 19.85 -12.44
C SER D 44 -24.34 19.62 -11.92
N THR D 45 -24.64 20.12 -10.73
CA THR D 45 -25.98 20.05 -10.14
C THR D 45 -27.02 20.80 -11.00
N ALA D 46 -26.73 22.06 -11.32
CA ALA D 46 -27.68 22.94 -11.99
C ALA D 46 -27.41 22.96 -13.51
N PRO D 47 -28.48 23.06 -14.32
CA PRO D 47 -28.32 23.10 -15.76
C PRO D 47 -28.16 24.53 -16.32
N VAL D 48 -28.16 25.54 -15.45
CA VAL D 48 -28.05 26.93 -15.86
C VAL D 48 -26.62 27.42 -15.61
N TYR D 49 -26.18 28.39 -16.41
CA TYR D 49 -24.81 28.93 -16.40
C TYR D 49 -24.79 30.34 -15.75
N ALA D 50 -23.90 30.53 -14.78
CA ALA D 50 -23.85 31.75 -13.96
C ALA D 50 -23.12 32.87 -14.68
N VAL D 51 -23.70 34.07 -14.62
CA VAL D 51 -23.02 35.30 -15.04
C VAL D 51 -22.71 36.28 -13.90
N ASP D 52 -23.45 36.15 -12.81
CA ASP D 52 -23.29 37.00 -11.64
C ASP D 52 -23.79 36.26 -10.39
N ALA D 53 -23.15 36.51 -9.26
CA ALA D 53 -23.60 35.99 -7.99
C ALA D 53 -23.24 37.00 -6.90
N ASP D 54 -24.22 37.33 -6.08
CA ASP D 54 -24.10 38.43 -5.12
C ASP D 54 -25.16 38.31 -4.04
N GLY D 55 -24.77 38.61 -2.80
CA GLY D 55 -25.70 38.57 -1.69
C GLY D 55 -26.29 37.17 -1.56
N GLY D 56 -27.60 37.07 -1.69
CA GLY D 56 -28.27 35.76 -1.70
C GLY D 56 -28.70 35.20 -3.03
N VAL D 57 -28.20 35.74 -4.16
CA VAL D 57 -28.67 35.31 -5.48
C VAL D 57 -27.58 34.91 -6.48
N ILE D 58 -27.99 34.07 -7.43
CA ILE D 58 -27.18 33.71 -8.61
C ILE D 58 -28.01 34.08 -9.81
N VAL D 59 -27.44 34.83 -10.74
CA VAL D 59 -28.11 35.21 -11.94
C VAL D 59 -27.47 34.46 -13.08
N ASP D 60 -28.31 33.82 -13.89
CA ASP D 60 -27.84 32.98 -14.99
C ASP D 60 -27.77 33.74 -16.32
N ALA D 61 -27.28 33.05 -17.34
CA ALA D 61 -27.04 33.63 -18.67
C ALA D 61 -28.30 34.12 -19.41
N ASP D 62 -29.46 33.70 -18.95
CA ASP D 62 -30.73 34.11 -19.52
C ASP D 62 -31.49 35.11 -18.66
N GLY D 63 -30.88 35.57 -17.56
CA GLY D 63 -31.49 36.56 -16.70
C GLY D 63 -32.37 36.01 -15.60
N ASN D 64 -32.40 34.68 -15.41
CA ASN D 64 -33.08 34.12 -14.25
C ASN D 64 -32.25 34.36 -13.01
N SER D 65 -32.92 34.58 -11.89
CA SER D 65 -32.27 34.83 -10.60
C SER D 65 -32.74 33.77 -9.60
N PHE D 66 -31.76 33.06 -9.02
CA PHE D 66 -32.01 32.00 -8.05
C PHE D 66 -31.61 32.40 -6.65
N ILE D 67 -32.41 32.00 -5.67
CA ILE D 67 -31.97 32.08 -4.27
C ILE D 67 -30.89 31.03 -4.02
N ASP D 68 -29.71 31.48 -3.55
CA ASP D 68 -28.54 30.64 -3.38
C ASP D 68 -28.48 30.13 -1.93
N LEU D 69 -28.88 28.87 -1.73
CA LEU D 69 -28.79 28.26 -0.41
C LEU D 69 -27.63 27.26 -0.32
N GLY D 70 -26.70 27.34 -1.27
CA GLY D 70 -25.53 26.47 -1.30
C GLY D 70 -24.19 27.15 -1.05
N ALA D 71 -24.09 28.44 -1.36
CA ALA D 71 -22.82 29.18 -1.31
C ALA D 71 -21.66 28.49 -2.03
N GLY D 72 -21.93 27.79 -3.12
CA GLY D 72 -20.85 27.13 -3.84
C GLY D 72 -20.23 26.02 -3.02
N ILE D 73 -21.07 25.36 -2.22
CA ILE D 73 -20.69 24.36 -1.22
C ILE D 73 -19.94 25.00 -0.06
N ALA D 74 -20.61 25.93 0.63
CA ALA D 74 -20.09 26.52 1.86
C ALA D 74 -18.84 27.38 1.67
N VAL D 75 -18.66 27.96 0.48
CA VAL D 75 -17.47 28.74 0.15
C VAL D 75 -17.72 30.25 0.23
N THR D 76 -18.76 30.72 -0.43
CA THR D 76 -19.00 32.16 -0.52
C THR D 76 -19.83 32.69 0.65
N THR D 77 -19.35 32.38 1.85
CA THR D 77 -19.91 32.83 3.11
C THR D 77 -20.05 34.34 3.20
N VAL D 78 -19.10 35.10 2.64
CA VAL D 78 -19.16 36.57 2.64
C VAL D 78 -19.94 37.13 1.45
N GLY D 79 -20.55 36.24 0.68
CA GLY D 79 -21.13 36.58 -0.61
C GLY D 79 -20.14 36.24 -1.70
N ALA D 80 -20.66 35.98 -2.89
CA ALA D 80 -19.86 35.53 -4.04
C ALA D 80 -19.17 36.65 -4.85
N SER D 81 -19.44 37.92 -4.53
CA SER D 81 -18.74 39.01 -5.19
C SER D 81 -18.68 40.22 -4.26
N HIS D 82 -18.26 39.97 -3.03
CA HIS D 82 -18.17 41.06 -2.08
C HIS D 82 -17.22 42.12 -2.59
N PRO D 83 -17.63 43.40 -2.57
CA PRO D 83 -16.81 44.41 -3.22
C PRO D 83 -15.42 44.61 -2.59
N ALA D 84 -15.28 44.37 -1.29
CA ALA D 84 -13.96 44.47 -0.64
C ALA D 84 -13.04 43.35 -1.05
N VAL D 85 -13.62 42.18 -1.25
CA VAL D 85 -12.90 41.02 -1.73
C VAL D 85 -12.48 41.26 -3.18
N ALA D 86 -13.41 41.70 -4.02
CA ALA D 86 -13.12 42.00 -5.43
C ALA D 86 -12.06 43.10 -5.57
N ALA D 87 -12.13 44.13 -4.74
CA ALA D 87 -11.15 45.23 -4.78
C ALA D 87 -9.75 44.76 -4.36
N ALA D 88 -9.67 43.92 -3.33
CA ALA D 88 -8.38 43.38 -2.86
C ALA D 88 -7.73 42.50 -3.93
N ILE D 89 -8.56 41.69 -4.58
CA ILE D 89 -8.13 40.87 -5.70
C ILE D 89 -7.59 41.70 -6.85
N ALA D 90 -8.36 42.71 -7.27
CA ALA D 90 -7.96 43.58 -8.37
C ALA D 90 -6.61 44.26 -8.04
N ASP D 91 -6.52 44.78 -6.84
CA ASP D 91 -5.38 45.58 -6.43
C ASP D 91 -4.11 44.72 -6.41
N GLN D 92 -4.20 43.51 -5.85
CA GLN D 92 -3.00 42.66 -5.77
C GLN D 92 -2.49 42.25 -7.15
N ALA D 93 -3.43 41.94 -8.04
CA ALA D 93 -3.09 41.50 -9.39
C ALA D 93 -2.30 42.56 -10.16
N THR D 94 -2.51 43.85 -9.87
CA THR D 94 -1.76 44.90 -10.55
C THR D 94 -0.30 44.96 -10.09
N HIS D 95 -0.02 44.44 -8.89
CA HIS D 95 1.35 44.38 -8.35
C HIS D 95 2.07 43.12 -8.71
N PHE D 96 1.45 41.99 -8.38
CA PHE D 96 1.93 40.68 -8.86
C PHE D 96 0.90 39.58 -8.55
N THR D 97 0.74 38.66 -9.50
CA THR D 97 -0.14 37.52 -9.33
C THR D 97 0.53 36.39 -8.56
N HIS D 98 1.87 36.35 -8.58
CA HIS D 98 2.62 35.16 -8.13
C HIS D 98 4.08 35.47 -8.17
N THR D 99 4.78 35.10 -7.10
CA THR D 99 6.24 34.99 -7.13
C THR D 99 6.74 33.61 -6.68
N CYS D 100 5.82 32.75 -6.21
CA CYS D 100 6.13 31.50 -5.48
C CYS D 100 6.74 31.84 -4.14
N PHE D 101 5.96 31.65 -3.08
CA PHE D 101 6.37 32.05 -1.76
C PHE D 101 7.70 31.40 -1.36
N MET D 102 7.91 30.17 -1.82
CA MET D 102 9.15 29.45 -1.58
C MET D 102 10.36 29.97 -2.35
N VAL D 103 10.13 30.84 -3.32
CA VAL D 103 11.22 31.50 -4.03
C VAL D 103 11.38 32.91 -3.47
N THR D 104 10.39 33.77 -3.74
CA THR D 104 10.42 35.13 -3.21
C THR D 104 9.18 35.34 -2.34
N PRO D 105 9.36 35.48 -1.02
CA PRO D 105 8.21 35.60 -0.15
C PRO D 105 7.59 37.00 -0.20
N TYR D 106 6.44 37.14 0.43
CA TYR D 106 5.64 38.38 0.41
C TYR D 106 4.76 38.48 1.66
N GLU D 107 4.41 39.71 2.02
CA GLU D 107 3.67 40.02 3.23
C GLU D 107 2.29 39.37 3.31
N GLN D 108 1.65 39.20 2.16
CA GLN D 108 0.24 38.76 2.14
C GLN D 108 0.09 37.36 2.75
N TYR D 109 1.08 36.51 2.49
CA TYR D 109 1.11 35.15 3.04
C TYR D 109 1.31 35.24 4.56
N VAL D 110 2.24 36.08 4.98
CA VAL D 110 2.51 36.27 6.39
C VAL D 110 1.26 36.78 7.12
N GLN D 111 0.54 37.70 6.49
CA GLN D 111 -0.65 38.28 7.08
C GLN D 111 -1.71 37.22 7.35
N VAL D 112 -1.96 36.37 6.35
CA VAL D 112 -2.96 35.30 6.50
C VAL D 112 -2.53 34.34 7.61
N ALA D 113 -1.25 33.96 7.62
CA ALA D 113 -0.75 33.05 8.66
C ALA D 113 -0.99 33.65 10.06
N GLU D 114 -0.74 34.94 10.19
CA GLU D 114 -0.92 35.61 11.48
C GLU D 114 -2.41 35.57 11.89
N LEU D 115 -3.27 35.85 10.94
CA LEU D 115 -4.72 35.88 11.20
C LEU D 115 -5.23 34.50 11.64
N LEU D 116 -4.77 33.45 10.98
CA LEU D 116 -5.23 32.10 11.29
C LEU D 116 -4.64 31.59 12.58
N ASN D 117 -3.38 31.91 12.85
CA ASN D 117 -2.80 31.55 14.13
C ASN D 117 -3.62 32.12 15.31
N ALA D 118 -4.09 33.36 15.17
CA ALA D 118 -4.85 34.02 16.22
C ALA D 118 -6.29 33.49 16.31
N LEU D 119 -6.86 33.10 15.18
CA LEU D 119 -8.31 32.82 15.11
C LEU D 119 -8.66 31.39 15.54
N THR D 120 -7.75 30.46 15.30
CA THR D 120 -7.97 29.05 15.63
C THR D 120 -8.00 28.80 17.14
N PRO D 121 -8.56 27.66 17.56
CA PRO D 121 -8.64 27.38 18.99
C PRO D 121 -7.30 27.32 19.73
N GLY D 122 -7.32 27.75 20.99
CA GLY D 122 -6.16 27.65 21.86
C GLY D 122 -5.31 28.89 21.87
N ASP D 123 -4.58 29.09 22.97
CA ASP D 123 -3.71 30.24 23.19
CA ASP D 123 -3.72 30.27 23.10
C ASP D 123 -2.25 29.86 23.05
N HIS D 124 -2.00 28.61 22.68
CA HIS D 124 -0.65 28.08 22.53
C HIS D 124 0.03 28.59 21.26
N ASP D 125 1.34 28.34 21.15
CA ASP D 125 2.14 28.79 20.02
C ASP D 125 1.83 27.97 18.77
N LYS D 126 1.51 28.65 17.67
CA LYS D 126 1.09 27.99 16.44
C LYS D 126 1.86 28.53 15.25
N ARG D 127 1.86 27.75 14.17
CA ARG D 127 2.35 28.18 12.86
C ARG D 127 1.39 27.69 11.78
N THR D 128 1.43 28.37 10.63
CA THR D 128 0.59 28.07 9.48
C THR D 128 1.40 27.82 8.21
N ALA D 129 0.89 26.93 7.37
CA ALA D 129 1.38 26.78 5.99
C ALA D 129 0.16 26.84 5.09
N LEU D 130 0.32 27.46 3.92
CA LEU D 130 -0.80 27.66 2.99
C LEU D 130 -0.66 26.85 1.71
N PHE D 131 -1.81 26.34 1.23
CA PHE D 131 -1.84 25.59 -0.03
C PHE D 131 -2.99 26.14 -0.86
N ASN D 132 -3.48 25.35 -1.81
CA ASN D 132 -4.59 25.80 -2.66
C ASN D 132 -5.94 25.22 -2.29
N SER D 133 -6.03 23.90 -2.17
CA SER D 133 -7.30 23.23 -1.93
C SER D 133 -7.38 22.61 -0.54
N GLY D 134 -8.60 22.32 -0.12
CA GLY D 134 -8.81 21.62 1.15
C GLY D 134 -8.13 20.25 1.15
N ALA D 135 -8.17 19.55 0.02
CA ALA D 135 -7.48 18.25 -0.08
C ALA D 135 -5.97 18.41 0.21
N GLU D 136 -5.37 19.46 -0.34
CA GLU D 136 -3.94 19.73 -0.13
C GLU D 136 -3.67 20.06 1.33
N ALA D 137 -4.59 20.80 1.97
CA ALA D 137 -4.48 21.08 3.42
C ALA D 137 -4.48 19.78 4.24
N VAL D 138 -5.43 18.88 3.95
CA VAL D 138 -5.47 17.60 4.66
C VAL D 138 -4.19 16.83 4.37
N GLU D 139 -3.75 16.76 3.10
CA GLU D 139 -2.50 16.05 2.76
C GLU D 139 -1.34 16.54 3.63
N ASN D 140 -1.24 17.87 3.74
CA ASN D 140 -0.14 18.45 4.49
C ASN D 140 -0.24 18.30 6.02
N ALA D 141 -1.47 18.31 6.56
CA ALA D 141 -1.67 18.00 7.98
C ALA D 141 -1.22 16.57 8.29
N ILE D 142 -1.48 15.63 7.39
CA ILE D 142 -1.06 14.22 7.59
C ILE D 142 0.47 14.12 7.49
N LYS D 143 1.05 14.84 6.53
CA LYS D 143 2.52 14.89 6.40
C LYS D 143 3.20 15.39 7.67
N VAL D 144 2.69 16.51 8.19
CA VAL D 144 3.21 17.04 9.48
C VAL D 144 3.09 16.00 10.60
N ALA D 145 1.90 15.41 10.76
CA ALA D 145 1.67 14.42 11.84
C ALA D 145 2.58 13.21 11.72
N ARG D 146 2.71 12.67 10.52
CA ARG D 146 3.59 11.50 10.28
C ARG D 146 5.06 11.81 10.56
N LEU D 147 5.55 12.94 10.05
CA LEU D 147 6.96 13.31 10.28
C LEU D 147 7.17 13.58 11.78
N ALA D 148 6.30 14.39 12.37
CA ALA D 148 6.51 14.85 13.74
C ALA D 148 6.47 13.70 14.74
N THR D 149 5.55 12.76 14.55
CA THR D 149 5.38 11.63 15.46
C THR D 149 6.27 10.46 15.12
N GLY D 150 6.70 10.37 13.86
CA GLY D 150 7.48 9.23 13.41
C GLY D 150 6.65 7.95 13.30
N ARG D 151 5.32 8.10 13.30
CA ARG D 151 4.38 6.96 13.28
C ARG D 151 3.63 6.90 11.94
N PRO D 152 3.28 5.69 11.48
CA PRO D 152 2.72 5.52 10.14
C PRO D 152 1.19 5.72 10.00
N ALA D 153 0.40 5.27 10.99
CA ALA D 153 -1.04 5.08 10.72
C ALA D 153 -1.85 6.35 10.93
N VAL D 154 -2.97 6.42 10.22
CA VAL D 154 -3.95 7.50 10.35
C VAL D 154 -5.35 6.86 10.50
N VAL D 155 -6.12 7.39 11.44
CA VAL D 155 -7.52 6.99 11.63
C VAL D 155 -8.43 8.05 11.05
N ALA D 156 -9.38 7.61 10.21
CA ALA D 156 -10.51 8.42 9.77
C ALA D 156 -11.80 7.65 10.09
N PHE D 157 -12.95 8.27 9.85
CA PHE D 157 -14.17 7.76 10.39
C PHE D 157 -15.25 7.45 9.38
N ASP D 158 -16.19 6.59 9.78
CA ASP D 158 -17.40 6.39 9.01
C ASP D 158 -18.02 7.76 8.74
N ASN D 159 -18.59 7.91 7.54
CA ASN D 159 -19.27 9.13 7.10
C ASN D 159 -18.33 10.32 6.84
N ALA D 160 -17.02 10.09 6.84
CA ALA D 160 -16.05 11.17 6.61
C ALA D 160 -15.90 11.50 5.13
N TYR D 161 -15.54 12.75 4.88
CA TYR D 161 -15.13 13.20 3.55
C TYR D 161 -13.98 14.18 3.68
N HIS D 162 -12.88 13.93 2.97
CA HIS D 162 -11.69 14.76 3.04
C HIS D 162 -11.07 15.21 1.72
N GLY D 163 -11.57 14.74 0.59
CA GLY D 163 -11.04 15.22 -0.69
C GLY D 163 -10.89 14.14 -1.71
N ARG D 164 -10.36 14.54 -2.86
CA ARG D 164 -10.34 13.68 -4.06
C ARG D 164 -8.94 13.29 -4.56
N THR D 165 -7.91 13.58 -3.76
CA THR D 165 -6.57 13.05 -4.06
C THR D 165 -6.53 11.59 -3.57
N ASN D 166 -5.48 10.87 -3.94
CA ASN D 166 -5.41 9.46 -3.57
C ASN D 166 -5.52 9.28 -2.06
N LEU D 167 -4.70 10.01 -1.31
CA LEU D 167 -4.76 9.91 0.16
C LEU D 167 -6.05 10.43 0.74
N THR D 168 -6.56 11.56 0.23
CA THR D 168 -7.79 12.07 0.80
C THR D 168 -8.99 11.22 0.39
N MET D 169 -8.91 10.56 -0.76
CA MET D 169 -9.89 9.51 -1.14
C MET D 169 -9.80 8.35 -0.11
N ALA D 170 -8.58 7.94 0.22
CA ALA D 170 -8.39 6.89 1.21
C ALA D 170 -9.10 7.24 2.52
N LEU D 171 -8.97 8.51 2.93
CA LEU D 171 -9.54 9.01 4.20
C LEU D 171 -11.07 9.17 4.14
N THR D 172 -11.59 9.33 2.94
CA THR D 172 -13.02 9.50 2.69
C THR D 172 -13.72 8.16 2.78
N ALA D 173 -14.91 8.14 3.38
CA ALA D 173 -15.61 6.86 3.62
C ALA D 173 -16.38 6.37 2.39
N LYS D 174 -17.12 7.24 1.73
CA LYS D 174 -18.07 6.78 0.72
C LYS D 174 -17.37 6.57 -0.61
N SER D 175 -17.62 5.41 -1.23
CA SER D 175 -16.94 5.03 -2.48
C SER D 175 -17.48 5.73 -3.72
N MET D 176 -18.80 5.87 -3.82
CA MET D 176 -19.40 6.48 -5.01
C MET D 176 -19.88 7.89 -4.65
N PRO D 177 -19.44 8.93 -5.41
CA PRO D 177 -18.57 8.94 -6.59
C PRO D 177 -17.10 9.32 -6.28
N TYR D 178 -16.67 9.22 -5.03
CA TYR D 178 -15.41 9.80 -4.64
C TYR D 178 -14.21 8.90 -4.92
N LYS D 179 -14.38 7.59 -4.82
CA LYS D 179 -13.24 6.67 -4.79
C LYS D 179 -13.31 5.56 -5.82
N SER D 180 -14.52 5.13 -6.20
CA SER D 180 -14.67 3.90 -6.93
C SER D 180 -13.84 3.88 -8.21
N GLN D 181 -13.00 2.85 -8.34
CA GLN D 181 -12.14 2.58 -9.50
C GLN D 181 -10.88 3.47 -9.60
N PHE D 182 -10.61 4.24 -8.55
CA PHE D 182 -9.47 5.15 -8.50
C PHE D 182 -8.29 4.69 -7.64
N GLY D 183 -8.37 3.49 -7.09
CA GLY D 183 -7.32 2.97 -6.25
C GLY D 183 -6.27 2.23 -7.03
N PRO D 184 -5.37 1.52 -6.34
CA PRO D 184 -5.31 1.32 -4.90
C PRO D 184 -4.95 2.59 -4.13
N PHE D 185 -5.30 2.61 -2.84
CA PHE D 185 -5.26 3.81 -2.03
C PHE D 185 -4.08 3.84 -1.07
N ALA D 186 -3.69 5.06 -0.70
CA ALA D 186 -2.62 5.33 0.24
C ALA D 186 -2.71 4.40 1.46
N PRO D 187 -1.60 3.75 1.83
CA PRO D 187 -1.67 2.73 2.89
C PRO D 187 -1.71 3.26 4.33
N GLU D 188 -2.06 2.34 5.24
CA GLU D 188 -2.09 2.60 6.68
C GLU D 188 -3.10 3.67 7.09
N VAL D 189 -4.22 3.67 6.38
CA VAL D 189 -5.41 4.41 6.75
C VAL D 189 -6.41 3.40 7.30
N TYR D 190 -6.93 3.68 8.50
CA TYR D 190 -7.84 2.77 9.19
C TYR D 190 -9.14 3.51 9.43
N ARG D 191 -10.27 2.91 9.14
CA ARG D 191 -11.55 3.55 9.42
C ARG D 191 -12.14 3.04 10.73
N MET D 192 -12.69 3.97 11.49
CA MET D 192 -13.35 3.69 12.77
C MET D 192 -14.76 4.26 12.80
N PRO D 193 -15.65 3.68 13.64
CA PRO D 193 -16.94 4.32 13.89
C PRO D 193 -16.77 5.63 14.69
N ALA D 194 -17.56 6.65 14.35
CA ALA D 194 -17.62 7.90 15.11
C ALA D 194 -18.99 7.97 15.78
N SER D 195 -19.63 9.13 15.74
CA SER D 195 -20.94 9.30 16.37
C SER D 195 -21.92 9.79 15.31
N TYR D 196 -23.05 9.09 15.19
CA TYR D 196 -24.14 9.43 14.29
C TYR D 196 -25.44 9.19 15.11
N PRO D 197 -25.84 10.18 15.91
CA PRO D 197 -26.93 9.99 16.88
C PRO D 197 -28.19 9.32 16.31
N LEU D 198 -28.65 9.75 15.14
CA LEU D 198 -29.88 9.24 14.55
C LEU D 198 -29.84 7.74 14.32
N ARG D 199 -28.69 7.23 13.91
CA ARG D 199 -28.58 5.85 13.45
C ARG D 199 -27.80 4.95 14.42
N ASP D 200 -27.17 5.56 15.43
CA ASP D 200 -26.51 4.78 16.47
C ASP D 200 -27.54 4.20 17.45
N GLU D 201 -27.11 3.26 18.28
CA GLU D 201 -27.98 2.80 19.38
C GLU D 201 -28.66 3.94 20.11
N PRO D 202 -30.00 3.86 20.29
CA PRO D 202 -30.71 4.85 21.08
C PRO D 202 -30.07 5.06 22.44
N GLY D 203 -29.85 6.32 22.79
CA GLY D 203 -29.34 6.68 24.10
C GLY D 203 -27.82 6.61 24.24
N LEU D 204 -27.12 6.17 23.19
CA LEU D 204 -25.66 6.08 23.25
C LEU D 204 -25.10 7.45 23.57
N THR D 205 -24.25 7.54 24.59
CA THR D 205 -23.61 8.81 24.91
C THR D 205 -22.42 9.03 23.98
N GLY D 206 -22.03 10.30 23.81
CA GLY D 206 -20.81 10.64 23.07
C GLY D 206 -19.57 10.03 23.69
N GLU D 207 -19.51 10.01 25.01
CA GLU D 207 -18.39 9.40 25.71
C GLU D 207 -18.28 7.92 25.37
N GLU D 208 -19.41 7.23 25.36
CA GLU D 208 -19.39 5.80 25.07
C GLU D 208 -19.05 5.55 23.60
N ALA D 209 -19.59 6.35 22.70
CA ALA D 209 -19.21 6.26 21.27
C ALA D 209 -17.71 6.45 21.08
N ALA D 210 -17.12 7.41 21.79
CA ALA D 210 -15.67 7.62 21.73
C ALA D 210 -14.91 6.43 22.35
N ARG D 211 -15.41 5.91 23.47
CA ARG D 211 -14.75 4.76 24.12
C ARG D 211 -14.74 3.53 23.20
N ARG D 212 -15.79 3.36 22.42
CA ARG D 212 -15.86 2.27 21.45
C ARG D 212 -14.82 2.44 20.34
N ALA D 213 -14.65 3.66 19.84
CA ALA D 213 -13.64 3.92 18.81
C ALA D 213 -12.24 3.74 19.39
N ILE D 214 -12.02 4.27 20.59
CA ILE D 214 -10.73 4.16 21.27
C ILE D 214 -10.36 2.70 21.49
N SER D 215 -11.31 1.90 21.93
CA SER D 215 -11.07 0.46 22.14
C SER D 215 -10.63 -0.22 20.85
N ARG D 216 -11.35 0.05 19.78
CA ARG D 216 -11.01 -0.51 18.48
CA ARG D 216 -11.01 -0.54 18.50
C ARG D 216 -9.63 -0.09 17.98
N ILE D 217 -9.30 1.18 18.20
CA ILE D 217 -8.00 1.74 17.84
C ILE D 217 -6.87 1.05 18.62
N GLU D 218 -7.07 0.92 19.93
CA GLU D 218 -6.05 0.27 20.77
C GLU D 218 -5.88 -1.19 20.38
N THR D 219 -7.01 -1.87 20.13
CA THR D 219 -6.97 -3.28 19.71
C THR D 219 -6.30 -3.47 18.36
N GLN D 220 -6.72 -2.67 17.38
CA GLN D 220 -6.40 -2.96 15.98
C GLN D 220 -5.18 -2.22 15.43
N ILE D 221 -4.75 -1.13 16.08
CA ILE D 221 -3.66 -0.32 15.56
C ILE D 221 -2.59 -0.21 16.62
N GLY D 222 -2.98 0.22 17.82
CA GLY D 222 -2.03 0.51 18.90
C GLY D 222 -1.55 1.94 18.79
N ALA D 223 -1.63 2.68 19.90
CA ALA D 223 -1.26 4.08 19.91
C ALA D 223 0.16 4.30 19.36
N GLN D 224 1.06 3.36 19.59
CA GLN D 224 2.47 3.56 19.21
C GLN D 224 2.68 3.59 17.70
N SER D 225 1.68 3.12 16.94
CA SER D 225 1.74 3.16 15.48
C SER D 225 0.88 4.24 14.88
N LEU D 226 0.16 4.99 15.71
CA LEU D 226 -0.84 5.94 15.21
C LEU D 226 -0.35 7.39 15.23
N ALA D 227 -0.19 7.97 14.04
CA ALA D 227 0.29 9.33 13.93
C ALA D 227 -0.83 10.30 14.21
N ALA D 228 -2.03 9.99 13.74
CA ALA D 228 -3.07 10.99 13.70
C ALA D 228 -4.46 10.43 13.67
N ILE D 229 -5.38 11.17 14.28
CA ILE D 229 -6.81 10.98 14.15
C ILE D 229 -7.30 12.22 13.42
N ILE D 230 -8.07 12.05 12.33
CA ILE D 230 -8.63 13.19 11.61
C ILE D 230 -10.13 13.05 11.60
N ILE D 231 -10.83 14.13 11.95
CA ILE D 231 -12.30 14.11 11.93
C ILE D 231 -12.84 15.52 11.67
N GLU D 232 -14.00 15.60 11.01
CA GLU D 232 -14.68 16.87 10.81
C GLU D 232 -15.55 17.11 12.03
N PRO D 233 -15.52 18.31 12.63
CA PRO D 233 -16.34 18.49 13.83
C PRO D 233 -17.85 18.32 13.58
N ILE D 234 -18.29 18.69 12.38
CA ILE D 234 -19.59 18.29 11.87
C ILE D 234 -19.28 17.67 10.49
N GLN D 235 -19.67 16.43 10.25
CA GLN D 235 -19.32 15.78 9.00
C GLN D 235 -20.21 16.36 7.91
N GLY D 236 -19.57 16.89 6.87
CA GLY D 236 -20.29 17.67 5.82
C GLY D 236 -20.96 16.79 4.77
N GLU D 237 -20.17 16.32 3.81
CA GLU D 237 -20.72 15.49 2.72
C GLU D 237 -21.40 14.21 3.24
N GLY D 238 -20.95 13.72 4.39
CA GLY D 238 -21.54 12.57 5.04
C GLY D 238 -22.96 12.79 5.56
N GLY D 239 -23.42 14.05 5.64
CA GLY D 239 -24.82 14.34 5.97
C GLY D 239 -25.08 15.37 7.07
N PHE D 240 -24.10 16.27 7.32
CA PHE D 240 -24.20 17.29 8.37
C PHE D 240 -24.47 16.58 9.69
N ILE D 241 -23.61 15.61 10.00
CA ILE D 241 -23.75 14.83 11.22
C ILE D 241 -23.01 15.53 12.34
N VAL D 242 -23.75 15.94 13.36
CA VAL D 242 -23.21 16.51 14.57
C VAL D 242 -22.99 15.41 15.58
N PRO D 243 -21.77 15.29 16.10
CA PRO D 243 -21.54 14.20 17.05
C PRO D 243 -22.30 14.43 18.35
N ALA D 244 -22.60 13.32 19.03
CA ALA D 244 -23.18 13.37 20.37
C ALA D 244 -22.23 14.17 21.29
N PRO D 245 -22.79 14.98 22.20
CA PRO D 245 -21.95 15.72 23.14
C PRO D 245 -20.96 14.81 23.87
N GLY D 246 -19.72 15.28 24.02
CA GLY D 246 -18.70 14.56 24.74
C GLY D 246 -17.82 13.68 23.87
N PHE D 247 -18.29 13.36 22.67
CA PHE D 247 -17.54 12.46 21.79
C PHE D 247 -16.16 13.02 21.43
N LEU D 248 -16.12 14.22 20.90
CA LEU D 248 -14.87 14.80 20.42
C LEU D 248 -13.89 15.07 21.56
N ALA D 249 -14.39 15.54 22.71
CA ALA D 249 -13.51 15.83 23.84
C ALA D 249 -12.89 14.54 24.39
N THR D 250 -13.65 13.45 24.35
CA THR D 250 -13.16 12.16 24.82
C THR D 250 -12.02 11.70 23.91
N LEU D 251 -12.21 11.88 22.60
CA LEU D 251 -11.15 11.52 21.66
C LEU D 251 -9.91 12.39 21.81
N THR D 252 -10.08 13.71 21.98
CA THR D 252 -8.92 14.59 22.06
C THR D 252 -8.13 14.29 23.35
N ALA D 253 -8.83 13.93 24.43
CA ALA D 253 -8.17 13.58 25.67
C ALA D 253 -7.29 12.34 25.45
N TRP D 254 -7.86 11.34 24.80
CA TRP D 254 -7.10 10.11 24.54
C TRP D 254 -5.91 10.38 23.64
N ALA D 255 -6.11 11.18 22.60
CA ALA D 255 -5.03 11.50 21.66
C ALA D 255 -3.88 12.18 22.40
N SER D 256 -4.20 13.13 23.27
CA SER D 256 -3.20 13.86 24.02
C SER D 256 -2.36 12.93 24.89
N GLU D 257 -3.04 12.04 25.59
CA GLU D 257 -2.40 11.06 26.49
C GLU D 257 -1.50 10.06 25.78
N ASN D 258 -1.73 9.87 24.48
CA ASN D 258 -1.06 8.84 23.70
C ASN D 258 -0.15 9.37 22.61
N GLY D 259 0.04 10.69 22.58
CA GLY D 259 0.99 11.31 21.64
C GLY D 259 0.51 11.29 20.19
N VAL D 260 -0.81 11.16 20.01
CA VAL D 260 -1.42 11.06 18.68
C VAL D 260 -1.88 12.46 18.29
N VAL D 261 -1.52 12.90 17.07
CA VAL D 261 -1.93 14.23 16.59
C VAL D 261 -3.42 14.20 16.26
N PHE D 262 -4.18 15.14 16.81
CA PHE D 262 -5.60 15.23 16.52
C PHE D 262 -5.81 16.37 15.53
N ILE D 263 -6.40 16.04 14.40
CA ILE D 263 -6.59 16.99 13.31
C ILE D 263 -8.09 17.22 13.16
N ALA D 264 -8.54 18.45 13.38
CA ALA D 264 -9.89 18.84 13.12
C ALA D 264 -9.94 19.35 11.66
N ASP D 265 -10.73 18.66 10.84
CA ASP D 265 -10.89 19.09 9.45
C ASP D 265 -12.04 20.06 9.44
N GLU D 266 -11.70 21.35 9.45
CA GLU D 266 -12.68 22.42 9.40
C GLU D 266 -12.79 23.06 8.02
N VAL D 267 -12.51 22.28 6.97
CA VAL D 267 -12.61 22.81 5.63
C VAL D 267 -14.01 23.35 5.35
N GLN D 268 -15.02 22.62 5.79
CA GLN D 268 -16.41 23.04 5.57
C GLN D 268 -17.00 23.84 6.74
N THR D 269 -16.69 23.42 7.97
CA THR D 269 -17.23 24.08 9.17
C THR D 269 -16.57 25.43 9.48
N GLY D 270 -15.38 25.67 8.96
CA GLY D 270 -14.59 26.81 9.34
C GLY D 270 -15.10 28.15 8.88
N PHE D 271 -14.85 29.18 9.68
CA PHE D 271 -15.08 30.60 9.31
C PHE D 271 -16.55 31.03 9.35
N ALA D 272 -17.07 31.17 10.57
CA ALA D 272 -18.38 31.74 10.85
C ALA D 272 -19.54 30.78 10.60
N ARG D 273 -19.32 29.79 9.72
CA ARG D 273 -20.37 28.91 9.21
C ARG D 273 -21.28 28.29 10.27
N THR D 274 -20.69 27.83 11.37
CA THR D 274 -21.44 27.11 12.39
C THR D 274 -21.82 27.99 13.60
N GLY D 275 -21.67 29.32 13.49
CA GLY D 275 -22.03 30.22 14.58
C GLY D 275 -20.86 30.58 15.49
N ALA D 276 -19.66 30.22 15.05
CA ALA D 276 -18.40 30.50 15.76
C ALA D 276 -17.34 30.58 14.69
N TRP D 277 -16.16 31.08 15.04
CA TRP D 277 -15.07 31.10 14.05
C TRP D 277 -14.77 29.72 13.57
N PHE D 278 -14.72 28.78 14.52
CA PHE D 278 -14.50 27.37 14.23
C PHE D 278 -15.46 26.49 15.03
N ALA D 279 -15.94 25.41 14.41
CA ALA D 279 -16.93 24.53 15.05
C ALA D 279 -16.33 23.82 16.27
N SER D 280 -15.00 23.67 16.31
CA SER D 280 -14.30 23.10 17.47
C SER D 280 -14.63 23.85 18.76
N GLU D 281 -14.92 25.15 18.65
CA GLU D 281 -15.24 25.94 19.85
C GLU D 281 -16.46 25.44 20.61
N HIS D 282 -17.44 24.92 19.87
CA HIS D 282 -18.70 24.46 20.45
C HIS D 282 -18.48 23.22 21.30
N GLU D 283 -17.43 22.48 20.96
CA GLU D 283 -17.11 21.21 21.60
C GLU D 283 -16.11 21.41 22.73
N GLY D 284 -15.65 22.64 22.92
CA GLY D 284 -14.56 22.95 23.85
C GLY D 284 -13.21 22.30 23.54
N ILE D 285 -12.99 21.83 22.31
CA ILE D 285 -11.70 21.17 22.01
C ILE D 285 -10.71 22.16 21.40
N VAL D 286 -9.43 21.83 21.57
CA VAL D 286 -8.33 22.58 21.00
C VAL D 286 -7.52 21.62 20.11
N PRO D 287 -7.83 21.59 18.81
CA PRO D 287 -7.15 20.61 17.96
C PRO D 287 -5.68 20.90 17.81
N ASP D 288 -4.86 19.87 17.74
CA ASP D 288 -3.43 20.04 17.48
C ASP D 288 -3.15 20.67 16.11
N ILE D 289 -3.90 20.24 15.10
CA ILE D 289 -3.87 20.83 13.76
C ILE D 289 -5.31 21.07 13.29
N VAL D 290 -5.52 22.22 12.64
CA VAL D 290 -6.76 22.53 11.93
C VAL D 290 -6.50 22.67 10.43
N THR D 291 -7.35 22.07 9.60
CA THR D 291 -7.31 22.26 8.17
C THR D 291 -8.48 23.14 7.75
N MET D 292 -8.22 23.98 6.75
CA MET D 292 -9.12 25.07 6.32
C MET D 292 -9.08 25.24 4.81
N ALA D 293 -10.20 25.67 4.24
CA ALA D 293 -10.26 26.10 2.86
C ALA D 293 -11.62 26.76 2.73
N GLY D 295 -14.46 28.75 2.91
CA GLY D 295 -14.81 30.14 3.25
C GLY D 295 -13.67 31.14 3.43
N ILE D 296 -12.45 30.62 3.58
CA ILE D 296 -11.27 31.41 3.94
C ILE D 296 -11.01 32.63 3.07
N ALA D 297 -11.23 32.52 1.74
CA ALA D 297 -10.78 33.55 0.80
C ALA D 297 -11.89 34.04 -0.11
N GLY D 298 -13.12 33.99 0.39
CA GLY D 298 -14.25 34.60 -0.32
C GLY D 298 -14.48 34.09 -1.73
N GLY D 299 -14.03 32.85 -1.98
CA GLY D 299 -14.23 32.15 -3.25
C GLY D 299 -12.93 31.83 -3.98
N MET D 300 -11.83 32.43 -3.54
CA MET D 300 -10.55 32.24 -4.23
C MET D 300 -9.82 31.00 -3.71
N PRO D 301 -8.98 30.38 -4.55
CA PRO D 301 -8.38 29.07 -4.15
C PRO D 301 -7.21 29.19 -3.17
N LEU D 302 -7.56 29.14 -1.89
CA LEU D 302 -6.60 29.14 -0.79
C LEU D 302 -7.02 28.10 0.24
N SER D 303 -6.02 27.45 0.82
CA SER D 303 -6.26 26.54 1.91
C SER D 303 -5.15 26.73 2.93
N ALA D 304 -5.36 26.19 4.12
CA ALA D 304 -4.41 26.43 5.21
C ALA D 304 -4.32 25.25 6.17
N VAL D 305 -3.14 25.09 6.76
CA VAL D 305 -2.91 24.15 7.84
C VAL D 305 -2.33 24.99 8.99
N THR D 306 -3.03 25.02 10.12
CA THR D 306 -2.60 25.78 11.31
C THR D 306 -2.48 24.79 12.45
N GLY D 307 -1.30 24.71 13.04
CA GLY D 307 -1.04 23.72 14.07
C GLY D 307 -0.05 24.16 15.12
N ARG D 308 0.07 23.35 16.17
CA ARG D 308 1.02 23.61 17.23
C ARG D 308 2.39 23.84 16.60
N ALA D 309 3.10 24.85 17.08
CA ALA D 309 4.38 25.24 16.49
C ALA D 309 5.38 24.07 16.47
N GLU D 310 5.42 23.30 17.55
CA GLU D 310 6.35 22.18 17.69
CA GLU D 310 6.40 22.20 17.64
C GLU D 310 6.13 21.10 16.62
N LEU D 311 4.87 20.95 16.19
CA LEU D 311 4.49 20.01 15.13
C LEU D 311 4.82 20.60 13.76
N MET D 312 4.33 21.82 13.49
CA MET D 312 4.53 22.50 12.20
C MET D 312 6.01 22.78 11.88
N ASP D 313 6.81 23.07 12.91
CA ASP D 313 8.24 23.37 12.70
C ASP D 313 9.14 22.13 12.77
N ALA D 314 8.57 20.96 13.05
CA ALA D 314 9.33 19.70 13.02
C ALA D 314 9.79 19.32 11.62
N VAL D 315 9.05 19.79 10.61
CA VAL D 315 9.33 19.48 9.21
C VAL D 315 10.55 20.28 8.73
N TYR D 316 11.48 19.58 8.10
CA TYR D 316 12.67 20.20 7.53
C TYR D 316 12.27 21.24 6.46
N ALA D 317 13.11 22.25 6.29
CA ALA D 317 12.86 23.28 5.29
C ALA D 317 12.71 22.67 3.90
N GLY D 318 11.64 23.07 3.23
CA GLY D 318 11.34 22.62 1.86
C GLY D 318 10.42 21.41 1.84
N GLY D 319 10.11 20.86 3.02
CA GLY D 319 9.30 19.65 3.11
C GLY D 319 7.82 19.92 2.89
N LEU D 320 7.38 21.14 3.17
CA LEU D 320 6.01 21.55 2.84
C LEU D 320 6.15 22.54 1.68
N GLY D 321 5.42 22.30 0.61
CA GLY D 321 5.67 23.07 -0.59
C GLY D 321 4.56 23.02 -1.60
N GLY D 322 4.91 23.43 -2.81
CA GLY D 322 3.94 23.62 -3.84
C GLY D 322 4.25 24.95 -4.49
N THR D 323 3.87 25.08 -5.73
CA THR D 323 4.24 26.25 -6.50
C THR D 323 3.30 27.38 -6.21
N TYR D 324 2.00 27.10 -6.30
CA TYR D 324 1.02 28.17 -6.20
C TYR D 324 0.65 28.57 -4.77
N GLY D 325 0.87 27.70 -3.80
CA GLY D 325 0.25 27.80 -2.49
C GLY D 325 0.41 29.14 -1.79
N GLY D 326 -0.66 29.60 -1.15
CA GLY D 326 -0.70 30.93 -0.54
C GLY D 326 -0.48 32.02 -1.57
N ASN D 327 -1.15 31.84 -2.72
CA ASN D 327 -1.10 32.79 -3.80
C ASN D 327 -1.44 34.18 -3.28
N PRO D 328 -0.67 35.20 -3.70
CA PRO D 328 -0.83 36.54 -3.11
C PRO D 328 -2.17 37.19 -3.39
N VAL D 329 -2.73 36.96 -4.57
CA VAL D 329 -4.08 37.45 -4.88
C VAL D 329 -5.13 36.75 -4.00
N THR D 330 -5.00 35.44 -3.82
CA THR D 330 -5.91 34.70 -2.92
C THR D 330 -5.71 35.11 -1.46
N CYS D 331 -4.47 35.47 -1.09
CA CYS D 331 -4.20 35.96 0.26
C CYS D 331 -4.88 37.31 0.48
N ALA D 332 -4.78 38.20 -0.50
CA ALA D 332 -5.44 39.50 -0.42
C ALA D 332 -6.96 39.33 -0.25
N ALA D 333 -7.54 38.39 -1.00
CA ALA D 333 -8.96 38.06 -0.86
C ALA D 333 -9.31 37.58 0.56
N ALA D 334 -8.43 36.76 1.13
CA ALA D 334 -8.65 36.20 2.48
C ALA D 334 -8.58 37.27 3.56
N VAL D 335 -7.58 38.14 3.52
CA VAL D 335 -7.49 39.24 4.50
C VAL D 335 -8.79 40.07 4.43
N ALA D 336 -9.24 40.37 3.22
CA ALA D 336 -10.50 41.10 3.05
C ALA D 336 -11.74 40.33 3.53
N ALA D 337 -11.81 39.04 3.23
CA ALA D 337 -12.98 38.21 3.59
C ALA D 337 -13.07 38.03 5.09
N LEU D 338 -11.94 37.74 5.72
CA LEU D 338 -11.91 37.58 7.18
C LEU D 338 -12.28 38.90 7.86
N GLY D 339 -11.90 40.01 7.22
CA GLY D 339 -12.27 41.34 7.69
C GLY D 339 -13.76 41.56 7.65
N VAL D 340 -14.38 41.14 6.57
CA VAL D 340 -15.84 41.25 6.43
C VAL D 340 -16.55 40.40 7.49
N MET D 341 -16.07 39.18 7.71
CA MET D 341 -16.67 38.30 8.70
C MET D 341 -16.65 38.95 10.09
N ARG D 342 -15.55 39.65 10.40
CA ARG D 342 -15.37 40.33 11.67
CA ARG D 342 -15.42 40.31 11.69
C ARG D 342 -16.29 41.56 11.74
N GLU D 343 -16.19 42.40 10.71
CA GLU D 343 -16.93 43.68 10.65
C GLU D 343 -18.43 43.49 10.73
N LEU D 344 -18.95 42.50 10.02
CA LEU D 344 -20.41 42.22 10.04
C LEU D 344 -20.83 41.22 11.13
N ASP D 345 -19.90 40.78 11.96
CA ASP D 345 -20.11 39.71 12.95
C ASP D 345 -20.89 38.55 12.31
N LEU D 346 -20.33 38.00 11.24
CA LEU D 346 -21.00 36.87 10.58
C LEU D 346 -21.17 35.62 11.49
N PRO D 347 -20.30 35.40 12.47
CA PRO D 347 -20.65 34.30 13.39
C PRO D 347 -22.00 34.50 14.11
N ALA D 348 -22.26 35.73 14.57
CA ALA D 348 -23.55 36.08 15.21
C ALA D 348 -24.71 35.89 14.22
N ARG D 349 -24.50 36.27 12.96
CA ARG D 349 -25.50 36.11 11.93
C ARG D 349 -25.82 34.62 11.74
N ALA D 350 -24.80 33.78 11.74
CA ALA D 350 -25.01 32.34 11.64
C ALA D 350 -25.84 31.79 12.83
N ARG D 351 -25.59 32.29 14.03
CA ARG D 351 -26.39 31.88 15.21
C ARG D 351 -27.85 32.28 15.08
N ALA D 352 -28.10 33.46 14.50
CA ALA D 352 -29.47 33.94 14.27
C ALA D 352 -30.19 33.05 13.26
N ILE D 353 -29.48 32.70 12.19
CA ILE D 353 -29.98 31.78 11.17
C ILE D 353 -30.32 30.43 11.78
N GLU D 354 -29.45 29.90 12.62
CA GLU D 354 -29.74 28.65 13.31
C GLU D 354 -31.07 28.72 14.06
N ALA D 355 -31.25 29.78 14.82
CA ALA D 355 -32.42 29.89 15.70
C ALA D 355 -33.70 29.88 14.87
N SER D 356 -33.75 30.77 13.89
CA SER D 356 -34.95 30.95 13.08
C SER D 356 -35.21 29.79 12.13
N VAL D 357 -34.19 29.30 11.45
CA VAL D 357 -34.38 28.20 10.50
C VAL D 357 -34.68 26.87 11.20
N THR D 358 -33.96 26.54 12.28
CA THR D 358 -34.18 25.28 13.00
C THR D 358 -35.61 25.22 13.54
N SER D 359 -36.13 26.34 14.04
CA SER D 359 -37.49 26.32 14.58
C SER D 359 -38.54 26.07 13.48
N ARG D 360 -38.34 26.68 12.32
CA ARG D 360 -39.22 26.46 11.18
C ARG D 360 -39.16 25.01 10.70
N LEU D 361 -37.95 24.48 10.59
CA LEU D 361 -37.77 23.12 10.07
C LEU D 361 -38.29 22.07 11.07
N SER D 362 -38.10 22.32 12.36
CA SER D 362 -38.66 21.41 13.37
C SER D 362 -40.21 21.38 13.36
N ALA D 363 -40.84 22.54 13.17
CA ALA D 363 -42.29 22.61 13.04
C ALA D 363 -42.76 21.86 11.79
N LEU D 364 -42.03 22.04 10.69
CA LEU D 364 -42.31 21.29 9.46
C LEU D 364 -42.21 19.79 9.69
N ALA D 365 -41.16 19.36 10.39
CA ALA D 365 -40.98 17.93 10.70
C ALA D 365 -42.17 17.34 11.48
N GLU D 366 -42.77 18.14 12.36
CA GLU D 366 -43.98 17.71 13.11
C GLU D 366 -45.21 17.55 12.22
N GLU D 367 -45.23 18.29 11.13
CA GLU D 367 -46.37 18.39 10.24
C GLU D 367 -46.32 17.34 9.10
N VAL D 368 -45.12 16.91 8.72
CA VAL D 368 -44.97 15.86 7.71
C VAL D 368 -44.43 14.60 8.38
N ASP D 369 -44.27 13.54 7.60
CA ASP D 369 -43.79 12.25 8.12
C ASP D 369 -42.54 11.76 7.39
N ILE D 370 -41.93 12.61 6.56
CA ILE D 370 -40.74 12.22 5.77
C ILE D 370 -39.43 12.83 6.29
N ILE D 371 -39.48 13.61 7.37
CA ILE D 371 -38.25 14.18 7.96
C ILE D 371 -37.87 13.37 9.19
N GLY D 372 -36.78 12.64 9.08
CA GLY D 372 -36.29 11.83 10.18
C GLY D 372 -35.55 12.62 11.25
N GLU D 373 -34.96 13.75 10.85
CA GLU D 373 -34.24 14.60 11.81
C GLU D 373 -33.90 15.95 11.19
N VAL D 374 -33.92 16.96 12.05
CA VAL D 374 -33.43 18.29 11.78
C VAL D 374 -32.18 18.44 12.61
N ARG D 375 -31.07 18.82 11.98
CA ARG D 375 -29.80 18.91 12.70
C ARG D 375 -28.83 19.92 12.10
N GLY D 376 -27.73 20.17 12.82
CA GLY D 376 -26.69 21.08 12.34
C GLY D 376 -26.55 22.28 13.27
N ARG D 377 -25.65 23.18 12.94
CA ARG D 377 -25.37 24.34 13.77
C ARG D 377 -25.13 25.55 12.91
N GLY D 378 -25.53 26.71 13.41
CA GLY D 378 -25.31 27.95 12.67
C GLY D 378 -26.04 27.95 11.34
N ALA D 379 -25.29 28.21 10.25
CA ALA D 379 -25.81 28.17 8.91
C ALA D 379 -25.30 26.92 8.18
N MET D 380 -25.12 25.85 8.95
CA MET D 380 -24.80 24.55 8.41
C MET D 380 -25.87 23.60 8.93
N LEU D 381 -27.01 23.61 8.26
CA LEU D 381 -28.23 22.94 8.76
C LEU D 381 -28.74 21.91 7.75
N ALA D 382 -29.44 20.89 8.22
CA ALA D 382 -29.88 19.77 7.39
C ALA D 382 -31.16 19.12 7.88
N ILE D 383 -31.88 18.54 6.93
CA ILE D 383 -32.97 17.61 7.21
C ILE D 383 -32.70 16.28 6.51
N GLU D 384 -32.79 15.20 7.28
CA GLU D 384 -32.62 13.89 6.73
C GLU D 384 -33.99 13.33 6.39
N ILE D 385 -34.11 12.87 5.15
CA ILE D 385 -35.37 12.47 4.56
C ILE D 385 -35.49 10.95 4.61
N VAL D 386 -36.62 10.45 5.09
CA VAL D 386 -36.79 9.02 5.32
C VAL D 386 -38.18 8.56 4.84
N LYS D 387 -38.35 7.24 4.71
CA LYS D 387 -39.65 6.63 4.44
C LYS D 387 -40.49 6.76 5.71
N PRO D 388 -41.78 7.11 5.57
CA PRO D 388 -42.63 7.37 6.75
C PRO D 388 -42.68 6.24 7.79
N GLY D 389 -42.55 6.60 9.06
CA GLY D 389 -42.57 5.63 10.17
C GLY D 389 -41.29 4.83 10.38
N THR D 390 -40.24 5.21 9.65
CA THR D 390 -38.99 4.46 9.65
C THR D 390 -37.81 5.43 9.62
N LEU D 391 -36.60 4.89 9.65
CA LEU D 391 -35.38 5.64 9.35
C LEU D 391 -34.77 5.15 8.02
N GLU D 392 -35.57 4.45 7.22
CA GLU D 392 -35.10 3.99 5.91
C GLU D 392 -34.85 5.21 5.04
N PRO D 393 -33.64 5.34 4.48
CA PRO D 393 -33.35 6.54 3.69
C PRO D 393 -34.25 6.63 2.47
N ASP D 394 -34.59 7.85 2.06
CA ASP D 394 -35.22 8.08 0.77
C ASP D 394 -34.46 9.09 -0.11
N ALA D 395 -33.43 8.58 -0.79
CA ALA D 395 -32.56 9.36 -1.67
C ALA D 395 -33.31 9.89 -2.87
N ALA D 396 -34.19 9.06 -3.45
CA ALA D 396 -34.96 9.46 -4.62
C ALA D 396 -35.84 10.66 -4.32
N LEU D 397 -36.51 10.65 -3.17
CA LEU D 397 -37.37 11.77 -2.78
C LEU D 397 -36.54 13.01 -2.49
N THR D 398 -35.41 12.82 -1.82
CA THR D 398 -34.47 13.91 -1.56
C THR D 398 -34.09 14.60 -2.89
N LYS D 399 -33.71 13.81 -3.90
CA LYS D 399 -33.32 14.37 -5.18
C LYS D 399 -34.48 15.11 -5.84
N SER D 400 -35.68 14.57 -5.69
CA SER D 400 -36.84 15.18 -6.32
C SER D 400 -37.20 16.52 -5.65
N ILE D 401 -37.08 16.60 -4.34
CA ILE D 401 -37.29 17.85 -3.63
C ILE D 401 -36.31 18.92 -4.10
N ALA D 402 -35.02 18.58 -4.15
CA ALA D 402 -34.00 19.56 -4.59
C ALA D 402 -34.24 20.02 -6.02
N ALA D 403 -34.63 19.08 -6.89
CA ALA D 403 -34.87 19.40 -8.32
C ALA D 403 -36.08 20.33 -8.48
N GLU D 404 -37.13 20.04 -7.73
CA GLU D 404 -38.32 20.87 -7.76
C GLU D 404 -38.02 22.26 -7.19
N ALA D 405 -37.19 22.33 -6.14
CA ALA D 405 -36.80 23.65 -5.62
C ALA D 405 -36.08 24.46 -6.69
N LEU D 406 -35.16 23.83 -7.42
CA LEU D 406 -34.46 24.52 -8.50
C LEU D 406 -35.43 25.08 -9.53
N SER D 407 -36.46 24.31 -9.90
CA SER D 407 -37.45 24.77 -10.88
CA SER D 407 -37.44 24.78 -10.88
C SER D 407 -38.22 25.99 -10.38
N GLN D 408 -38.33 26.13 -9.06
CA GLN D 408 -38.99 27.25 -8.42
C GLN D 408 -38.03 28.41 -8.15
N GLY D 409 -36.78 28.30 -8.56
CA GLY D 409 -35.81 29.40 -8.36
C GLY D 409 -35.02 29.35 -7.05
N VAL D 410 -34.84 28.17 -6.47
CA VAL D 410 -34.12 28.04 -5.20
C VAL D 410 -33.10 26.95 -5.36
N LEU D 411 -31.83 27.31 -5.19
CA LEU D 411 -30.74 26.35 -5.35
C LEU D 411 -30.42 25.77 -3.98
N ILE D 412 -30.71 24.49 -3.80
CA ILE D 412 -30.51 23.78 -2.54
CA ILE D 412 -30.41 23.84 -2.54
C ILE D 412 -29.72 22.51 -2.83
N LEU D 413 -28.65 22.28 -2.08
CA LEU D 413 -27.83 21.10 -2.28
C LEU D 413 -28.30 19.92 -1.43
N THR D 414 -27.86 18.73 -1.81
CA THR D 414 -28.06 17.54 -1.00
C THR D 414 -26.69 16.96 -0.65
N CYS D 415 -26.75 15.91 0.18
CA CYS D 415 -25.58 15.19 0.61
C CYS D 415 -26.02 13.93 1.36
N GLY D 416 -25.06 13.28 2.01
CA GLY D 416 -25.32 12.16 2.90
C GLY D 416 -24.73 10.84 2.45
N THR D 417 -24.26 10.07 3.41
CA THR D 417 -23.84 8.70 3.17
C THR D 417 -24.86 7.92 2.36
N PHE D 418 -26.14 8.14 2.63
CA PHE D 418 -27.22 7.46 1.94
C PHE D 418 -27.99 8.32 0.94
N GLY D 419 -27.44 9.50 0.62
CA GLY D 419 -27.98 10.36 -0.42
C GLY D 419 -29.32 10.98 -0.07
N ASN D 420 -29.68 11.03 1.22
CA ASN D 420 -31.02 11.44 1.65
C ASN D 420 -30.99 12.62 2.62
N VAL D 421 -30.03 13.53 2.47
CA VAL D 421 -29.97 14.73 3.31
C VAL D 421 -30.09 15.97 2.45
N ILE D 422 -31.06 16.82 2.77
CA ILE D 422 -31.16 18.16 2.21
C ILE D 422 -30.38 19.11 3.10
N ARG D 423 -29.40 19.83 2.53
CA ARG D 423 -28.59 20.72 3.35
C ARG D 423 -28.83 22.18 3.01
N LEU D 424 -28.58 23.01 4.01
CA LEU D 424 -28.68 24.45 3.86
C LEU D 424 -27.33 25.10 4.21
N LEU D 425 -26.78 25.82 3.24
CA LEU D 425 -25.48 26.46 3.30
C LEU D 425 -25.57 27.85 2.67
N PRO D 426 -26.45 28.69 3.20
CA PRO D 426 -26.54 30.01 2.57
C PRO D 426 -25.29 30.87 2.77
N PRO D 427 -25.07 31.85 1.87
CA PRO D 427 -24.12 32.90 2.22
C PRO D 427 -24.67 33.67 3.42
N LEU D 428 -23.79 34.09 4.33
CA LEU D 428 -24.24 34.71 5.57
C LEU D 428 -24.70 36.16 5.35
N VAL D 429 -24.47 36.70 4.16
CA VAL D 429 -24.94 38.04 3.78
C VAL D 429 -26.34 38.02 3.14
N ILE D 430 -26.96 36.84 3.06
CA ILE D 430 -28.35 36.76 2.55
C ILE D 430 -29.25 37.54 3.49
N GLY D 431 -30.20 38.27 2.92
CA GLY D 431 -31.19 39.00 3.73
C GLY D 431 -32.20 38.07 4.40
N ASP D 432 -32.79 38.55 5.49
CA ASP D 432 -33.77 37.78 6.22
C ASP D 432 -34.96 37.42 5.30
N ASP D 433 -35.49 38.38 4.57
CA ASP D 433 -36.69 38.13 3.76
C ASP D 433 -36.44 37.09 2.65
N LEU D 434 -35.27 37.16 2.02
CA LEU D 434 -34.95 36.23 0.92
C LEU D 434 -34.68 34.83 1.49
N LEU D 435 -33.99 34.74 2.61
CA LEU D 435 -33.77 33.44 3.24
C LEU D 435 -35.12 32.81 3.61
N ASP D 436 -36.00 33.61 4.21
CA ASP D 436 -37.35 33.15 4.56
CA ASP D 436 -37.31 33.10 4.56
C ASP D 436 -38.10 32.65 3.34
N GLU D 437 -37.98 33.38 2.24
CA GLU D 437 -38.65 33.02 0.99
C GLU D 437 -38.16 31.68 0.49
N GLY D 438 -36.84 31.48 0.58
CA GLY D 438 -36.25 30.21 0.20
C GLY D 438 -36.74 29.05 1.06
N ILE D 439 -36.80 29.26 2.36
CA ILE D 439 -37.19 28.21 3.29
C ILE D 439 -38.67 27.88 3.11
N THR D 440 -39.48 28.90 2.86
CA THR D 440 -40.91 28.70 2.57
C THR D 440 -41.12 27.91 1.30
N ALA D 441 -40.39 28.21 0.24
CA ALA D 441 -40.51 27.44 -1.01
C ALA D 441 -40.13 25.98 -0.80
N LEU D 442 -39.05 25.74 -0.06
CA LEU D 442 -38.65 24.37 0.27
C LEU D 442 -39.75 23.63 1.08
N SER D 443 -40.26 24.31 2.10
CA SER D 443 -41.29 23.78 2.99
C SER D 443 -42.54 23.37 2.22
N ASP D 444 -42.96 24.22 1.28
CA ASP D 444 -44.13 23.97 0.44
C ASP D 444 -43.91 22.72 -0.40
N ILE D 445 -42.70 22.58 -0.96
CA ILE D 445 -42.37 21.40 -1.75
C ILE D 445 -42.40 20.15 -0.87
N ILE D 446 -41.80 20.22 0.32
CA ILE D 446 -41.78 19.08 1.24
C ILE D 446 -43.21 18.67 1.68
N ARG D 447 -44.03 19.67 1.96
CA ARG D 447 -45.44 19.42 2.25
C ARG D 447 -46.16 18.71 1.10
N ALA D 448 -45.92 19.16 -0.12
CA ALA D 448 -46.52 18.56 -1.32
C ALA D 448 -46.12 17.10 -1.46
N LYS D 449 -44.87 16.79 -1.15
CA LYS D 449 -44.36 15.41 -1.19
C LYS D 449 -44.85 14.50 -0.06
N ALA D 450 -45.26 15.08 1.07
CA ALA D 450 -45.70 14.28 2.20
C ALA D 450 -47.23 14.11 2.14
#